data_1L8F
# 
_entry.id   1L8F 
# 
_audit_conform.dict_name       mmcif_pdbx.dic 
_audit_conform.dict_version    5.397 
_audit_conform.dict_location   http://mmcif.pdb.org/dictionaries/ascii/mmcif_pdbx.dic 
# 
loop_
_database_2.database_id 
_database_2.database_code 
_database_2.pdbx_database_accession 
_database_2.pdbx_DOI 
PDB   1L8F         pdb_00001l8f 10.2210/pdb1l8f/pdb 
RCSB  RCSB015735   ?            ?                   
WWPDB D_1000015735 ?            ?                   
# 
loop_
_pdbx_audit_revision_history.ordinal 
_pdbx_audit_revision_history.data_content_type 
_pdbx_audit_revision_history.major_revision 
_pdbx_audit_revision_history.minor_revision 
_pdbx_audit_revision_history.revision_date 
1 'Structure model' 1 0 2003-04-01 
2 'Structure model' 1 1 2008-04-28 
3 'Structure model' 1 2 2011-07-13 
4 'Structure model' 1 3 2018-04-04 
5 'Structure model' 1 4 2024-10-16 
# 
_pdbx_audit_revision_details.ordinal             1 
_pdbx_audit_revision_details.revision_ordinal    1 
_pdbx_audit_revision_details.data_content_type   'Structure model' 
_pdbx_audit_revision_details.provider            repository 
_pdbx_audit_revision_details.type                'Initial release' 
_pdbx_audit_revision_details.description         ? 
_pdbx_audit_revision_details.details             ? 
# 
loop_
_pdbx_audit_revision_group.ordinal 
_pdbx_audit_revision_group.revision_ordinal 
_pdbx_audit_revision_group.data_content_type 
_pdbx_audit_revision_group.group 
1 2 'Structure model' 'Version format compliance' 
2 3 'Structure model' 'Version format compliance' 
3 4 'Structure model' 'Data collection'           
4 5 'Structure model' 'Data collection'           
5 5 'Structure model' 'Database references'       
6 5 'Structure model' 'Structure summary'         
# 
loop_
_pdbx_audit_revision_category.ordinal 
_pdbx_audit_revision_category.revision_ordinal 
_pdbx_audit_revision_category.data_content_type 
_pdbx_audit_revision_category.category 
1 4 'Structure model' diffrn_source             
2 5 'Structure model' chem_comp_atom            
3 5 'Structure model' chem_comp_bond            
4 5 'Structure model' database_2                
5 5 'Structure model' pdbx_entry_details        
6 5 'Structure model' pdbx_modification_feature 
# 
loop_
_pdbx_audit_revision_item.ordinal 
_pdbx_audit_revision_item.revision_ordinal 
_pdbx_audit_revision_item.data_content_type 
_pdbx_audit_revision_item.item 
1 4 'Structure model' '_diffrn_source.type'                 
2 5 'Structure model' '_database_2.pdbx_DOI'                
3 5 'Structure model' '_database_2.pdbx_database_accession' 
# 
_pdbx_database_status.status_code                     REL 
_pdbx_database_status.entry_id                        1L8F 
_pdbx_database_status.recvd_initial_deposition_date   2002-03-20 
_pdbx_database_status.deposit_site                    RCSB 
_pdbx_database_status.process_site                    RCSB 
_pdbx_database_status.status_code_sf                  REL 
_pdbx_database_status.SG_entry                        . 
_pdbx_database_status.pdb_format_compatible           Y 
_pdbx_database_status.status_code_mr                  ? 
_pdbx_database_status.status_code_cs                  ? 
_pdbx_database_status.methods_development_category    ? 
_pdbx_database_status.status_code_nmr_data            ? 
# 
loop_
_audit_author.name 
_audit_author.pdbx_ordinal 
'Valjakka, J.' 1 
'Rouvinen, J.' 2 
# 
_citation.id                        primary 
_citation.title                     'Structure of 20K endoglucanase from Melanocarpus albomyces at 1.8 A resolution.' 
_citation.journal_abbrev            'Acta Crystallogr.,Sect.D' 
_citation.journal_volume            59 
_citation.page_first                765 
_citation.page_last                 768 
_citation.year                      2003 
_citation.journal_id_ASTM           ABCRE6 
_citation.country                   DK 
_citation.journal_id_ISSN           0907-4449 
_citation.journal_id_CSD            0766 
_citation.book_publisher            ? 
_citation.pdbx_database_id_PubMed   12657806 
_citation.pdbx_database_id_DOI      10.1107/S0907444903002051 
# 
loop_
_citation_author.citation_id 
_citation_author.name 
_citation_author.ordinal 
_citation_author.identifier_ORCID 
primary 'Valjakka, J.' 1 ? 
primary 'Rouvinen, J.' 2 ? 
# 
loop_
_entity.id 
_entity.type 
_entity.src_method 
_entity.pdbx_description 
_entity.formula_weight 
_entity.pdbx_number_of_molecules 
_entity.pdbx_ec 
_entity.pdbx_mutation 
_entity.pdbx_fragment 
_entity.details 
1 polymer nat Endoglucanase 22230.385 1   3.2.1.4 ? ? ? 
2 water   nat water         18.015    208 ?       ? ? ? 
# 
_entity_name_com.entity_id   1 
_entity_name_com.name        cellulase 
# 
_entity_poly.entity_id                      1 
_entity_poly.type                           'polypeptide(L)' 
_entity_poly.nstd_linkage                   no 
_entity_poly.nstd_monomer                   no 
_entity_poly.pdbx_seq_one_letter_code       
;ANGQSTRYWDCCKPSCGWRGKGPVNQPVYSCDANFQRIHDFDAVSGCEGGPAFSCADHSPWAINDNLSYGFAATALSGQT
EESWCCACYALTFTSGPVAGKTMVVQSTSTGGDLGSNHFDLNIPGGGVGLFDGCTPQFGGLPGARYGGISSRQECDSFPE
PLKPGCQWRFDWFQNADNPSFTFERVQCPEELVARTGCRRHDDGGFA
;
_entity_poly.pdbx_seq_one_letter_code_can   
;ANGQSTRYWDCCKPSCGWRGKGPVNQPVYSCDANFQRIHDFDAVSGCEGGPAFSCADHSPWAINDNLSYGFAATALSGQT
EESWCCACYALTFTSGPVAGKTMVVQSTSTGGDLGSNHFDLNIPGGGVGLFDGCTPQFGGLPGARYGGISSRQECDSFPE
PLKPGCQWRFDWFQNADNPSFTFERVQCPEELVARTGCRRHDDGGFA
;
_entity_poly.pdbx_strand_id                 A 
_entity_poly.pdbx_target_identifier         ? 
# 
_pdbx_entity_nonpoly.entity_id   2 
_pdbx_entity_nonpoly.name        water 
_pdbx_entity_nonpoly.comp_id     HOH 
# 
loop_
_entity_poly_seq.entity_id 
_entity_poly_seq.num 
_entity_poly_seq.mon_id 
_entity_poly_seq.hetero 
1 1   ALA n 
1 2   ASN n 
1 3   GLY n 
1 4   GLN n 
1 5   SER n 
1 6   THR n 
1 7   ARG n 
1 8   TYR n 
1 9   TRP n 
1 10  ASP n 
1 11  CYS n 
1 12  CYS n 
1 13  LYS n 
1 14  PRO n 
1 15  SER n 
1 16  CYS n 
1 17  GLY n 
1 18  TRP n 
1 19  ARG n 
1 20  GLY n 
1 21  LYS n 
1 22  GLY n 
1 23  PRO n 
1 24  VAL n 
1 25  ASN n 
1 26  GLN n 
1 27  PRO n 
1 28  VAL n 
1 29  TYR n 
1 30  SER n 
1 31  CYS n 
1 32  ASP n 
1 33  ALA n 
1 34  ASN n 
1 35  PHE n 
1 36  GLN n 
1 37  ARG n 
1 38  ILE n 
1 39  HIS n 
1 40  ASP n 
1 41  PHE n 
1 42  ASP n 
1 43  ALA n 
1 44  VAL n 
1 45  SER n 
1 46  GLY n 
1 47  CYS n 
1 48  GLU n 
1 49  GLY n 
1 50  GLY n 
1 51  PRO n 
1 52  ALA n 
1 53  PHE n 
1 54  SER n 
1 55  CYS n 
1 56  ALA n 
1 57  ASP n 
1 58  HIS n 
1 59  SER n 
1 60  PRO n 
1 61  TRP n 
1 62  ALA n 
1 63  ILE n 
1 64  ASN n 
1 65  ASP n 
1 66  ASN n 
1 67  LEU n 
1 68  SER n 
1 69  TYR n 
1 70  GLY n 
1 71  PHE n 
1 72  ALA n 
1 73  ALA n 
1 74  THR n 
1 75  ALA n 
1 76  LEU n 
1 77  SER n 
1 78  GLY n 
1 79  GLN n 
1 80  THR n 
1 81  GLU n 
1 82  GLU n 
1 83  SER n 
1 84  TRP n 
1 85  CYS n 
1 86  CYS n 
1 87  ALA n 
1 88  CYS n 
1 89  TYR n 
1 90  ALA n 
1 91  LEU n 
1 92  THR n 
1 93  PHE n 
1 94  THR n 
1 95  SER n 
1 96  GLY n 
1 97  PRO n 
1 98  VAL n 
1 99  ALA n 
1 100 GLY n 
1 101 LYS n 
1 102 THR n 
1 103 MET n 
1 104 VAL n 
1 105 VAL n 
1 106 GLN n 
1 107 SER n 
1 108 THR n 
1 109 SER n 
1 110 THR n 
1 111 GLY n 
1 112 GLY n 
1 113 ASP n 
1 114 LEU n 
1 115 GLY n 
1 116 SER n 
1 117 ASN n 
1 118 HIS n 
1 119 PHE n 
1 120 ASP n 
1 121 LEU n 
1 122 ASN n 
1 123 ILE n 
1 124 PRO n 
1 125 GLY n 
1 126 GLY n 
1 127 GLY n 
1 128 VAL n 
1 129 GLY n 
1 130 LEU n 
1 131 PHE n 
1 132 ASP n 
1 133 GLY n 
1 134 CYS n 
1 135 THR n 
1 136 PRO n 
1 137 GLN n 
1 138 PHE n 
1 139 GLY n 
1 140 GLY n 
1 141 LEU n 
1 142 PRO n 
1 143 GLY n 
1 144 ALA n 
1 145 ARG n 
1 146 TYR n 
1 147 GLY n 
1 148 GLY n 
1 149 ILE n 
1 150 SER n 
1 151 SER n 
1 152 ARG n 
1 153 GLN n 
1 154 GLU n 
1 155 CYS n 
1 156 ASP n 
1 157 SER n 
1 158 PHE n 
1 159 PRO n 
1 160 GLU n 
1 161 PRO n 
1 162 LEU n 
1 163 LYS n 
1 164 PRO n 
1 165 GLY n 
1 166 CYS n 
1 167 GLN n 
1 168 TRP n 
1 169 ARG n 
1 170 PHE n 
1 171 ASP n 
1 172 TRP n 
1 173 PHE n 
1 174 GLN n 
1 175 ASN n 
1 176 ALA n 
1 177 ASP n 
1 178 ASN n 
1 179 PRO n 
1 180 SER n 
1 181 PHE n 
1 182 THR n 
1 183 PHE n 
1 184 GLU n 
1 185 ARG n 
1 186 VAL n 
1 187 GLN n 
1 188 CYS n 
1 189 PRO n 
1 190 GLU n 
1 191 GLU n 
1 192 LEU n 
1 193 VAL n 
1 194 ALA n 
1 195 ARG n 
1 196 THR n 
1 197 GLY n 
1 198 CYS n 
1 199 ARG n 
1 200 ARG n 
1 201 HIS n 
1 202 ASP n 
1 203 ASP n 
1 204 GLY n 
1 205 GLY n 
1 206 PHE n 
1 207 ALA n 
# 
_entity_src_nat.entity_id                  1 
_entity_src_nat.pdbx_src_id                1 
_entity_src_nat.pdbx_alt_source_flag       sample 
_entity_src_nat.pdbx_beg_seq_num           ? 
_entity_src_nat.pdbx_end_seq_num           ? 
_entity_src_nat.common_name                ? 
_entity_src_nat.pdbx_organism_scientific   'Melanocarpus albomyces' 
_entity_src_nat.pdbx_ncbi_taxonomy_id      204285 
_entity_src_nat.genus                      Melanocarpus 
_entity_src_nat.species                    ? 
_entity_src_nat.strain                     ? 
_entity_src_nat.tissue                     ? 
_entity_src_nat.tissue_fraction            ? 
_entity_src_nat.pdbx_secretion             ? 
_entity_src_nat.pdbx_fragment              ? 
_entity_src_nat.pdbx_variant               ? 
_entity_src_nat.pdbx_cell_line             ? 
_entity_src_nat.pdbx_atcc                  ? 
_entity_src_nat.pdbx_cellular_location     ? 
_entity_src_nat.pdbx_organ                 ? 
_entity_src_nat.pdbx_organelle             ? 
_entity_src_nat.pdbx_cell                  ? 
_entity_src_nat.pdbx_plasmid_name          ? 
_entity_src_nat.pdbx_plasmid_details       ? 
_entity_src_nat.details                    ? 
# 
loop_
_chem_comp.id 
_chem_comp.type 
_chem_comp.mon_nstd_flag 
_chem_comp.name 
_chem_comp.pdbx_synonyms 
_chem_comp.formula 
_chem_comp.formula_weight 
ALA 'L-peptide linking' y ALANINE         ? 'C3 H7 N O2'     89.093  
ARG 'L-peptide linking' y ARGININE        ? 'C6 H15 N4 O2 1' 175.209 
ASN 'L-peptide linking' y ASPARAGINE      ? 'C4 H8 N2 O3'    132.118 
ASP 'L-peptide linking' y 'ASPARTIC ACID' ? 'C4 H7 N O4'     133.103 
CYS 'L-peptide linking' y CYSTEINE        ? 'C3 H7 N O2 S'   121.158 
GLN 'L-peptide linking' y GLUTAMINE       ? 'C5 H10 N2 O3'   146.144 
GLU 'L-peptide linking' y 'GLUTAMIC ACID' ? 'C5 H9 N O4'     147.129 
GLY 'peptide linking'   y GLYCINE         ? 'C2 H5 N O2'     75.067  
HIS 'L-peptide linking' y HISTIDINE       ? 'C6 H10 N3 O2 1' 156.162 
HOH non-polymer         . WATER           ? 'H2 O'           18.015  
ILE 'L-peptide linking' y ISOLEUCINE      ? 'C6 H13 N O2'    131.173 
LEU 'L-peptide linking' y LEUCINE         ? 'C6 H13 N O2'    131.173 
LYS 'L-peptide linking' y LYSINE          ? 'C6 H15 N2 O2 1' 147.195 
MET 'L-peptide linking' y METHIONINE      ? 'C5 H11 N O2 S'  149.211 
PHE 'L-peptide linking' y PHENYLALANINE   ? 'C9 H11 N O2'    165.189 
PRO 'L-peptide linking' y PROLINE         ? 'C5 H9 N O2'     115.130 
SER 'L-peptide linking' y SERINE          ? 'C3 H7 N O3'     105.093 
THR 'L-peptide linking' y THREONINE       ? 'C4 H9 N O3'     119.119 
TRP 'L-peptide linking' y TRYPTOPHAN      ? 'C11 H12 N2 O2'  204.225 
TYR 'L-peptide linking' y TYROSINE        ? 'C9 H11 N O3'    181.189 
VAL 'L-peptide linking' y VALINE          ? 'C5 H11 N O2'    117.146 
# 
loop_
_pdbx_poly_seq_scheme.asym_id 
_pdbx_poly_seq_scheme.entity_id 
_pdbx_poly_seq_scheme.seq_id 
_pdbx_poly_seq_scheme.mon_id 
_pdbx_poly_seq_scheme.ndb_seq_num 
_pdbx_poly_seq_scheme.pdb_seq_num 
_pdbx_poly_seq_scheme.auth_seq_num 
_pdbx_poly_seq_scheme.pdb_mon_id 
_pdbx_poly_seq_scheme.auth_mon_id 
_pdbx_poly_seq_scheme.pdb_strand_id 
_pdbx_poly_seq_scheme.pdb_ins_code 
_pdbx_poly_seq_scheme.hetero 
A 1 1   ALA 1   1   1   ALA ALA A . n 
A 1 2   ASN 2   2   2   ASN ASN A . n 
A 1 3   GLY 3   3   3   GLY GLY A . n 
A 1 4   GLN 4   4   4   GLN GLN A . n 
A 1 5   SER 5   5   5   SER SER A . n 
A 1 6   THR 6   6   6   THR THR A . n 
A 1 7   ARG 7   7   7   ARG ARG A . n 
A 1 8   TYR 8   8   8   TYR TYR A . n 
A 1 9   TRP 9   9   9   TRP TRP A . n 
A 1 10  ASP 10  10  10  ASP ASP A . n 
A 1 11  CYS 11  11  11  CYS CYS A . n 
A 1 12  CYS 12  12  12  CYS CYS A . n 
A 1 13  LYS 13  13  13  LYS LYS A . n 
A 1 14  PRO 14  14  14  PRO PRO A . n 
A 1 15  SER 15  15  15  SER SER A . n 
A 1 16  CYS 16  16  16  CYS CYS A . n 
A 1 17  GLY 17  17  17  GLY GLY A . n 
A 1 18  TRP 18  18  18  TRP TRP A . n 
A 1 19  ARG 19  19  19  ARG ARG A . n 
A 1 20  GLY 20  20  20  GLY GLY A . n 
A 1 21  LYS 21  21  21  LYS LYS A . n 
A 1 22  GLY 22  22  22  GLY GLY A . n 
A 1 23  PRO 23  23  23  PRO PRO A . n 
A 1 24  VAL 24  24  24  VAL VAL A . n 
A 1 25  ASN 25  25  25  ASN ASN A . n 
A 1 26  GLN 26  26  26  GLN GLN A . n 
A 1 27  PRO 27  27  27  PRO PRO A . n 
A 1 28  VAL 28  28  28  VAL VAL A . n 
A 1 29  TYR 29  29  29  TYR TYR A . n 
A 1 30  SER 30  30  30  SER SER A . n 
A 1 31  CYS 31  31  31  CYS CYS A . n 
A 1 32  ASP 32  32  32  ASP ASP A . n 
A 1 33  ALA 33  33  33  ALA ALA A . n 
A 1 34  ASN 34  34  34  ASN ASN A . n 
A 1 35  PHE 35  35  35  PHE PHE A . n 
A 1 36  GLN 36  36  36  GLN GLN A . n 
A 1 37  ARG 37  37  37  ARG ARG A . n 
A 1 38  ILE 38  38  38  ILE ILE A . n 
A 1 39  HIS 39  39  39  HIS HIS A . n 
A 1 40  ASP 40  40  40  ASP ASP A . n 
A 1 41  PHE 41  41  41  PHE PHE A . n 
A 1 42  ASP 42  42  42  ASP ASP A . n 
A 1 43  ALA 43  43  43  ALA ALA A . n 
A 1 44  VAL 44  44  44  VAL VAL A . n 
A 1 45  SER 45  45  45  SER SER A . n 
A 1 46  GLY 46  46  46  GLY GLY A . n 
A 1 47  CYS 47  47  47  CYS CYS A . n 
A 1 48  GLU 48  48  48  GLU GLU A . n 
A 1 49  GLY 49  49  49  GLY GLY A . n 
A 1 50  GLY 50  50  50  GLY GLY A . n 
A 1 51  PRO 51  51  51  PRO PRO A . n 
A 1 52  ALA 52  52  52  ALA ALA A . n 
A 1 53  PHE 53  53  53  PHE PHE A . n 
A 1 54  SER 54  54  54  SER SER A . n 
A 1 55  CYS 55  55  55  CYS CYS A . n 
A 1 56  ALA 56  56  56  ALA ALA A . n 
A 1 57  ASP 57  57  57  ASP ASP A . n 
A 1 58  HIS 58  58  58  HIS HIS A . n 
A 1 59  SER 59  59  59  SER SER A . n 
A 1 60  PRO 60  60  60  PRO PRO A . n 
A 1 61  TRP 61  61  61  TRP TRP A . n 
A 1 62  ALA 62  62  62  ALA ALA A . n 
A 1 63  ILE 63  63  63  ILE ILE A . n 
A 1 64  ASN 64  64  64  ASN ASN A . n 
A 1 65  ASP 65  65  65  ASP ASP A . n 
A 1 66  ASN 66  66  66  ASN ASN A . n 
A 1 67  LEU 67  67  67  LEU LEU A . n 
A 1 68  SER 68  68  68  SER SER A . n 
A 1 69  TYR 69  69  69  TYR TYR A . n 
A 1 70  GLY 70  70  70  GLY GLY A . n 
A 1 71  PHE 71  71  71  PHE PHE A . n 
A 1 72  ALA 72  72  72  ALA ALA A . n 
A 1 73  ALA 73  73  73  ALA ALA A . n 
A 1 74  THR 74  74  74  THR THR A . n 
A 1 75  ALA 75  75  75  ALA ALA A . n 
A 1 76  LEU 76  76  76  LEU LEU A . n 
A 1 77  SER 77  77  77  SER SER A . n 
A 1 78  GLY 78  78  78  GLY GLY A . n 
A 1 79  GLN 79  79  79  GLN GLN A . n 
A 1 80  THR 80  80  80  THR THR A . n 
A 1 81  GLU 81  81  81  GLU GLU A . n 
A 1 82  GLU 82  82  82  GLU GLU A . n 
A 1 83  SER 83  83  83  SER SER A . n 
A 1 84  TRP 84  84  84  TRP TRP A . n 
A 1 85  CYS 85  85  85  CYS CYS A . n 
A 1 86  CYS 86  86  86  CYS CYS A . n 
A 1 87  ALA 87  87  87  ALA ALA A . n 
A 1 88  CYS 88  88  88  CYS CYS A . n 
A 1 89  TYR 89  89  89  TYR TYR A . n 
A 1 90  ALA 90  90  90  ALA ALA A . n 
A 1 91  LEU 91  91  91  LEU LEU A . n 
A 1 92  THR 92  92  92  THR THR A . n 
A 1 93  PHE 93  93  93  PHE PHE A . n 
A 1 94  THR 94  94  94  THR THR A . n 
A 1 95  SER 95  95  95  SER SER A . n 
A 1 96  GLY 96  96  96  GLY GLY A . n 
A 1 97  PRO 97  97  97  PRO PRO A . n 
A 1 98  VAL 98  98  98  VAL VAL A . n 
A 1 99  ALA 99  99  99  ALA ALA A . n 
A 1 100 GLY 100 100 100 GLY GLY A . n 
A 1 101 LYS 101 101 101 LYS LYS A . n 
A 1 102 THR 102 102 102 THR THR A . n 
A 1 103 MET 103 103 103 MET MET A . n 
A 1 104 VAL 104 104 104 VAL VAL A . n 
A 1 105 VAL 105 105 105 VAL VAL A . n 
A 1 106 GLN 106 106 106 GLN GLN A . n 
A 1 107 SER 107 107 107 SER SER A . n 
A 1 108 THR 108 108 108 THR THR A . n 
A 1 109 SER 109 109 109 SER SER A . n 
A 1 110 THR 110 110 110 THR THR A . n 
A 1 111 GLY 111 111 111 GLY GLY A . n 
A 1 112 GLY 112 112 112 GLY GLY A . n 
A 1 113 ASP 113 113 113 ASP ASP A . n 
A 1 114 LEU 114 114 114 LEU LEU A . n 
A 1 115 GLY 115 115 115 GLY GLY A . n 
A 1 116 SER 116 116 116 SER SER A . n 
A 1 117 ASN 117 117 117 ASN ASN A . n 
A 1 118 HIS 118 118 118 HIS HIS A . n 
A 1 119 PHE 119 119 119 PHE PHE A . n 
A 1 120 ASP 120 120 120 ASP ASP A . n 
A 1 121 LEU 121 121 121 LEU LEU A . n 
A 1 122 ASN 122 122 122 ASN ASN A . n 
A 1 123 ILE 123 123 123 ILE ILE A . n 
A 1 124 PRO 124 124 124 PRO PRO A . n 
A 1 125 GLY 125 125 125 GLY GLY A . n 
A 1 126 GLY 126 126 126 GLY GLY A . n 
A 1 127 GLY 127 127 127 GLY GLY A . n 
A 1 128 VAL 128 128 128 VAL VAL A . n 
A 1 129 GLY 129 129 129 GLY GLY A . n 
A 1 130 LEU 130 130 130 LEU LEU A . n 
A 1 131 PHE 131 131 131 PHE PHE A . n 
A 1 132 ASP 132 132 132 ASP ASP A . n 
A 1 133 GLY 133 133 133 GLY GLY A . n 
A 1 134 CYS 134 134 134 CYS CYS A . n 
A 1 135 THR 135 135 135 THR THR A . n 
A 1 136 PRO 136 136 136 PRO PRO A . n 
A 1 137 GLN 137 137 137 GLN GLN A . n 
A 1 138 PHE 138 138 138 PHE PHE A . n 
A 1 139 GLY 139 139 139 GLY GLY A . n 
A 1 140 GLY 140 140 140 GLY GLY A . n 
A 1 141 LEU 141 141 141 LEU LEU A . n 
A 1 142 PRO 142 142 142 PRO PRO A . n 
A 1 143 GLY 143 143 143 GLY GLY A . n 
A 1 144 ALA 144 144 144 ALA ALA A . n 
A 1 145 ARG 145 145 145 ARG ARG A . n 
A 1 146 TYR 146 146 146 TYR TYR A . n 
A 1 147 GLY 147 147 147 GLY GLY A . n 
A 1 148 GLY 148 148 148 GLY GLY A . n 
A 1 149 ILE 149 149 149 ILE ILE A . n 
A 1 150 SER 150 150 150 SER SER A . n 
A 1 151 SER 151 151 151 SER SER A . n 
A 1 152 ARG 152 152 152 ARG ARG A . n 
A 1 153 GLN 153 153 153 GLN GLN A . n 
A 1 154 GLU 154 154 154 GLU GLU A . n 
A 1 155 CYS 155 155 155 CYS CYS A . n 
A 1 156 ASP 156 156 156 ASP ASP A . n 
A 1 157 SER 157 157 157 SER SER A . n 
A 1 158 PHE 158 158 158 PHE PHE A . n 
A 1 159 PRO 159 159 159 PRO PRO A . n 
A 1 160 GLU 160 160 160 GLU GLU A . n 
A 1 161 PRO 161 161 161 PRO PRO A . n 
A 1 162 LEU 162 162 162 LEU LEU A . n 
A 1 163 LYS 163 163 163 LYS LYS A . n 
A 1 164 PRO 164 164 164 PRO PRO A . n 
A 1 165 GLY 165 165 165 GLY GLY A . n 
A 1 166 CYS 166 166 166 CYS CYS A . n 
A 1 167 GLN 167 167 167 GLN GLN A . n 
A 1 168 TRP 168 168 168 TRP TRP A . n 
A 1 169 ARG 169 169 169 ARG ARG A . n 
A 1 170 PHE 170 170 170 PHE PHE A . n 
A 1 171 ASP 171 171 171 ASP ASP A . n 
A 1 172 TRP 172 172 172 TRP TRP A . n 
A 1 173 PHE 173 173 173 PHE PHE A . n 
A 1 174 GLN 174 174 174 GLN GLN A . n 
A 1 175 ASN 175 175 175 ASN ASN A . n 
A 1 176 ALA 176 176 176 ALA ALA A . n 
A 1 177 ASP 177 177 177 ASP ASP A . n 
A 1 178 ASN 178 178 178 ASN ASN A . n 
A 1 179 PRO 179 179 179 PRO PRO A . n 
A 1 180 SER 180 180 180 SER SER A . n 
A 1 181 PHE 181 181 181 PHE PHE A . n 
A 1 182 THR 182 182 182 THR THR A . n 
A 1 183 PHE 183 183 183 PHE PHE A . n 
A 1 184 GLU 184 184 184 GLU GLU A . n 
A 1 185 ARG 185 185 185 ARG ARG A . n 
A 1 186 VAL 186 186 186 VAL VAL A . n 
A 1 187 GLN 187 187 187 GLN GLN A . n 
A 1 188 CYS 188 188 188 CYS CYS A . n 
A 1 189 PRO 189 189 189 PRO PRO A . n 
A 1 190 GLU 190 190 190 GLU GLU A . n 
A 1 191 GLU 191 191 191 GLU GLU A . n 
A 1 192 LEU 192 192 192 LEU LEU A . n 
A 1 193 VAL 193 193 193 VAL VAL A . n 
A 1 194 ALA 194 194 194 ALA ALA A . n 
A 1 195 ARG 195 195 195 ARG ARG A . n 
A 1 196 THR 196 196 196 THR THR A . n 
A 1 197 GLY 197 197 197 GLY GLY A . n 
A 1 198 CYS 198 198 198 CYS CYS A . n 
A 1 199 ARG 199 199 199 ARG ARG A . n 
A 1 200 ARG 200 200 200 ARG ARG A . n 
A 1 201 HIS 201 201 201 HIS HIS A . n 
A 1 202 ASP 202 202 202 ASP ASP A . n 
A 1 203 ASP 203 203 203 ASP ASP A . n 
A 1 204 GLY 204 204 204 GLY GLY A . n 
A 1 205 GLY 205 205 205 GLY GLY A . n 
A 1 206 PHE 206 206 206 PHE PHE A . n 
A 1 207 ALA 207 207 207 ALA ALA A . n 
# 
loop_
_pdbx_nonpoly_scheme.asym_id 
_pdbx_nonpoly_scheme.entity_id 
_pdbx_nonpoly_scheme.mon_id 
_pdbx_nonpoly_scheme.ndb_seq_num 
_pdbx_nonpoly_scheme.pdb_seq_num 
_pdbx_nonpoly_scheme.auth_seq_num 
_pdbx_nonpoly_scheme.pdb_mon_id 
_pdbx_nonpoly_scheme.auth_mon_id 
_pdbx_nonpoly_scheme.pdb_strand_id 
_pdbx_nonpoly_scheme.pdb_ins_code 
B 2 HOH 1   500 500 HOH HOH A . 
B 2 HOH 2   501 501 HOH HOH A . 
B 2 HOH 3   502 502 HOH HOH A . 
B 2 HOH 4   503 503 HOH HOH A . 
B 2 HOH 5   504 504 HOH HOH A . 
B 2 HOH 6   505 505 HOH HOH A . 
B 2 HOH 7   506 506 HOH HOH A . 
B 2 HOH 8   507 507 HOH HOH A . 
B 2 HOH 9   508 508 HOH HOH A . 
B 2 HOH 10  509 509 HOH HOH A . 
B 2 HOH 11  510 510 HOH HOH A . 
B 2 HOH 12  511 511 HOH HOH A . 
B 2 HOH 13  512 512 HOH HOH A . 
B 2 HOH 14  513 513 HOH HOH A . 
B 2 HOH 15  514 514 HOH HOH A . 
B 2 HOH 16  515 515 HOH HOH A . 
B 2 HOH 17  516 516 HOH HOH A . 
B 2 HOH 18  517 517 HOH HOH A . 
B 2 HOH 19  518 518 HOH HOH A . 
B 2 HOH 20  519 519 HOH HOH A . 
B 2 HOH 21  520 520 HOH HOH A . 
B 2 HOH 22  521 521 HOH HOH A . 
B 2 HOH 23  522 522 HOH HOH A . 
B 2 HOH 24  523 523 HOH HOH A . 
B 2 HOH 25  524 524 HOH HOH A . 
B 2 HOH 26  525 525 HOH HOH A . 
B 2 HOH 27  526 526 HOH HOH A . 
B 2 HOH 28  527 527 HOH HOH A . 
B 2 HOH 29  528 528 HOH HOH A . 
B 2 HOH 30  529 529 HOH HOH A . 
B 2 HOH 31  530 530 HOH HOH A . 
B 2 HOH 32  531 531 HOH HOH A . 
B 2 HOH 33  532 532 HOH HOH A . 
B 2 HOH 34  533 533 HOH HOH A . 
B 2 HOH 35  534 534 HOH HOH A . 
B 2 HOH 36  535 535 HOH HOH A . 
B 2 HOH 37  536 536 HOH HOH A . 
B 2 HOH 38  537 537 HOH HOH A . 
B 2 HOH 39  538 538 HOH HOH A . 
B 2 HOH 40  539 539 HOH HOH A . 
B 2 HOH 41  540 540 HOH HOH A . 
B 2 HOH 42  541 541 HOH HOH A . 
B 2 HOH 43  542 542 HOH HOH A . 
B 2 HOH 44  543 543 HOH HOH A . 
B 2 HOH 45  544 544 HOH HOH A . 
B 2 HOH 46  545 545 HOH HOH A . 
B 2 HOH 47  546 546 HOH HOH A . 
B 2 HOH 48  547 547 HOH HOH A . 
B 2 HOH 49  548 548 HOH HOH A . 
B 2 HOH 50  549 549 HOH HOH A . 
B 2 HOH 51  550 550 HOH HOH A . 
B 2 HOH 52  551 551 HOH HOH A . 
B 2 HOH 53  552 552 HOH HOH A . 
B 2 HOH 54  553 553 HOH HOH A . 
B 2 HOH 55  554 554 HOH HOH A . 
B 2 HOH 56  555 555 HOH HOH A . 
B 2 HOH 57  556 556 HOH HOH A . 
B 2 HOH 58  557 557 HOH HOH A . 
B 2 HOH 59  558 558 HOH HOH A . 
B 2 HOH 60  559 559 HOH HOH A . 
B 2 HOH 61  560 560 HOH HOH A . 
B 2 HOH 62  561 561 HOH HOH A . 
B 2 HOH 63  562 562 HOH HOH A . 
B 2 HOH 64  563 563 HOH HOH A . 
B 2 HOH 65  564 564 HOH HOH A . 
B 2 HOH 66  565 565 HOH HOH A . 
B 2 HOH 67  566 566 HOH HOH A . 
B 2 HOH 68  567 567 HOH HOH A . 
B 2 HOH 69  568 568 HOH HOH A . 
B 2 HOH 70  569 569 HOH HOH A . 
B 2 HOH 71  570 570 HOH HOH A . 
B 2 HOH 72  571 571 HOH HOH A . 
B 2 HOH 73  572 572 HOH HOH A . 
B 2 HOH 74  573 573 HOH HOH A . 
B 2 HOH 75  574 574 HOH HOH A . 
B 2 HOH 76  575 575 HOH HOH A . 
B 2 HOH 77  576 576 HOH HOH A . 
B 2 HOH 78  577 577 HOH HOH A . 
B 2 HOH 79  578 578 HOH HOH A . 
B 2 HOH 80  579 579 HOH HOH A . 
B 2 HOH 81  580 580 HOH HOH A . 
B 2 HOH 82  581 581 HOH HOH A . 
B 2 HOH 83  582 582 HOH HOH A . 
B 2 HOH 84  583 583 HOH HOH A . 
B 2 HOH 85  584 584 HOH HOH A . 
B 2 HOH 86  585 585 HOH HOH A . 
B 2 HOH 87  586 586 HOH HOH A . 
B 2 HOH 88  587 587 HOH HOH A . 
B 2 HOH 89  588 588 HOH HOH A . 
B 2 HOH 90  589 589 HOH HOH A . 
B 2 HOH 91  590 590 HOH HOH A . 
B 2 HOH 92  591 591 HOH HOH A . 
B 2 HOH 93  592 592 HOH HOH A . 
B 2 HOH 94  593 593 HOH HOH A . 
B 2 HOH 95  594 594 HOH HOH A . 
B 2 HOH 96  595 595 HOH HOH A . 
B 2 HOH 97  596 596 HOH HOH A . 
B 2 HOH 98  597 597 HOH HOH A . 
B 2 HOH 99  598 598 HOH HOH A . 
B 2 HOH 100 599 599 HOH HOH A . 
B 2 HOH 101 600 600 HOH HOH A . 
B 2 HOH 102 601 601 HOH HOH A . 
B 2 HOH 103 602 602 HOH HOH A . 
B 2 HOH 104 603 603 HOH HOH A . 
B 2 HOH 105 604 604 HOH HOH A . 
B 2 HOH 106 605 605 HOH HOH A . 
B 2 HOH 107 606 606 HOH HOH A . 
B 2 HOH 108 607 607 HOH HOH A . 
B 2 HOH 109 608 608 HOH HOH A . 
B 2 HOH 110 609 609 HOH HOH A . 
B 2 HOH 111 610 610 HOH HOH A . 
B 2 HOH 112 611 611 HOH HOH A . 
B 2 HOH 113 612 612 HOH HOH A . 
B 2 HOH 114 613 613 HOH HOH A . 
B 2 HOH 115 614 614 HOH HOH A . 
B 2 HOH 116 615 615 HOH HOH A . 
B 2 HOH 117 616 616 HOH HOH A . 
B 2 HOH 118 617 617 HOH HOH A . 
B 2 HOH 119 618 618 HOH HOH A . 
B 2 HOH 120 619 619 HOH HOH A . 
B 2 HOH 121 620 620 HOH HOH A . 
B 2 HOH 122 621 621 HOH HOH A . 
B 2 HOH 123 622 622 HOH HOH A . 
B 2 HOH 124 623 623 HOH HOH A . 
B 2 HOH 125 624 624 HOH HOH A . 
B 2 HOH 126 625 625 HOH HOH A . 
B 2 HOH 127 626 626 HOH HOH A . 
B 2 HOH 128 627 627 HOH HOH A . 
B 2 HOH 129 628 628 HOH HOH A . 
B 2 HOH 130 629 629 HOH HOH A . 
B 2 HOH 131 630 630 HOH HOH A . 
B 2 HOH 132 631 631 HOH HOH A . 
B 2 HOH 133 632 632 HOH HOH A . 
B 2 HOH 134 633 633 HOH HOH A . 
B 2 HOH 135 634 634 HOH HOH A . 
B 2 HOH 136 635 635 HOH HOH A . 
B 2 HOH 137 636 636 HOH HOH A . 
B 2 HOH 138 637 637 HOH HOH A . 
B 2 HOH 139 638 638 HOH HOH A . 
B 2 HOH 140 639 639 HOH HOH A . 
B 2 HOH 141 640 640 HOH HOH A . 
B 2 HOH 142 641 641 HOH HOH A . 
B 2 HOH 143 642 642 HOH HOH A . 
B 2 HOH 144 643 643 HOH HOH A . 
B 2 HOH 145 644 644 HOH HOH A . 
B 2 HOH 146 645 645 HOH HOH A . 
B 2 HOH 147 646 646 HOH HOH A . 
B 2 HOH 148 647 647 HOH HOH A . 
B 2 HOH 149 648 648 HOH HOH A . 
B 2 HOH 150 649 649 HOH HOH A . 
B 2 HOH 151 650 650 HOH HOH A . 
B 2 HOH 152 651 651 HOH HOH A . 
B 2 HOH 153 652 652 HOH HOH A . 
B 2 HOH 154 653 653 HOH HOH A . 
B 2 HOH 155 654 654 HOH HOH A . 
B 2 HOH 156 655 655 HOH HOH A . 
B 2 HOH 157 656 656 HOH HOH A . 
B 2 HOH 158 657 657 HOH HOH A . 
B 2 HOH 159 658 658 HOH HOH A . 
B 2 HOH 160 659 659 HOH HOH A . 
B 2 HOH 161 660 660 HOH HOH A . 
B 2 HOH 162 661 661 HOH HOH A . 
B 2 HOH 163 662 662 HOH HOH A . 
B 2 HOH 164 663 663 HOH HOH A . 
B 2 HOH 165 664 664 HOH HOH A . 
B 2 HOH 166 665 665 HOH HOH A . 
B 2 HOH 167 666 666 HOH HOH A . 
B 2 HOH 168 667 667 HOH HOH A . 
B 2 HOH 169 668 668 HOH HOH A . 
B 2 HOH 170 669 669 HOH HOH A . 
B 2 HOH 171 670 670 HOH HOH A . 
B 2 HOH 172 671 671 HOH HOH A . 
B 2 HOH 173 672 672 HOH HOH A . 
B 2 HOH 174 673 673 HOH HOH A . 
B 2 HOH 175 674 674 HOH HOH A . 
B 2 HOH 176 675 675 HOH HOH A . 
B 2 HOH 177 676 676 HOH HOH A . 
B 2 HOH 178 677 677 HOH HOH A . 
B 2 HOH 179 678 678 HOH HOH A . 
B 2 HOH 180 679 679 HOH HOH A . 
B 2 HOH 181 680 680 HOH HOH A . 
B 2 HOH 182 681 681 HOH HOH A . 
B 2 HOH 183 682 682 HOH HOH A . 
B 2 HOH 184 683 683 HOH HOH A . 
B 2 HOH 185 684 684 HOH HOH A . 
B 2 HOH 186 685 685 HOH HOH A . 
B 2 HOH 187 686 686 HOH HOH A . 
B 2 HOH 188 687 687 HOH HOH A . 
B 2 HOH 189 688 688 HOH HOH A . 
B 2 HOH 190 689 689 HOH HOH A . 
B 2 HOH 191 690 690 HOH HOH A . 
B 2 HOH 192 691 691 HOH HOH A . 
B 2 HOH 193 692 692 HOH HOH A . 
B 2 HOH 194 693 693 HOH HOH A . 
B 2 HOH 195 694 694 HOH HOH A . 
B 2 HOH 196 695 695 HOH HOH A . 
B 2 HOH 197 696 696 HOH HOH A . 
B 2 HOH 198 697 697 HOH HOH A . 
B 2 HOH 199 698 698 HOH HOH A . 
B 2 HOH 200 699 699 HOH HOH A . 
B 2 HOH 201 700 700 HOH HOH A . 
B 2 HOH 202 701 701 HOH HOH A . 
B 2 HOH 203 702 702 HOH HOH A . 
B 2 HOH 204 703 703 HOH HOH A . 
B 2 HOH 205 704 704 HOH HOH A . 
B 2 HOH 206 705 705 HOH HOH A . 
B 2 HOH 207 706 706 HOH HOH A . 
B 2 HOH 208 707 707 HOH HOH A . 
# 
loop_
_software.name 
_software.classification 
_software.version 
_software.citation_id 
_software.pdbx_ordinal 
DENZO     'data reduction' . ? 1 
SCALEPACK 'data scaling'   . ? 2 
AMoRE     phasing          . ? 3 
CNS       refinement       . ? 4 
# 
_cell.entry_id           1L8F 
_cell.length_a           47.440 
_cell.length_b           47.440 
_cell.length_c           156.810 
_cell.angle_alpha        90.00 
_cell.angle_beta         90.00 
_cell.angle_gamma        90.00 
_cell.Z_PDB              8 
_cell.pdbx_unique_axis   ? 
# 
_symmetry.entry_id                         1L8F 
_symmetry.space_group_name_H-M             'P 41 21 2' 
_symmetry.pdbx_full_space_group_name_H-M   ? 
_symmetry.cell_setting                     ? 
_symmetry.Int_Tables_number                92 
# 
_exptl.entry_id          1L8F 
_exptl.method            'X-RAY DIFFRACTION' 
_exptl.crystals_number   1 
# 
_exptl_crystal.id                    1 
_exptl_crystal.density_meas          ? 
_exptl_crystal.density_percent_sol   37.98 
_exptl_crystal.density_Matthews      1.98 
_exptl_crystal.description           ? 
# 
_exptl_crystal_grow.crystal_id      1 
_exptl_crystal_grow.method          'VAPOR DIFFUSION, HANGING DROP' 
_exptl_crystal_grow.temp            298.0 
_exptl_crystal_grow.temp_details    ? 
_exptl_crystal_grow.pH              5.1 
_exptl_crystal_grow.pdbx_details    'peg 8000, Na-acetate, pH 5.1, VAPOR DIFFUSION, HANGING DROP, temperature 298.0K' 
_exptl_crystal_grow.pdbx_pH_range   ? 
# 
_diffrn.id                     1 
_diffrn.ambient_temp           120 
_diffrn.ambient_temp_details   ? 
_diffrn.crystal_id             1 
# 
_diffrn_detector.diffrn_id              1 
_diffrn_detector.detector               'IMAGE PLATE' 
_diffrn_detector.type                   'RIGAKU RAXIS IIC' 
_diffrn_detector.pdbx_collection_date   1998-09-24 
_diffrn_detector.details                ? 
# 
_diffrn_radiation.diffrn_id                        1 
_diffrn_radiation.wavelength_id                    1 
_diffrn_radiation.pdbx_monochromatic_or_laue_m_l   M 
_diffrn_radiation.monochromator                    GRAPHITE 
_diffrn_radiation.pdbx_diffrn_protocol             'SINGLE WAVELENGTH' 
_diffrn_radiation.pdbx_scattering_type             x-ray 
# 
_diffrn_radiation_wavelength.id           1 
_diffrn_radiation_wavelength.wavelength   1.5418 
_diffrn_radiation_wavelength.wt           1.0 
# 
_diffrn_source.diffrn_id                   1 
_diffrn_source.source                      'ROTATING ANODE' 
_diffrn_source.type                        'RIGAKU RU200' 
_diffrn_source.pdbx_synchrotron_site       ? 
_diffrn_source.pdbx_synchrotron_beamline   ? 
_diffrn_source.pdbx_wavelength             ? 
_diffrn_source.pdbx_wavelength_list        1.5418 
# 
_reflns.entry_id                     1L8F 
_reflns.observed_criterion_sigma_I   0 
_reflns.observed_criterion_sigma_F   0 
_reflns.d_resolution_low             99 
_reflns.d_resolution_high            1.8 
_reflns.number_obs                   76338 
_reflns.number_all                   78044 
_reflns.percent_possible_obs         95.6 
_reflns.pdbx_Rmerge_I_obs            0.091 
_reflns.pdbx_Rsym_value              ? 
_reflns.pdbx_netI_over_sigmaI        ? 
_reflns.B_iso_Wilson_estimate        ? 
_reflns.pdbx_redundancy              ? 
_reflns.R_free_details               ? 
_reflns.limit_h_max                  ? 
_reflns.limit_h_min                  ? 
_reflns.limit_k_max                  ? 
_reflns.limit_k_min                  ? 
_reflns.limit_l_max                  ? 
_reflns.limit_l_min                  ? 
_reflns.observed_criterion_F_max     ? 
_reflns.observed_criterion_F_min     ? 
_reflns.pdbx_diffrn_id               1 
_reflns.pdbx_ordinal                 1 
# 
_reflns_shell.d_res_high             1.8 
_reflns_shell.d_res_low              1.86 
_reflns_shell.percent_possible_all   88.3 
_reflns_shell.Rmerge_I_obs           ? 
_reflns_shell.pdbx_Rsym_value        ? 
_reflns_shell.meanI_over_sigI_obs    ? 
_reflns_shell.pdbx_redundancy        ? 
_reflns_shell.percent_possible_obs   ? 
_reflns_shell.number_unique_all      ? 
_reflns_shell.pdbx_diffrn_id         ? 
_reflns_shell.pdbx_ordinal           1 
# 
_refine.entry_id                                 1L8F 
_refine.ls_number_reflns_obs                     15996 
_refine.ls_number_reflns_all                     15966 
_refine.pdbx_ls_sigma_I                          ? 
_refine.pdbx_ls_sigma_F                          0 
_refine.pdbx_data_cutoff_high_absF               ? 
_refine.pdbx_data_cutoff_low_absF                ? 
_refine.ls_d_res_low                             50 
_refine.ls_d_res_high                            1.8 
_refine.ls_percent_reflns_obs                    91.3 
_refine.ls_R_factor_obs                          ? 
_refine.ls_R_factor_all                          ? 
_refine.ls_R_factor_R_work                       0.1986 
_refine.ls_R_factor_R_free                       0.2568 
_refine.ls_R_factor_R_free_error                 ? 
_refine.ls_R_factor_R_free_error_details         ? 
_refine.ls_percent_reflns_R_free                 9.1 
_refine.ls_number_reflns_R_free                  1588 
_refine.ls_number_parameters                     ? 
_refine.ls_number_restraints                     ? 
_refine.occupancy_min                            ? 
_refine.occupancy_max                            ? 
_refine.B_iso_mean                               ? 
_refine.aniso_B[1][1]                            0.118 
_refine.aniso_B[2][2]                            0.118 
_refine.aniso_B[3][3]                            -0.236 
_refine.aniso_B[1][2]                            0.000 
_refine.aniso_B[1][3]                            0.000 
_refine.aniso_B[2][3]                            0.000 
_refine.solvent_model_details                    ? 
_refine.solvent_model_param_ksol                 0.430727 
_refine.solvent_model_param_bsol                 67.3274 
_refine.pdbx_ls_cross_valid_method               ? 
_refine.details                                  ? 
_refine.pdbx_starting_model                      ? 
_refine.pdbx_method_to_determine_struct          'MOLECULAR REPLACEMENT' 
_refine.pdbx_isotropic_thermal_model             ? 
_refine.pdbx_stereochemistry_target_values       ? 
_refine.pdbx_stereochem_target_val_spec_case     ? 
_refine.pdbx_R_Free_selection_details            RANDOM 
_refine.pdbx_overall_ESU_R_Free                  ? 
_refine.overall_SU_B                             ? 
_refine.ls_redundancy_reflns_obs                 ? 
_refine.B_iso_min                                ? 
_refine.B_iso_max                                ? 
_refine.correlation_coeff_Fo_to_Fc               ? 
_refine.overall_SU_R_Cruickshank_DPI             ? 
_refine.overall_SU_R_free                        ? 
_refine.overall_SU_ML                            ? 
_refine.pdbx_overall_ESU_R                       ? 
_refine.pdbx_data_cutoff_high_rms_absF           10000 
_refine.correlation_coeff_Fo_to_Fc_free          ? 
_refine.pdbx_solvent_vdw_probe_radii             ? 
_refine.pdbx_solvent_ion_probe_radii             ? 
_refine.pdbx_solvent_shrinkage_radii             ? 
_refine.pdbx_refine_id                           'X-RAY DIFFRACTION' 
_refine.pdbx_diffrn_id                           1 
_refine.pdbx_TLS_residual_ADP_flag               ? 
_refine.pdbx_overall_phase_error                 ? 
_refine.pdbx_overall_SU_R_free_Cruickshank_DPI   ? 
_refine.pdbx_overall_SU_R_Blow_DPI               ? 
_refine.pdbx_overall_SU_R_free_Blow_DPI          ? 
# 
_refine_hist.pdbx_refine_id                   'X-RAY DIFFRACTION' 
_refine_hist.cycle_id                         LAST 
_refine_hist.pdbx_number_atoms_protein        1566 
_refine_hist.pdbx_number_atoms_nucleic_acid   0 
_refine_hist.pdbx_number_atoms_ligand         0 
_refine_hist.number_atoms_solvent             208 
_refine_hist.number_atoms_total               1774 
_refine_hist.d_res_high                       1.8 
_refine_hist.d_res_low                        50 
# 
loop_
_refine_ls_restr.type 
_refine_ls_restr.dev_ideal 
_refine_ls_restr.dev_ideal_target 
_refine_ls_restr.weight 
_refine_ls_restr.number 
_refine_ls_restr.pdbx_refine_id 
_refine_ls_restr.pdbx_restraint_function 
c_bond_d                0.005541 ?   ? ? 'X-RAY DIFFRACTION' ? 
o_bond_d_na             ?        ?   ? ? 'X-RAY DIFFRACTION' ? 
o_bond_d_prot           ?        ?   ? ? 'X-RAY DIFFRACTION' ? 
o_angle_d               ?        ?   ? ? 'X-RAY DIFFRACTION' ? 
o_angle_d_na            ?        ?   ? ? 'X-RAY DIFFRACTION' ? 
o_angle_d_prot          ?        ?   ? ? 'X-RAY DIFFRACTION' ? 
c_angle_deg             1.35793  ?   ? ? 'X-RAY DIFFRACTION' ? 
o_angle_deg_na          ?        ?   ? ? 'X-RAY DIFFRACTION' ? 
o_angle_deg_prot        ?        ?   ? ? 'X-RAY DIFFRACTION' ? 
o_dihedral_angle_d      ?        ?   ? ? 'X-RAY DIFFRACTION' ? 
o_dihedral_angle_d_na   ?        ?   ? ? 'X-RAY DIFFRACTION' ? 
o_dihedral_angle_d_prot ?        ?   ? ? 'X-RAY DIFFRACTION' ? 
o_improper_angle_d      ?        ?   ? ? 'X-RAY DIFFRACTION' ? 
o_improper_angle_d_na   ?        ?   ? ? 'X-RAY DIFFRACTION' ? 
o_improper_angle_d_prot ?        ?   ? ? 'X-RAY DIFFRACTION' ? 
c_mcbond_it             1.196    1.5 ? ? 'X-RAY DIFFRACTION' ? 
c_mcangle_it            1.706    2.0 ? ? 'X-RAY DIFFRACTION' ? 
c_scbond_it             2.035    2.0 ? ? 'X-RAY DIFFRACTION' ? 
c_scangle_it            2.886    2.5 ? ? 'X-RAY DIFFRACTION' ? 
# 
loop_
_pdbx_xplor_file.serial_no 
_pdbx_xplor_file.param_file 
_pdbx_xplor_file.topol_file 
_pdbx_xplor_file.pdbx_refine_id 
1 protein_rep.param protein.top 'X-RAY DIFFRACTION' 
2 dna-rna_rep.param dna-rna.top 'X-RAY DIFFRACTION' 
3 water_rep.param   water.top   'X-RAY DIFFRACTION' 
4 ion.param         ion.top     'X-RAY DIFFRACTION' 
# 
_struct.entry_id                  1L8F 
_struct.title                     'Structure of 20K-endoglucanase from Melanocarpus albomyces at 1.8 A' 
_struct.pdbx_model_details        ? 
_struct.pdbx_CASP_flag            ? 
_struct.pdbx_model_type_details   ? 
# 
_struct_keywords.entry_id        1L8F 
_struct_keywords.pdbx_keywords   HYDROLASE 
_struct_keywords.text            'cellulase, thermophilic, endoglucanase, HYDROLASE' 
# 
loop_
_struct_asym.id 
_struct_asym.pdbx_blank_PDB_chainid_flag 
_struct_asym.pdbx_modified 
_struct_asym.entity_id 
_struct_asym.details 
A N N 1 ? 
B N N 2 ? 
# 
_struct_ref.id                         1 
_struct_ref.db_name                    UNP 
_struct_ref.db_code                    Q8J0K8_9PEZI 
_struct_ref.pdbx_db_accession          Q8J0K8 
_struct_ref.entity_id                  1 
_struct_ref.pdbx_align_begin           22 
_struct_ref.pdbx_db_isoform            ? 
_struct_ref.pdbx_seq_one_letter_code   ? 
# 
_struct_ref_seq.align_id                      1 
_struct_ref_seq.ref_id                        1 
_struct_ref_seq.pdbx_PDB_id_code              1L8F 
_struct_ref_seq.pdbx_strand_id                A 
_struct_ref_seq.seq_align_beg                 1 
_struct_ref_seq.pdbx_seq_align_beg_ins_code   ? 
_struct_ref_seq.seq_align_end                 207 
_struct_ref_seq.pdbx_seq_align_end_ins_code   ? 
_struct_ref_seq.pdbx_db_accession             Q8J0K8 
_struct_ref_seq.db_align_beg                  22 
_struct_ref_seq.pdbx_db_align_beg_ins_code    ? 
_struct_ref_seq.db_align_end                  228 
_struct_ref_seq.pdbx_db_align_end_ins_code    ? 
_struct_ref_seq.pdbx_auth_seq_align_beg       1 
_struct_ref_seq.pdbx_auth_seq_align_end       207 
# 
_pdbx_struct_assembly.id                   1 
_pdbx_struct_assembly.details              author_defined_assembly 
_pdbx_struct_assembly.method_details       ? 
_pdbx_struct_assembly.oligomeric_details   monomeric 
_pdbx_struct_assembly.oligomeric_count     1 
# 
_pdbx_struct_assembly_gen.assembly_id       1 
_pdbx_struct_assembly_gen.oper_expression   1 
_pdbx_struct_assembly_gen.asym_id_list      A,B 
# 
_pdbx_struct_oper_list.id                   1 
_pdbx_struct_oper_list.type                 'identity operation' 
_pdbx_struct_oper_list.name                 1_555 
_pdbx_struct_oper_list.symmetry_operation   x,y,z 
_pdbx_struct_oper_list.matrix[1][1]         1.0000000000 
_pdbx_struct_oper_list.matrix[1][2]         0.0000000000 
_pdbx_struct_oper_list.matrix[1][3]         0.0000000000 
_pdbx_struct_oper_list.vector[1]            0.0000000000 
_pdbx_struct_oper_list.matrix[2][1]         0.0000000000 
_pdbx_struct_oper_list.matrix[2][2]         1.0000000000 
_pdbx_struct_oper_list.matrix[2][3]         0.0000000000 
_pdbx_struct_oper_list.vector[2]            0.0000000000 
_pdbx_struct_oper_list.matrix[3][1]         0.0000000000 
_pdbx_struct_oper_list.matrix[3][2]         0.0000000000 
_pdbx_struct_oper_list.matrix[3][3]         1.0000000000 
_pdbx_struct_oper_list.vector[3]            0.0000000000 
# 
_struct_biol.id                    1 
_struct_biol.pdbx_parent_biol_id   ? 
_struct_biol.details               ? 
# 
loop_
_struct_conf.conf_type_id 
_struct_conf.id 
_struct_conf.pdbx_PDB_helix_id 
_struct_conf.beg_label_comp_id 
_struct_conf.beg_label_asym_id 
_struct_conf.beg_label_seq_id 
_struct_conf.pdbx_beg_PDB_ins_code 
_struct_conf.end_label_comp_id 
_struct_conf.end_label_asym_id 
_struct_conf.end_label_seq_id 
_struct_conf.pdbx_end_PDB_ins_code 
_struct_conf.beg_auth_comp_id 
_struct_conf.beg_auth_asym_id 
_struct_conf.beg_auth_seq_id 
_struct_conf.end_auth_comp_id 
_struct_conf.end_auth_asym_id 
_struct_conf.end_auth_seq_id 
_struct_conf.pdbx_PDB_helix_class 
_struct_conf.details 
_struct_conf.pdbx_PDB_helix_length 
HELX_P HELX_P1 1 PRO A 14  ? TRP A 18  ? PRO A 14  TRP A 18  5 ? 5 
HELX_P HELX_P2 2 SER A 45  ? GLY A 49  ? SER A 45  GLY A 49  5 ? 5 
HELX_P HELX_P3 3 THR A 80  ? CYS A 85  ? THR A 80  CYS A 85  1 ? 6 
HELX_P HELX_P4 4 GLY A 133 ? GLY A 139 ? GLY A 133 GLY A 139 1 ? 7 
HELX_P HELX_P5 5 SER A 151 ? PHE A 158 ? SER A 151 PHE A 158 5 ? 8 
HELX_P HELX_P6 6 PRO A 159 ? PRO A 161 ? PRO A 159 PRO A 161 5 ? 3 
HELX_P HELX_P7 7 LEU A 162 ? ARG A 169 ? LEU A 162 ARG A 169 1 ? 8 
HELX_P HELX_P8 8 PRO A 189 ? GLY A 197 ? PRO A 189 GLY A 197 1 ? 9 
HELX_P HELX_P9 9 ASP A 202 ? PHE A 206 ? ASP A 202 PHE A 206 5 ? 5 
# 
_struct_conf_type.id          HELX_P 
_struct_conf_type.criteria    ? 
_struct_conf_type.reference   ? 
# 
loop_
_struct_conn.id 
_struct_conn.conn_type_id 
_struct_conn.pdbx_leaving_atom_flag 
_struct_conn.pdbx_PDB_id 
_struct_conn.ptnr1_label_asym_id 
_struct_conn.ptnr1_label_comp_id 
_struct_conn.ptnr1_label_seq_id 
_struct_conn.ptnr1_label_atom_id 
_struct_conn.pdbx_ptnr1_label_alt_id 
_struct_conn.pdbx_ptnr1_PDB_ins_code 
_struct_conn.pdbx_ptnr1_standard_comp_id 
_struct_conn.ptnr1_symmetry 
_struct_conn.ptnr2_label_asym_id 
_struct_conn.ptnr2_label_comp_id 
_struct_conn.ptnr2_label_seq_id 
_struct_conn.ptnr2_label_atom_id 
_struct_conn.pdbx_ptnr2_label_alt_id 
_struct_conn.pdbx_ptnr2_PDB_ins_code 
_struct_conn.ptnr1_auth_asym_id 
_struct_conn.ptnr1_auth_comp_id 
_struct_conn.ptnr1_auth_seq_id 
_struct_conn.ptnr2_auth_asym_id 
_struct_conn.ptnr2_auth_comp_id 
_struct_conn.ptnr2_auth_seq_id 
_struct_conn.ptnr2_symmetry 
_struct_conn.pdbx_ptnr3_label_atom_id 
_struct_conn.pdbx_ptnr3_label_seq_id 
_struct_conn.pdbx_ptnr3_label_comp_id 
_struct_conn.pdbx_ptnr3_label_asym_id 
_struct_conn.pdbx_ptnr3_label_alt_id 
_struct_conn.pdbx_ptnr3_PDB_ins_code 
_struct_conn.details 
_struct_conn.pdbx_dist_value 
_struct_conn.pdbx_value_order 
_struct_conn.pdbx_role 
disulf1 disulf ? ? A CYS 11  SG ? ? ? 1_555 A CYS 134 SG ? ? A CYS 11  A CYS 134 1_555 ? ? ? ? ? ? ? 2.035 ? ? 
disulf2 disulf ? ? A CYS 12  SG ? ? ? 1_555 A CYS 47  SG ? ? A CYS 12  A CYS 47  1_555 ? ? ? ? ? ? ? 2.032 ? ? 
disulf3 disulf ? ? A CYS 16  SG ? ? ? 1_555 A CYS 85  SG ? ? A CYS 16  A CYS 85  1_555 ? ? ? ? ? ? ? 2.028 ? ? 
disulf4 disulf ? ? A CYS 31  SG ? ? ? 1_555 A CYS 55  SG ? ? A CYS 31  A CYS 55  1_555 ? ? ? ? ? ? ? 2.031 ? ? 
disulf5 disulf ? ? A CYS 86  SG ? ? ? 1_555 A CYS 198 SG ? ? A CYS 86  A CYS 198 1_555 ? ? ? ? ? ? ? 2.022 ? ? 
disulf6 disulf ? ? A CYS 88  SG ? ? ? 1_555 A CYS 188 SG ? ? A CYS 88  A CYS 188 1_555 ? ? ? ? ? ? ? 2.032 ? ? 
disulf7 disulf ? ? A CYS 155 SG ? ? ? 1_555 A CYS 166 SG ? ? A CYS 155 A CYS 166 1_555 ? ? ? ? ? ? ? 2.032 ? ? 
# 
_struct_conn_type.id          disulf 
_struct_conn_type.criteria    ? 
_struct_conn_type.reference   ? 
# 
loop_
_pdbx_modification_feature.ordinal 
_pdbx_modification_feature.label_comp_id 
_pdbx_modification_feature.label_asym_id 
_pdbx_modification_feature.label_seq_id 
_pdbx_modification_feature.label_alt_id 
_pdbx_modification_feature.modified_residue_label_comp_id 
_pdbx_modification_feature.modified_residue_label_asym_id 
_pdbx_modification_feature.modified_residue_label_seq_id 
_pdbx_modification_feature.modified_residue_label_alt_id 
_pdbx_modification_feature.auth_comp_id 
_pdbx_modification_feature.auth_asym_id 
_pdbx_modification_feature.auth_seq_id 
_pdbx_modification_feature.PDB_ins_code 
_pdbx_modification_feature.symmetry 
_pdbx_modification_feature.modified_residue_auth_comp_id 
_pdbx_modification_feature.modified_residue_auth_asym_id 
_pdbx_modification_feature.modified_residue_auth_seq_id 
_pdbx_modification_feature.modified_residue_PDB_ins_code 
_pdbx_modification_feature.modified_residue_symmetry 
_pdbx_modification_feature.comp_id_linking_atom 
_pdbx_modification_feature.modified_residue_id_linking_atom 
_pdbx_modification_feature.modified_residue_id 
_pdbx_modification_feature.ref_pcm_id 
_pdbx_modification_feature.ref_comp_id 
_pdbx_modification_feature.type 
_pdbx_modification_feature.category 
1 CYS A 11  ? CYS A 134 ? CYS A 11  ? 1_555 CYS A 134 ? 1_555 SG SG . . . None 'Disulfide bridge' 
2 CYS A 12  ? CYS A 47  ? CYS A 12  ? 1_555 CYS A 47  ? 1_555 SG SG . . . None 'Disulfide bridge' 
3 CYS A 16  ? CYS A 85  ? CYS A 16  ? 1_555 CYS A 85  ? 1_555 SG SG . . . None 'Disulfide bridge' 
4 CYS A 31  ? CYS A 55  ? CYS A 31  ? 1_555 CYS A 55  ? 1_555 SG SG . . . None 'Disulfide bridge' 
5 CYS A 86  ? CYS A 198 ? CYS A 86  ? 1_555 CYS A 198 ? 1_555 SG SG . . . None 'Disulfide bridge' 
6 CYS A 88  ? CYS A 188 ? CYS A 88  ? 1_555 CYS A 188 ? 1_555 SG SG . . . None 'Disulfide bridge' 
7 CYS A 155 ? CYS A 166 ? CYS A 155 ? 1_555 CYS A 166 ? 1_555 SG SG . . . None 'Disulfide bridge' 
# 
loop_
_struct_sheet.id 
_struct_sheet.type 
_struct_sheet.number_strands 
_struct_sheet.details 
A ? 7 ? 
B ? 2 ? 
# 
loop_
_struct_sheet_order.sheet_id 
_struct_sheet_order.range_id_1 
_struct_sheet_order.range_id_2 
_struct_sheet_order.offset 
_struct_sheet_order.sense 
A 1 2 ? anti-parallel 
A 2 3 ? anti-parallel 
A 3 4 ? parallel      
A 4 5 ? anti-parallel 
A 5 6 ? anti-parallel 
A 6 7 ? anti-parallel 
B 1 2 ? anti-parallel 
# 
loop_
_struct_sheet_range.sheet_id 
_struct_sheet_range.id 
_struct_sheet_range.beg_label_comp_id 
_struct_sheet_range.beg_label_asym_id 
_struct_sheet_range.beg_label_seq_id 
_struct_sheet_range.pdbx_beg_PDB_ins_code 
_struct_sheet_range.end_label_comp_id 
_struct_sheet_range.end_label_asym_id 
_struct_sheet_range.end_label_seq_id 
_struct_sheet_range.pdbx_end_PDB_ins_code 
_struct_sheet_range.beg_auth_comp_id 
_struct_sheet_range.beg_auth_asym_id 
_struct_sheet_range.beg_auth_seq_id 
_struct_sheet_range.end_auth_comp_id 
_struct_sheet_range.end_auth_asym_id 
_struct_sheet_range.end_auth_seq_id 
A 1 TRP A 61  ? ALA A 62  ? TRP A 61  ALA A 62  
A 2 LEU A 67  ? ALA A 75  ? LEU A 67  ALA A 75  
A 3 HIS A 118 ? ASN A 122 ? HIS A 118 ASN A 122 
A 4 ASN A 2   ? TYR A 8   ? ASN A 2   TYR A 8   
A 5 PHE A 181 ? VAL A 186 ? PHE A 181 VAL A 186 
A 6 CYS A 88  ? PHE A 93  ? CYS A 88  PHE A 93  
A 7 THR A 102 ? THR A 110 ? THR A 102 THR A 110 
B 1 SER A 30  ? CYS A 31  ? SER A 30  CYS A 31  
B 2 ARG A 37  ? ILE A 38  ? ARG A 37  ILE A 38  
# 
loop_
_pdbx_struct_sheet_hbond.sheet_id 
_pdbx_struct_sheet_hbond.range_id_1 
_pdbx_struct_sheet_hbond.range_id_2 
_pdbx_struct_sheet_hbond.range_1_label_atom_id 
_pdbx_struct_sheet_hbond.range_1_label_comp_id 
_pdbx_struct_sheet_hbond.range_1_label_asym_id 
_pdbx_struct_sheet_hbond.range_1_label_seq_id 
_pdbx_struct_sheet_hbond.range_1_PDB_ins_code 
_pdbx_struct_sheet_hbond.range_1_auth_atom_id 
_pdbx_struct_sheet_hbond.range_1_auth_comp_id 
_pdbx_struct_sheet_hbond.range_1_auth_asym_id 
_pdbx_struct_sheet_hbond.range_1_auth_seq_id 
_pdbx_struct_sheet_hbond.range_2_label_atom_id 
_pdbx_struct_sheet_hbond.range_2_label_comp_id 
_pdbx_struct_sheet_hbond.range_2_label_asym_id 
_pdbx_struct_sheet_hbond.range_2_label_seq_id 
_pdbx_struct_sheet_hbond.range_2_PDB_ins_code 
_pdbx_struct_sheet_hbond.range_2_auth_atom_id 
_pdbx_struct_sheet_hbond.range_2_auth_comp_id 
_pdbx_struct_sheet_hbond.range_2_auth_asym_id 
_pdbx_struct_sheet_hbond.range_2_auth_seq_id 
A 1 2 O TRP A 61  ? O TRP A 61  N TYR A 69  ? N TYR A 69  
A 2 3 O ALA A 75  ? O ALA A 75  N HIS A 118 ? N HIS A 118 
A 3 4 N PHE A 119 ? N PHE A 119 O GLN A 4   ? O GLN A 4   
A 4 5 N GLY A 3   ? N GLY A 3   O PHE A 181 ? O PHE A 181 
A 5 6 N VAL A 186 ? N VAL A 186 O CYS A 88  ? O CYS A 88  
A 6 7 N LEU A 91  ? N LEU A 91  O MET A 103 ? O MET A 103 
B 1 2 O SER A 30  ? O SER A 30  N ILE A 38  ? N ILE A 38  
# 
_pdbx_entry_details.entry_id                   1L8F 
_pdbx_entry_details.compound_details           ? 
_pdbx_entry_details.source_details             ? 
_pdbx_entry_details.nonpolymer_details         ? 
_pdbx_entry_details.sequence_details           ? 
_pdbx_entry_details.has_ligand_of_interest     ? 
_pdbx_entry_details.has_protein_modification   Y 
# 
_pdbx_validate_symm_contact.id                1 
_pdbx_validate_symm_contact.PDB_model_num     1 
_pdbx_validate_symm_contact.auth_atom_id_1    O 
_pdbx_validate_symm_contact.auth_asym_id_1    A 
_pdbx_validate_symm_contact.auth_comp_id_1    HOH 
_pdbx_validate_symm_contact.auth_seq_id_1     692 
_pdbx_validate_symm_contact.PDB_ins_code_1    ? 
_pdbx_validate_symm_contact.label_alt_id_1    ? 
_pdbx_validate_symm_contact.site_symmetry_1   1_555 
_pdbx_validate_symm_contact.auth_atom_id_2    O 
_pdbx_validate_symm_contact.auth_asym_id_2    A 
_pdbx_validate_symm_contact.auth_comp_id_2    HOH 
_pdbx_validate_symm_contact.auth_seq_id_2     692 
_pdbx_validate_symm_contact.PDB_ins_code_2    ? 
_pdbx_validate_symm_contact.label_alt_id_2    ? 
_pdbx_validate_symm_contact.site_symmetry_2   8_665 
_pdbx_validate_symm_contact.dist              1.95 
# 
loop_
_pdbx_validate_torsion.id 
_pdbx_validate_torsion.PDB_model_num 
_pdbx_validate_torsion.auth_comp_id 
_pdbx_validate_torsion.auth_asym_id 
_pdbx_validate_torsion.auth_seq_id 
_pdbx_validate_torsion.PDB_ins_code 
_pdbx_validate_torsion.label_alt_id 
_pdbx_validate_torsion.phi 
_pdbx_validate_torsion.psi 
1 1 TRP A 9   ? ? -166.69 103.83 
2 1 HIS A 58  ? ? -96.67  44.67  
3 1 PHE A 138 ? ? -148.80 20.15  
4 1 ASP A 171 ? ? -81.68  -82.28 
# 
_pdbx_database_remark.id     999 
_pdbx_database_remark.text   
;sequence
an appropriate sequence database reference
was not available at the time of processing.
;
# 
loop_
_chem_comp_atom.comp_id 
_chem_comp_atom.atom_id 
_chem_comp_atom.type_symbol 
_chem_comp_atom.pdbx_aromatic_flag 
_chem_comp_atom.pdbx_stereo_config 
_chem_comp_atom.pdbx_ordinal 
ALA N    N N N 1   
ALA CA   C N S 2   
ALA C    C N N 3   
ALA O    O N N 4   
ALA CB   C N N 5   
ALA OXT  O N N 6   
ALA H    H N N 7   
ALA H2   H N N 8   
ALA HA   H N N 9   
ALA HB1  H N N 10  
ALA HB2  H N N 11  
ALA HB3  H N N 12  
ALA HXT  H N N 13  
ARG N    N N N 14  
ARG CA   C N S 15  
ARG C    C N N 16  
ARG O    O N N 17  
ARG CB   C N N 18  
ARG CG   C N N 19  
ARG CD   C N N 20  
ARG NE   N N N 21  
ARG CZ   C N N 22  
ARG NH1  N N N 23  
ARG NH2  N N N 24  
ARG OXT  O N N 25  
ARG H    H N N 26  
ARG H2   H N N 27  
ARG HA   H N N 28  
ARG HB2  H N N 29  
ARG HB3  H N N 30  
ARG HG2  H N N 31  
ARG HG3  H N N 32  
ARG HD2  H N N 33  
ARG HD3  H N N 34  
ARG HE   H N N 35  
ARG HH11 H N N 36  
ARG HH12 H N N 37  
ARG HH21 H N N 38  
ARG HH22 H N N 39  
ARG HXT  H N N 40  
ASN N    N N N 41  
ASN CA   C N S 42  
ASN C    C N N 43  
ASN O    O N N 44  
ASN CB   C N N 45  
ASN CG   C N N 46  
ASN OD1  O N N 47  
ASN ND2  N N N 48  
ASN OXT  O N N 49  
ASN H    H N N 50  
ASN H2   H N N 51  
ASN HA   H N N 52  
ASN HB2  H N N 53  
ASN HB3  H N N 54  
ASN HD21 H N N 55  
ASN HD22 H N N 56  
ASN HXT  H N N 57  
ASP N    N N N 58  
ASP CA   C N S 59  
ASP C    C N N 60  
ASP O    O N N 61  
ASP CB   C N N 62  
ASP CG   C N N 63  
ASP OD1  O N N 64  
ASP OD2  O N N 65  
ASP OXT  O N N 66  
ASP H    H N N 67  
ASP H2   H N N 68  
ASP HA   H N N 69  
ASP HB2  H N N 70  
ASP HB3  H N N 71  
ASP HD2  H N N 72  
ASP HXT  H N N 73  
CYS N    N N N 74  
CYS CA   C N R 75  
CYS C    C N N 76  
CYS O    O N N 77  
CYS CB   C N N 78  
CYS SG   S N N 79  
CYS OXT  O N N 80  
CYS H    H N N 81  
CYS H2   H N N 82  
CYS HA   H N N 83  
CYS HB2  H N N 84  
CYS HB3  H N N 85  
CYS HG   H N N 86  
CYS HXT  H N N 87  
GLN N    N N N 88  
GLN CA   C N S 89  
GLN C    C N N 90  
GLN O    O N N 91  
GLN CB   C N N 92  
GLN CG   C N N 93  
GLN CD   C N N 94  
GLN OE1  O N N 95  
GLN NE2  N N N 96  
GLN OXT  O N N 97  
GLN H    H N N 98  
GLN H2   H N N 99  
GLN HA   H N N 100 
GLN HB2  H N N 101 
GLN HB3  H N N 102 
GLN HG2  H N N 103 
GLN HG3  H N N 104 
GLN HE21 H N N 105 
GLN HE22 H N N 106 
GLN HXT  H N N 107 
GLU N    N N N 108 
GLU CA   C N S 109 
GLU C    C N N 110 
GLU O    O N N 111 
GLU CB   C N N 112 
GLU CG   C N N 113 
GLU CD   C N N 114 
GLU OE1  O N N 115 
GLU OE2  O N N 116 
GLU OXT  O N N 117 
GLU H    H N N 118 
GLU H2   H N N 119 
GLU HA   H N N 120 
GLU HB2  H N N 121 
GLU HB3  H N N 122 
GLU HG2  H N N 123 
GLU HG3  H N N 124 
GLU HE2  H N N 125 
GLU HXT  H N N 126 
GLY N    N N N 127 
GLY CA   C N N 128 
GLY C    C N N 129 
GLY O    O N N 130 
GLY OXT  O N N 131 
GLY H    H N N 132 
GLY H2   H N N 133 
GLY HA2  H N N 134 
GLY HA3  H N N 135 
GLY HXT  H N N 136 
HIS N    N N N 137 
HIS CA   C N S 138 
HIS C    C N N 139 
HIS O    O N N 140 
HIS CB   C N N 141 
HIS CG   C Y N 142 
HIS ND1  N Y N 143 
HIS CD2  C Y N 144 
HIS CE1  C Y N 145 
HIS NE2  N Y N 146 
HIS OXT  O N N 147 
HIS H    H N N 148 
HIS H2   H N N 149 
HIS HA   H N N 150 
HIS HB2  H N N 151 
HIS HB3  H N N 152 
HIS HD1  H N N 153 
HIS HD2  H N N 154 
HIS HE1  H N N 155 
HIS HE2  H N N 156 
HIS HXT  H N N 157 
HOH O    O N N 158 
HOH H1   H N N 159 
HOH H2   H N N 160 
ILE N    N N N 161 
ILE CA   C N S 162 
ILE C    C N N 163 
ILE O    O N N 164 
ILE CB   C N S 165 
ILE CG1  C N N 166 
ILE CG2  C N N 167 
ILE CD1  C N N 168 
ILE OXT  O N N 169 
ILE H    H N N 170 
ILE H2   H N N 171 
ILE HA   H N N 172 
ILE HB   H N N 173 
ILE HG12 H N N 174 
ILE HG13 H N N 175 
ILE HG21 H N N 176 
ILE HG22 H N N 177 
ILE HG23 H N N 178 
ILE HD11 H N N 179 
ILE HD12 H N N 180 
ILE HD13 H N N 181 
ILE HXT  H N N 182 
LEU N    N N N 183 
LEU CA   C N S 184 
LEU C    C N N 185 
LEU O    O N N 186 
LEU CB   C N N 187 
LEU CG   C N N 188 
LEU CD1  C N N 189 
LEU CD2  C N N 190 
LEU OXT  O N N 191 
LEU H    H N N 192 
LEU H2   H N N 193 
LEU HA   H N N 194 
LEU HB2  H N N 195 
LEU HB3  H N N 196 
LEU HG   H N N 197 
LEU HD11 H N N 198 
LEU HD12 H N N 199 
LEU HD13 H N N 200 
LEU HD21 H N N 201 
LEU HD22 H N N 202 
LEU HD23 H N N 203 
LEU HXT  H N N 204 
LYS N    N N N 205 
LYS CA   C N S 206 
LYS C    C N N 207 
LYS O    O N N 208 
LYS CB   C N N 209 
LYS CG   C N N 210 
LYS CD   C N N 211 
LYS CE   C N N 212 
LYS NZ   N N N 213 
LYS OXT  O N N 214 
LYS H    H N N 215 
LYS H2   H N N 216 
LYS HA   H N N 217 
LYS HB2  H N N 218 
LYS HB3  H N N 219 
LYS HG2  H N N 220 
LYS HG3  H N N 221 
LYS HD2  H N N 222 
LYS HD3  H N N 223 
LYS HE2  H N N 224 
LYS HE3  H N N 225 
LYS HZ1  H N N 226 
LYS HZ2  H N N 227 
LYS HZ3  H N N 228 
LYS HXT  H N N 229 
MET N    N N N 230 
MET CA   C N S 231 
MET C    C N N 232 
MET O    O N N 233 
MET CB   C N N 234 
MET CG   C N N 235 
MET SD   S N N 236 
MET CE   C N N 237 
MET OXT  O N N 238 
MET H    H N N 239 
MET H2   H N N 240 
MET HA   H N N 241 
MET HB2  H N N 242 
MET HB3  H N N 243 
MET HG2  H N N 244 
MET HG3  H N N 245 
MET HE1  H N N 246 
MET HE2  H N N 247 
MET HE3  H N N 248 
MET HXT  H N N 249 
PHE N    N N N 250 
PHE CA   C N S 251 
PHE C    C N N 252 
PHE O    O N N 253 
PHE CB   C N N 254 
PHE CG   C Y N 255 
PHE CD1  C Y N 256 
PHE CD2  C Y N 257 
PHE CE1  C Y N 258 
PHE CE2  C Y N 259 
PHE CZ   C Y N 260 
PHE OXT  O N N 261 
PHE H    H N N 262 
PHE H2   H N N 263 
PHE HA   H N N 264 
PHE HB2  H N N 265 
PHE HB3  H N N 266 
PHE HD1  H N N 267 
PHE HD2  H N N 268 
PHE HE1  H N N 269 
PHE HE2  H N N 270 
PHE HZ   H N N 271 
PHE HXT  H N N 272 
PRO N    N N N 273 
PRO CA   C N S 274 
PRO C    C N N 275 
PRO O    O N N 276 
PRO CB   C N N 277 
PRO CG   C N N 278 
PRO CD   C N N 279 
PRO OXT  O N N 280 
PRO H    H N N 281 
PRO HA   H N N 282 
PRO HB2  H N N 283 
PRO HB3  H N N 284 
PRO HG2  H N N 285 
PRO HG3  H N N 286 
PRO HD2  H N N 287 
PRO HD3  H N N 288 
PRO HXT  H N N 289 
SER N    N N N 290 
SER CA   C N S 291 
SER C    C N N 292 
SER O    O N N 293 
SER CB   C N N 294 
SER OG   O N N 295 
SER OXT  O N N 296 
SER H    H N N 297 
SER H2   H N N 298 
SER HA   H N N 299 
SER HB2  H N N 300 
SER HB3  H N N 301 
SER HG   H N N 302 
SER HXT  H N N 303 
THR N    N N N 304 
THR CA   C N S 305 
THR C    C N N 306 
THR O    O N N 307 
THR CB   C N R 308 
THR OG1  O N N 309 
THR CG2  C N N 310 
THR OXT  O N N 311 
THR H    H N N 312 
THR H2   H N N 313 
THR HA   H N N 314 
THR HB   H N N 315 
THR HG1  H N N 316 
THR HG21 H N N 317 
THR HG22 H N N 318 
THR HG23 H N N 319 
THR HXT  H N N 320 
TRP N    N N N 321 
TRP CA   C N S 322 
TRP C    C N N 323 
TRP O    O N N 324 
TRP CB   C N N 325 
TRP CG   C Y N 326 
TRP CD1  C Y N 327 
TRP CD2  C Y N 328 
TRP NE1  N Y N 329 
TRP CE2  C Y N 330 
TRP CE3  C Y N 331 
TRP CZ2  C Y N 332 
TRP CZ3  C Y N 333 
TRP CH2  C Y N 334 
TRP OXT  O N N 335 
TRP H    H N N 336 
TRP H2   H N N 337 
TRP HA   H N N 338 
TRP HB2  H N N 339 
TRP HB3  H N N 340 
TRP HD1  H N N 341 
TRP HE1  H N N 342 
TRP HE3  H N N 343 
TRP HZ2  H N N 344 
TRP HZ3  H N N 345 
TRP HH2  H N N 346 
TRP HXT  H N N 347 
TYR N    N N N 348 
TYR CA   C N S 349 
TYR C    C N N 350 
TYR O    O N N 351 
TYR CB   C N N 352 
TYR CG   C Y N 353 
TYR CD1  C Y N 354 
TYR CD2  C Y N 355 
TYR CE1  C Y N 356 
TYR CE2  C Y N 357 
TYR CZ   C Y N 358 
TYR OH   O N N 359 
TYR OXT  O N N 360 
TYR H    H N N 361 
TYR H2   H N N 362 
TYR HA   H N N 363 
TYR HB2  H N N 364 
TYR HB3  H N N 365 
TYR HD1  H N N 366 
TYR HD2  H N N 367 
TYR HE1  H N N 368 
TYR HE2  H N N 369 
TYR HH   H N N 370 
TYR HXT  H N N 371 
VAL N    N N N 372 
VAL CA   C N S 373 
VAL C    C N N 374 
VAL O    O N N 375 
VAL CB   C N N 376 
VAL CG1  C N N 377 
VAL CG2  C N N 378 
VAL OXT  O N N 379 
VAL H    H N N 380 
VAL H2   H N N 381 
VAL HA   H N N 382 
VAL HB   H N N 383 
VAL HG11 H N N 384 
VAL HG12 H N N 385 
VAL HG13 H N N 386 
VAL HG21 H N N 387 
VAL HG22 H N N 388 
VAL HG23 H N N 389 
VAL HXT  H N N 390 
# 
loop_
_chem_comp_bond.comp_id 
_chem_comp_bond.atom_id_1 
_chem_comp_bond.atom_id_2 
_chem_comp_bond.value_order 
_chem_comp_bond.pdbx_aromatic_flag 
_chem_comp_bond.pdbx_stereo_config 
_chem_comp_bond.pdbx_ordinal 
ALA N   CA   sing N N 1   
ALA N   H    sing N N 2   
ALA N   H2   sing N N 3   
ALA CA  C    sing N N 4   
ALA CA  CB   sing N N 5   
ALA CA  HA   sing N N 6   
ALA C   O    doub N N 7   
ALA C   OXT  sing N N 8   
ALA CB  HB1  sing N N 9   
ALA CB  HB2  sing N N 10  
ALA CB  HB3  sing N N 11  
ALA OXT HXT  sing N N 12  
ARG N   CA   sing N N 13  
ARG N   H    sing N N 14  
ARG N   H2   sing N N 15  
ARG CA  C    sing N N 16  
ARG CA  CB   sing N N 17  
ARG CA  HA   sing N N 18  
ARG C   O    doub N N 19  
ARG C   OXT  sing N N 20  
ARG CB  CG   sing N N 21  
ARG CB  HB2  sing N N 22  
ARG CB  HB3  sing N N 23  
ARG CG  CD   sing N N 24  
ARG CG  HG2  sing N N 25  
ARG CG  HG3  sing N N 26  
ARG CD  NE   sing N N 27  
ARG CD  HD2  sing N N 28  
ARG CD  HD3  sing N N 29  
ARG NE  CZ   sing N N 30  
ARG NE  HE   sing N N 31  
ARG CZ  NH1  sing N N 32  
ARG CZ  NH2  doub N N 33  
ARG NH1 HH11 sing N N 34  
ARG NH1 HH12 sing N N 35  
ARG NH2 HH21 sing N N 36  
ARG NH2 HH22 sing N N 37  
ARG OXT HXT  sing N N 38  
ASN N   CA   sing N N 39  
ASN N   H    sing N N 40  
ASN N   H2   sing N N 41  
ASN CA  C    sing N N 42  
ASN CA  CB   sing N N 43  
ASN CA  HA   sing N N 44  
ASN C   O    doub N N 45  
ASN C   OXT  sing N N 46  
ASN CB  CG   sing N N 47  
ASN CB  HB2  sing N N 48  
ASN CB  HB3  sing N N 49  
ASN CG  OD1  doub N N 50  
ASN CG  ND2  sing N N 51  
ASN ND2 HD21 sing N N 52  
ASN ND2 HD22 sing N N 53  
ASN OXT HXT  sing N N 54  
ASP N   CA   sing N N 55  
ASP N   H    sing N N 56  
ASP N   H2   sing N N 57  
ASP CA  C    sing N N 58  
ASP CA  CB   sing N N 59  
ASP CA  HA   sing N N 60  
ASP C   O    doub N N 61  
ASP C   OXT  sing N N 62  
ASP CB  CG   sing N N 63  
ASP CB  HB2  sing N N 64  
ASP CB  HB3  sing N N 65  
ASP CG  OD1  doub N N 66  
ASP CG  OD2  sing N N 67  
ASP OD2 HD2  sing N N 68  
ASP OXT HXT  sing N N 69  
CYS N   CA   sing N N 70  
CYS N   H    sing N N 71  
CYS N   H2   sing N N 72  
CYS CA  C    sing N N 73  
CYS CA  CB   sing N N 74  
CYS CA  HA   sing N N 75  
CYS C   O    doub N N 76  
CYS C   OXT  sing N N 77  
CYS CB  SG   sing N N 78  
CYS CB  HB2  sing N N 79  
CYS CB  HB3  sing N N 80  
CYS SG  HG   sing N N 81  
CYS OXT HXT  sing N N 82  
GLN N   CA   sing N N 83  
GLN N   H    sing N N 84  
GLN N   H2   sing N N 85  
GLN CA  C    sing N N 86  
GLN CA  CB   sing N N 87  
GLN CA  HA   sing N N 88  
GLN C   O    doub N N 89  
GLN C   OXT  sing N N 90  
GLN CB  CG   sing N N 91  
GLN CB  HB2  sing N N 92  
GLN CB  HB3  sing N N 93  
GLN CG  CD   sing N N 94  
GLN CG  HG2  sing N N 95  
GLN CG  HG3  sing N N 96  
GLN CD  OE1  doub N N 97  
GLN CD  NE2  sing N N 98  
GLN NE2 HE21 sing N N 99  
GLN NE2 HE22 sing N N 100 
GLN OXT HXT  sing N N 101 
GLU N   CA   sing N N 102 
GLU N   H    sing N N 103 
GLU N   H2   sing N N 104 
GLU CA  C    sing N N 105 
GLU CA  CB   sing N N 106 
GLU CA  HA   sing N N 107 
GLU C   O    doub N N 108 
GLU C   OXT  sing N N 109 
GLU CB  CG   sing N N 110 
GLU CB  HB2  sing N N 111 
GLU CB  HB3  sing N N 112 
GLU CG  CD   sing N N 113 
GLU CG  HG2  sing N N 114 
GLU CG  HG3  sing N N 115 
GLU CD  OE1  doub N N 116 
GLU CD  OE2  sing N N 117 
GLU OE2 HE2  sing N N 118 
GLU OXT HXT  sing N N 119 
GLY N   CA   sing N N 120 
GLY N   H    sing N N 121 
GLY N   H2   sing N N 122 
GLY CA  C    sing N N 123 
GLY CA  HA2  sing N N 124 
GLY CA  HA3  sing N N 125 
GLY C   O    doub N N 126 
GLY C   OXT  sing N N 127 
GLY OXT HXT  sing N N 128 
HIS N   CA   sing N N 129 
HIS N   H    sing N N 130 
HIS N   H2   sing N N 131 
HIS CA  C    sing N N 132 
HIS CA  CB   sing N N 133 
HIS CA  HA   sing N N 134 
HIS C   O    doub N N 135 
HIS C   OXT  sing N N 136 
HIS CB  CG   sing N N 137 
HIS CB  HB2  sing N N 138 
HIS CB  HB3  sing N N 139 
HIS CG  ND1  sing Y N 140 
HIS CG  CD2  doub Y N 141 
HIS ND1 CE1  doub Y N 142 
HIS ND1 HD1  sing N N 143 
HIS CD2 NE2  sing Y N 144 
HIS CD2 HD2  sing N N 145 
HIS CE1 NE2  sing Y N 146 
HIS CE1 HE1  sing N N 147 
HIS NE2 HE2  sing N N 148 
HIS OXT HXT  sing N N 149 
HOH O   H1   sing N N 150 
HOH O   H2   sing N N 151 
ILE N   CA   sing N N 152 
ILE N   H    sing N N 153 
ILE N   H2   sing N N 154 
ILE CA  C    sing N N 155 
ILE CA  CB   sing N N 156 
ILE CA  HA   sing N N 157 
ILE C   O    doub N N 158 
ILE C   OXT  sing N N 159 
ILE CB  CG1  sing N N 160 
ILE CB  CG2  sing N N 161 
ILE CB  HB   sing N N 162 
ILE CG1 CD1  sing N N 163 
ILE CG1 HG12 sing N N 164 
ILE CG1 HG13 sing N N 165 
ILE CG2 HG21 sing N N 166 
ILE CG2 HG22 sing N N 167 
ILE CG2 HG23 sing N N 168 
ILE CD1 HD11 sing N N 169 
ILE CD1 HD12 sing N N 170 
ILE CD1 HD13 sing N N 171 
ILE OXT HXT  sing N N 172 
LEU N   CA   sing N N 173 
LEU N   H    sing N N 174 
LEU N   H2   sing N N 175 
LEU CA  C    sing N N 176 
LEU CA  CB   sing N N 177 
LEU CA  HA   sing N N 178 
LEU C   O    doub N N 179 
LEU C   OXT  sing N N 180 
LEU CB  CG   sing N N 181 
LEU CB  HB2  sing N N 182 
LEU CB  HB3  sing N N 183 
LEU CG  CD1  sing N N 184 
LEU CG  CD2  sing N N 185 
LEU CG  HG   sing N N 186 
LEU CD1 HD11 sing N N 187 
LEU CD1 HD12 sing N N 188 
LEU CD1 HD13 sing N N 189 
LEU CD2 HD21 sing N N 190 
LEU CD2 HD22 sing N N 191 
LEU CD2 HD23 sing N N 192 
LEU OXT HXT  sing N N 193 
LYS N   CA   sing N N 194 
LYS N   H    sing N N 195 
LYS N   H2   sing N N 196 
LYS CA  C    sing N N 197 
LYS CA  CB   sing N N 198 
LYS CA  HA   sing N N 199 
LYS C   O    doub N N 200 
LYS C   OXT  sing N N 201 
LYS CB  CG   sing N N 202 
LYS CB  HB2  sing N N 203 
LYS CB  HB3  sing N N 204 
LYS CG  CD   sing N N 205 
LYS CG  HG2  sing N N 206 
LYS CG  HG3  sing N N 207 
LYS CD  CE   sing N N 208 
LYS CD  HD2  sing N N 209 
LYS CD  HD3  sing N N 210 
LYS CE  NZ   sing N N 211 
LYS CE  HE2  sing N N 212 
LYS CE  HE3  sing N N 213 
LYS NZ  HZ1  sing N N 214 
LYS NZ  HZ2  sing N N 215 
LYS NZ  HZ3  sing N N 216 
LYS OXT HXT  sing N N 217 
MET N   CA   sing N N 218 
MET N   H    sing N N 219 
MET N   H2   sing N N 220 
MET CA  C    sing N N 221 
MET CA  CB   sing N N 222 
MET CA  HA   sing N N 223 
MET C   O    doub N N 224 
MET C   OXT  sing N N 225 
MET CB  CG   sing N N 226 
MET CB  HB2  sing N N 227 
MET CB  HB3  sing N N 228 
MET CG  SD   sing N N 229 
MET CG  HG2  sing N N 230 
MET CG  HG3  sing N N 231 
MET SD  CE   sing N N 232 
MET CE  HE1  sing N N 233 
MET CE  HE2  sing N N 234 
MET CE  HE3  sing N N 235 
MET OXT HXT  sing N N 236 
PHE N   CA   sing N N 237 
PHE N   H    sing N N 238 
PHE N   H2   sing N N 239 
PHE CA  C    sing N N 240 
PHE CA  CB   sing N N 241 
PHE CA  HA   sing N N 242 
PHE C   O    doub N N 243 
PHE C   OXT  sing N N 244 
PHE CB  CG   sing N N 245 
PHE CB  HB2  sing N N 246 
PHE CB  HB3  sing N N 247 
PHE CG  CD1  doub Y N 248 
PHE CG  CD2  sing Y N 249 
PHE CD1 CE1  sing Y N 250 
PHE CD1 HD1  sing N N 251 
PHE CD2 CE2  doub Y N 252 
PHE CD2 HD2  sing N N 253 
PHE CE1 CZ   doub Y N 254 
PHE CE1 HE1  sing N N 255 
PHE CE2 CZ   sing Y N 256 
PHE CE2 HE2  sing N N 257 
PHE CZ  HZ   sing N N 258 
PHE OXT HXT  sing N N 259 
PRO N   CA   sing N N 260 
PRO N   CD   sing N N 261 
PRO N   H    sing N N 262 
PRO CA  C    sing N N 263 
PRO CA  CB   sing N N 264 
PRO CA  HA   sing N N 265 
PRO C   O    doub N N 266 
PRO C   OXT  sing N N 267 
PRO CB  CG   sing N N 268 
PRO CB  HB2  sing N N 269 
PRO CB  HB3  sing N N 270 
PRO CG  CD   sing N N 271 
PRO CG  HG2  sing N N 272 
PRO CG  HG3  sing N N 273 
PRO CD  HD2  sing N N 274 
PRO CD  HD3  sing N N 275 
PRO OXT HXT  sing N N 276 
SER N   CA   sing N N 277 
SER N   H    sing N N 278 
SER N   H2   sing N N 279 
SER CA  C    sing N N 280 
SER CA  CB   sing N N 281 
SER CA  HA   sing N N 282 
SER C   O    doub N N 283 
SER C   OXT  sing N N 284 
SER CB  OG   sing N N 285 
SER CB  HB2  sing N N 286 
SER CB  HB3  sing N N 287 
SER OG  HG   sing N N 288 
SER OXT HXT  sing N N 289 
THR N   CA   sing N N 290 
THR N   H    sing N N 291 
THR N   H2   sing N N 292 
THR CA  C    sing N N 293 
THR CA  CB   sing N N 294 
THR CA  HA   sing N N 295 
THR C   O    doub N N 296 
THR C   OXT  sing N N 297 
THR CB  OG1  sing N N 298 
THR CB  CG2  sing N N 299 
THR CB  HB   sing N N 300 
THR OG1 HG1  sing N N 301 
THR CG2 HG21 sing N N 302 
THR CG2 HG22 sing N N 303 
THR CG2 HG23 sing N N 304 
THR OXT HXT  sing N N 305 
TRP N   CA   sing N N 306 
TRP N   H    sing N N 307 
TRP N   H2   sing N N 308 
TRP CA  C    sing N N 309 
TRP CA  CB   sing N N 310 
TRP CA  HA   sing N N 311 
TRP C   O    doub N N 312 
TRP C   OXT  sing N N 313 
TRP CB  CG   sing N N 314 
TRP CB  HB2  sing N N 315 
TRP CB  HB3  sing N N 316 
TRP CG  CD1  doub Y N 317 
TRP CG  CD2  sing Y N 318 
TRP CD1 NE1  sing Y N 319 
TRP CD1 HD1  sing N N 320 
TRP CD2 CE2  doub Y N 321 
TRP CD2 CE3  sing Y N 322 
TRP NE1 CE2  sing Y N 323 
TRP NE1 HE1  sing N N 324 
TRP CE2 CZ2  sing Y N 325 
TRP CE3 CZ3  doub Y N 326 
TRP CE3 HE3  sing N N 327 
TRP CZ2 CH2  doub Y N 328 
TRP CZ2 HZ2  sing N N 329 
TRP CZ3 CH2  sing Y N 330 
TRP CZ3 HZ3  sing N N 331 
TRP CH2 HH2  sing N N 332 
TRP OXT HXT  sing N N 333 
TYR N   CA   sing N N 334 
TYR N   H    sing N N 335 
TYR N   H2   sing N N 336 
TYR CA  C    sing N N 337 
TYR CA  CB   sing N N 338 
TYR CA  HA   sing N N 339 
TYR C   O    doub N N 340 
TYR C   OXT  sing N N 341 
TYR CB  CG   sing N N 342 
TYR CB  HB2  sing N N 343 
TYR CB  HB3  sing N N 344 
TYR CG  CD1  doub Y N 345 
TYR CG  CD2  sing Y N 346 
TYR CD1 CE1  sing Y N 347 
TYR CD1 HD1  sing N N 348 
TYR CD2 CE2  doub Y N 349 
TYR CD2 HD2  sing N N 350 
TYR CE1 CZ   doub Y N 351 
TYR CE1 HE1  sing N N 352 
TYR CE2 CZ   sing Y N 353 
TYR CE2 HE2  sing N N 354 
TYR CZ  OH   sing N N 355 
TYR OH  HH   sing N N 356 
TYR OXT HXT  sing N N 357 
VAL N   CA   sing N N 358 
VAL N   H    sing N N 359 
VAL N   H2   sing N N 360 
VAL CA  C    sing N N 361 
VAL CA  CB   sing N N 362 
VAL CA  HA   sing N N 363 
VAL C   O    doub N N 364 
VAL C   OXT  sing N N 365 
VAL CB  CG1  sing N N 366 
VAL CB  CG2  sing N N 367 
VAL CB  HB   sing N N 368 
VAL CG1 HG11 sing N N 369 
VAL CG1 HG12 sing N N 370 
VAL CG1 HG13 sing N N 371 
VAL CG2 HG21 sing N N 372 
VAL CG2 HG22 sing N N 373 
VAL CG2 HG23 sing N N 374 
VAL OXT HXT  sing N N 375 
# 
_atom_sites.entry_id                    1L8F 
_atom_sites.fract_transf_matrix[1][1]   -0.01876577 
_atom_sites.fract_transf_matrix[1][2]   -0.00774993 
_atom_sites.fract_transf_matrix[1][3]   -0.00566643 
_atom_sites.fract_transf_matrix[2][1]   -0.00921478 
_atom_sites.fract_transf_matrix[2][2]   0.01104869 
_atom_sites.fract_transf_matrix[2][3]   0.01540579 
_atom_sites.fract_transf_matrix[3][1]   -0.00081502 
_atom_sites.fract_transf_matrix[3][2]   0.00489862 
_atom_sites.fract_transf_matrix[3][3]   -0.00400067 
_atom_sites.fract_transf_vector[1]      0.771807 
_atom_sites.fract_transf_vector[2]      0.505522 
_atom_sites.fract_transf_vector[3]      0.350660 
# 
loop_
_atom_type.symbol 
C 
N 
O 
S 
# 
loop_
_atom_site.group_PDB 
_atom_site.id 
_atom_site.type_symbol 
_atom_site.label_atom_id 
_atom_site.label_alt_id 
_atom_site.label_comp_id 
_atom_site.label_asym_id 
_atom_site.label_entity_id 
_atom_site.label_seq_id 
_atom_site.pdbx_PDB_ins_code 
_atom_site.Cartn_x 
_atom_site.Cartn_y 
_atom_site.Cartn_z 
_atom_site.occupancy 
_atom_site.B_iso_or_equiv 
_atom_site.pdbx_formal_charge 
_atom_site.auth_seq_id 
_atom_site.auth_comp_id 
_atom_site.auth_asym_id 
_atom_site.auth_atom_id 
_atom_site.pdbx_PDB_model_num 
ATOM   1    N N   . ALA A 1 1   ? 5.396   -19.352 0.189   1.00 20.28 ? 1   ALA A N   1 
ATOM   2    C CA  . ALA A 1 1   ? 4.245   -19.258 -0.750  1.00 19.45 ? 1   ALA A CA  1 
ATOM   3    C C   . ALA A 1 1   ? 4.569   -18.249 -1.844  1.00 18.21 ? 1   ALA A C   1 
ATOM   4    O O   . ALA A 1 1   ? 5.511   -17.473 -1.712  1.00 17.36 ? 1   ALA A O   1 
ATOM   5    C CB  . ALA A 1 1   ? 2.991   -18.837 0.002   1.00 20.27 ? 1   ALA A CB  1 
ATOM   6    N N   . ASN A 1 2   ? 3.785   -18.263 -2.918  1.00 18.25 ? 2   ASN A N   1 
ATOM   7    C CA  . ASN A 1 2   ? 4.007   -17.361 -4.045  1.00 18.21 ? 2   ASN A CA  1 
ATOM   8    C C   . ASN A 1 2   ? 2.762   -16.536 -4.354  1.00 17.15 ? 2   ASN A C   1 
ATOM   9    O O   . ASN A 1 2   ? 1.653   -16.906 -3.975  1.00 15.17 ? 2   ASN A O   1 
ATOM   10   C CB  . ASN A 1 2   ? 4.394   -18.167 -5.288  1.00 23.51 ? 2   ASN A CB  1 
ATOM   11   C CG  . ASN A 1 2   ? 5.516   -19.157 -5.021  1.00 29.78 ? 2   ASN A CG  1 
ATOM   12   O OD1 . ASN A 1 2   ? 5.335   -20.147 -4.305  1.00 34.09 ? 2   ASN A OD1 1 
ATOM   13   N ND2 . ASN A 1 2   ? 6.685   -18.894 -5.595  1.00 32.95 ? 2   ASN A ND2 1 
ATOM   14   N N   . GLY A 1 3   ? 2.942   -15.426 -5.062  1.00 16.45 ? 3   GLY A N   1 
ATOM   15   C CA  . GLY A 1 3   ? 1.803   -14.594 -5.394  1.00 12.78 ? 3   GLY A CA  1 
ATOM   16   C C   . GLY A 1 3   ? 2.070   -13.626 -6.527  1.00 13.79 ? 3   GLY A C   1 
ATOM   17   O O   . GLY A 1 3   ? 3.193   -13.522 -7.016  1.00 12.86 ? 3   GLY A O   1 
ATOM   18   N N   . GLN A 1 4   ? 1.033   -12.912 -6.946  1.00 12.02 ? 4   GLN A N   1 
ATOM   19   C CA  . GLN A 1 4   ? 1.175   -11.945 -8.025  1.00 12.98 ? 4   GLN A CA  1 
ATOM   20   C C   . GLN A 1 4   ? 1.078   -10.537 -7.452  1.00 13.35 ? 4   GLN A C   1 
ATOM   21   O O   . GLN A 1 4   ? 0.448   -10.326 -6.413  1.00 11.60 ? 4   GLN A O   1 
ATOM   22   C CB  . GLN A 1 4   ? 0.074   -12.144 -9.073  1.00 15.05 ? 4   GLN A CB  1 
ATOM   23   C CG  . GLN A 1 4   ? 0.087   -13.492 -9.793  1.00 15.80 ? 4   GLN A CG  1 
ATOM   24   C CD  . GLN A 1 4   ? -0.382  -14.646 -8.921  1.00 18.12 ? 4   GLN A CD  1 
ATOM   25   O OE1 . GLN A 1 4   ? -1.393  -14.543 -8.227  1.00 21.07 ? 4   GLN A OE1 1 
ATOM   26   N NE2 . GLN A 1 4   ? 0.345   -15.757 -8.968  1.00 19.74 ? 4   GLN A NE2 1 
ATOM   27   N N   . SER A 1 5   ? 1.705   -9.569  -8.110  1.00 12.25 ? 5   SER A N   1 
ATOM   28   C CA  . SER A 1 5   ? 1.622   -8.205  -7.615  1.00 12.85 ? 5   SER A CA  1 
ATOM   29   C C   . SER A 1 5   ? 1.073   -7.265  -8.664  1.00 12.82 ? 5   SER A C   1 
ATOM   30   O O   . SER A 1 5   ? 1.011   -7.594  -9.848  1.00 13.55 ? 5   SER A O   1 
ATOM   31   C CB  . SER A 1 5   ? 2.993   -7.678  -7.184  1.00 12.87 ? 5   SER A CB  1 
ATOM   32   O OG  . SER A 1 5   ? 3.752   -7.248  -8.305  1.00 12.93 ? 5   SER A OG  1 
ATOM   33   N N   . THR A 1 6   ? 0.652   -6.098  -8.193  1.00 11.98 ? 6   THR A N   1 
ATOM   34   C CA  . THR A 1 6   ? 0.155   -5.027  -9.043  1.00 11.98 ? 6   THR A CA  1 
ATOM   35   C C   . THR A 1 6   ? 0.485   -3.725  -8.312  1.00 10.68 ? 6   THR A C   1 
ATOM   36   O O   . THR A 1 6   ? 1.132   -3.742  -7.260  1.00 7.38  ? 6   THR A O   1 
ATOM   37   C CB  . THR A 1 6   ? -1.380  -5.124  -9.311  1.00 14.16 ? 6   THR A CB  1 
ATOM   38   O OG1 . THR A 1 6   ? -2.105  -5.016  -8.079  1.00 18.28 ? 6   THR A OG1 1 
ATOM   39   C CG2 . THR A 1 6   ? -1.723  -6.445  -9.975  1.00 18.67 ? 6   THR A CG2 1 
ATOM   40   N N   . ARG A 1 7   ? 0.053   -2.598  -8.863  1.00 10.14 ? 7   ARG A N   1 
ATOM   41   C CA  . ARG A 1 7   ? 0.344   -1.317  -8.242  1.00 9.32  ? 7   ARG A CA  1 
ATOM   42   C C   . ARG A 1 7   ? -0.860  -0.399  -8.313  1.00 10.31 ? 7   ARG A C   1 
ATOM   43   O O   . ARG A 1 7   ? -1.661  -0.478  -9.246  1.00 10.02 ? 7   ARG A O   1 
ATOM   44   C CB  . ARG A 1 7   ? 1.532   -0.653  -8.944  1.00 11.36 ? 7   ARG A CB  1 
ATOM   45   C CG  . ARG A 1 7   ? 1.308   -0.394  -10.444 1.00 10.24 ? 7   ARG A CG  1 
ATOM   46   C CD  . ARG A 1 7   ? 2.472   0.382   -11.051 1.00 13.42 ? 7   ARG A CD  1 
ATOM   47   N NE  . ARG A 1 7   ? 2.270   0.705   -12.462 1.00 14.32 ? 7   ARG A NE  1 
ATOM   48   C CZ  . ARG A 1 7   ? 2.328   -0.179  -13.453 1.00 17.60 ? 7   ARG A CZ  1 
ATOM   49   N NH1 . ARG A 1 7   ? 2.588   -1.455  -13.194 1.00 18.63 ? 7   ARG A NH1 1 
ATOM   50   N NH2 . ARG A 1 7   ? 2.117   0.213   -14.704 1.00 17.34 ? 7   ARG A NH2 1 
ATOM   51   N N   . TYR A 1 8   ? -0.988  0.481   -7.329  1.00 9.61  ? 8   TYR A N   1 
ATOM   52   C CA  . TYR A 1 8   ? -2.110  1.395   -7.328  1.00 9.68  ? 8   TYR A CA  1 
ATOM   53   C C   . TYR A 1 8   ? -1.991  2.458   -6.258  1.00 10.00 ? 8   TYR A C   1 
ATOM   54   O O   . TYR A 1 8   ? -1.177  2.369   -5.338  1.00 9.55  ? 8   TYR A O   1 
ATOM   55   C CB  . TYR A 1 8   ? -3.417  0.632   -7.095  1.00 11.02 ? 8   TYR A CB  1 
ATOM   56   C CG  . TYR A 1 8   ? -3.799  0.489   -5.627  1.00 13.90 ? 8   TYR A CG  1 
ATOM   57   C CD1 . TYR A 1 8   ? -3.002  -0.231  -4.739  1.00 12.99 ? 8   TYR A CD1 1 
ATOM   58   C CD2 . TYR A 1 8   ? -4.952  1.098   -5.127  1.00 14.40 ? 8   TYR A CD2 1 
ATOM   59   C CE1 . TYR A 1 8   ? -3.344  -0.342  -3.390  1.00 14.46 ? 8   TYR A CE1 1 
ATOM   60   C CE2 . TYR A 1 8   ? -5.302  0.993   -3.784  1.00 14.71 ? 8   TYR A CE2 1 
ATOM   61   C CZ  . TYR A 1 8   ? -4.495  0.273   -2.921  1.00 15.40 ? 8   TYR A CZ  1 
ATOM   62   O OH  . TYR A 1 8   ? -4.835  0.172   -1.590  1.00 15.54 ? 8   TYR A OH  1 
ATOM   63   N N   . TRP A 1 9   ? -2.830  3.468   -6.411  1.00 8.95  ? 9   TRP A N   1 
ATOM   64   C CA  . TRP A 1 9   ? -2.953  4.543   -5.454  1.00 9.52  ? 9   TRP A CA  1 
ATOM   65   C C   . TRP A 1 9   ? -4.225  5.269   -5.842  1.00 9.30  ? 9   TRP A C   1 
ATOM   66   O O   . TRP A 1 9   ? -4.251  5.993   -6.834  1.00 8.91  ? 9   TRP A O   1 
ATOM   67   C CB  . TRP A 1 9   ? -1.764  5.494   -5.499  1.00 8.83  ? 9   TRP A CB  1 
ATOM   68   C CG  . TRP A 1 9   ? -1.759  6.394   -4.300  1.00 11.29 ? 9   TRP A CG  1 
ATOM   69   C CD1 . TRP A 1 9   ? -2.533  7.505   -4.100  1.00 11.89 ? 9   TRP A CD1 1 
ATOM   70   C CD2 . TRP A 1 9   ? -0.997  6.212   -3.099  1.00 10.40 ? 9   TRP A CD2 1 
ATOM   71   N NE1 . TRP A 1 9   ? -2.301  8.024   -2.845  1.00 11.79 ? 9   TRP A NE1 1 
ATOM   72   C CE2 . TRP A 1 9   ? -1.365  7.250   -2.212  1.00 11.75 ? 9   TRP A CE2 1 
ATOM   73   C CE3 . TRP A 1 9   ? -0.043  5.272   -2.686  1.00 10.98 ? 9   TRP A CE3 1 
ATOM   74   C CZ2 . TRP A 1 9   ? -0.806  7.373   -0.932  1.00 10.61 ? 9   TRP A CZ2 1 
ATOM   75   C CZ3 . TRP A 1 9   ? 0.512   5.396   -1.414  1.00 9.62  ? 9   TRP A CZ3 1 
ATOM   76   C CH2 . TRP A 1 9   ? 0.127   6.438   -0.554  1.00 11.93 ? 9   TRP A CH2 1 
ATOM   77   N N   . ASP A 1 10  ? -5.293  5.043   -5.079  1.00 8.95  ? 10  ASP A N   1 
ATOM   78   C CA  . ASP A 1 10  ? -6.570  5.687   -5.374  1.00 9.56  ? 10  ASP A CA  1 
ATOM   79   C C   . ASP A 1 10  ? -6.975  6.758   -4.385  1.00 9.19  ? 10  ASP A C   1 
ATOM   80   O O   . ASP A 1 10  ? -8.047  7.343   -4.507  1.00 9.70  ? 10  ASP A O   1 
ATOM   81   C CB  . ASP A 1 10  ? -7.695  4.653   -5.469  1.00 9.39  ? 10  ASP A CB  1 
ATOM   82   C CG  . ASP A 1 10  ? -7.784  3.750   -4.241  1.00 10.52 ? 10  ASP A CG  1 
ATOM   83   O OD1 . ASP A 1 10  ? -7.232  4.118   -3.184  1.00 9.88  ? 10  ASP A OD1 1 
ATOM   84   O OD2 . ASP A 1 10  ? -8.421  2.677   -4.339  1.00 10.57 ? 10  ASP A OD2 1 
ATOM   85   N N   . CYS A 1 11  ? -6.109  7.024   -3.418  1.00 9.53  ? 11  CYS A N   1 
ATOM   86   C CA  . CYS A 1 11  ? -6.389  8.023   -2.393  1.00 10.25 ? 11  CYS A CA  1 
ATOM   87   C C   . CYS A 1 11  ? -7.499  7.615   -1.410  1.00 9.66  ? 11  CYS A C   1 
ATOM   88   O O   . CYS A 1 11  ? -7.789  8.354   -0.480  1.00 9.67  ? 11  CYS A O   1 
ATOM   89   C CB  . CYS A 1 11  ? -6.714  9.382   -3.045  1.00 10.34 ? 11  CYS A CB  1 
ATOM   90   S SG  . CYS A 1 11  ? -5.267  10.090  -3.905  1.00 11.04 ? 11  CYS A SG  1 
ATOM   91   N N   . CYS A 1 12  ? -8.078  6.430   -1.582  1.00 9.19  ? 12  CYS A N   1 
ATOM   92   C CA  . CYS A 1 12  ? -9.144  5.980   -0.691  1.00 9.82  ? 12  CYS A CA  1 
ATOM   93   C C   . CYS A 1 12  ? -8.668  5.590   0.703   1.00 9.45  ? 12  CYS A C   1 
ATOM   94   O O   . CYS A 1 12  ? -7.498  5.257   0.931   1.00 9.31  ? 12  CYS A O   1 
ATOM   95   C CB  . CYS A 1 12  ? -9.857  4.765   -1.259  1.00 10.31 ? 12  CYS A CB  1 
ATOM   96   S SG  . CYS A 1 12  ? -10.559 4.977   -2.924  1.00 11.49 ? 12  CYS A SG  1 
ATOM   97   N N   . LYS A 1 13  ? -9.613  5.606   1.632   1.00 9.30  ? 13  LYS A N   1 
ATOM   98   C CA  . LYS A 1 13  ? -9.335  5.217   3.000   1.00 8.37  ? 13  LYS A CA  1 
ATOM   99   C C   . LYS A 1 13  ? -9.091  3.723   2.943   1.00 8.74  ? 13  LYS A C   1 
ATOM   100  O O   . LYS A 1 13  ? -9.863  2.994   2.321   1.00 8.80  ? 13  LYS A O   1 
ATOM   101  C CB  . LYS A 1 13  ? -10.541 5.515   3.897   1.00 8.78  ? 13  LYS A CB  1 
ATOM   102  C CG  . LYS A 1 13  ? -10.484 4.850   5.269   1.00 6.94  ? 13  LYS A CG  1 
ATOM   103  C CD  . LYS A 1 13  ? -11.502 5.464   6.219   1.00 8.86  ? 13  LYS A CD  1 
ATOM   104  C CE  . LYS A 1 13  ? -11.469 4.812   7.593   1.00 11.93 ? 13  LYS A CE  1 
ATOM   105  N NZ  . LYS A 1 13  ? -12.381 5.512   8.538   1.00 12.25 ? 13  LYS A NZ  1 
ATOM   106  N N   . PRO A 1 14  ? -8.007  3.245   3.576   1.00 10.64 ? 14  PRO A N   1 
ATOM   107  C CA  . PRO A 1 14  ? -7.678  1.814   3.581   1.00 10.35 ? 14  PRO A CA  1 
ATOM   108  C C   . PRO A 1 14  ? -8.726  1.000   4.337   1.00 11.14 ? 14  PRO A C   1 
ATOM   109  O O   . PRO A 1 14  ? -9.246  1.448   5.364   1.00 11.30 ? 14  PRO A O   1 
ATOM   110  C CB  . PRO A 1 14  ? -6.303  1.778   4.246   1.00 9.35  ? 14  PRO A CB  1 
ATOM   111  C CG  . PRO A 1 14  ? -6.376  2.930   5.207   1.00 8.52  ? 14  PRO A CG  1 
ATOM   112  C CD  . PRO A 1 14  ? -7.045  4.012   4.388   1.00 10.11 ? 14  PRO A CD  1 
ATOM   113  N N   . SER A 1 15  ? -9.036  -0.192  3.828   1.00 11.23 ? 15  SER A N   1 
ATOM   114  C CA  . SER A 1 15  ? -10.050 -1.046  4.449   1.00 11.88 ? 15  SER A CA  1 
ATOM   115  C C   . SER A 1 15  ? -9.681  -1.434  5.877   1.00 12.01 ? 15  SER A C   1 
ATOM   116  O O   . SER A 1 15  ? -10.562 -1.645  6.715   1.00 13.62 ? 15  SER A O   1 
ATOM   117  C CB  . SER A 1 15  ? -10.299 -2.307  3.597   1.00 14.42 ? 15  SER A CB  1 
ATOM   118  O OG  . SER A 1 15  ? -9.257  -3.261  3.707   1.00 15.75 ? 15  SER A OG  1 
ATOM   119  N N   . CYS A 1 16  ? -8.381  -1.522  6.155   1.00 10.50 ? 16  CYS A N   1 
ATOM   120  C CA  . CYS A 1 16  ? -7.918  -1.868  7.497   1.00 10.35 ? 16  CYS A CA  1 
ATOM   121  C C   . CYS A 1 16  ? -7.915  -0.621  8.373   1.00 10.19 ? 16  CYS A C   1 
ATOM   122  O O   . CYS A 1 16  ? -7.425  -0.640  9.504   1.00 10.17 ? 16  CYS A O   1 
ATOM   123  C CB  . CYS A 1 16  ? -6.508  -2.445  7.461   1.00 11.55 ? 16  CYS A CB  1 
ATOM   124  S SG  . CYS A 1 16  ? -6.302  -3.928  6.434   1.00 10.20 ? 16  CYS A SG  1 
ATOM   125  N N   . GLY A 1 17  ? -8.468  0.461   7.829   1.00 10.61 ? 17  GLY A N   1 
ATOM   126  C CA  . GLY A 1 17  ? -8.541  1.719   8.547   1.00 10.20 ? 17  GLY A CA  1 
ATOM   127  C C   . GLY A 1 17  ? -9.844  1.877   9.302   1.00 11.43 ? 17  GLY A C   1 
ATOM   128  O O   . GLY A 1 17  ? -10.124 2.945   9.842   1.00 10.00 ? 17  GLY A O   1 
ATOM   129  N N   . TRP A 1 18  ? -10.647 0.818   9.328   1.00 13.31 ? 18  TRP A N   1 
ATOM   130  C CA  . TRP A 1 18  ? -11.915 0.843   10.047  1.00 13.61 ? 18  TRP A CA  1 
ATOM   131  C C   . TRP A 1 18  ? -11.784 -0.051  11.276  1.00 15.34 ? 18  TRP A C   1 
ATOM   132  O O   . TRP A 1 18  ? -11.000 -1.000  11.279  1.00 16.16 ? 18  TRP A O   1 
ATOM   133  C CB  . TRP A 1 18  ? -13.070 0.305   9.187   1.00 14.56 ? 18  TRP A CB  1 
ATOM   134  C CG  . TRP A 1 18  ? -13.303 1.024   7.892   1.00 13.82 ? 18  TRP A CG  1 
ATOM   135  C CD1 . TRP A 1 18  ? -12.826 0.667   6.662   1.00 15.65 ? 18  TRP A CD1 1 
ATOM   136  C CD2 . TRP A 1 18  ? -14.043 2.237   7.697   1.00 13.55 ? 18  TRP A CD2 1 
ATOM   137  N NE1 . TRP A 1 18  ? -13.219 1.580   5.715   1.00 15.15 ? 18  TRP A NE1 1 
ATOM   138  C CE2 . TRP A 1 18  ? -13.967 2.554   6.320   1.00 14.40 ? 18  TRP A CE2 1 
ATOM   139  C CE3 . TRP A 1 18  ? -14.761 3.086   8.549   1.00 14.12 ? 18  TRP A CE3 1 
ATOM   140  C CZ2 . TRP A 1 18  ? -14.580 3.689   5.775   1.00 14.17 ? 18  TRP A CZ2 1 
ATOM   141  C CZ3 . TRP A 1 18  ? -15.373 4.220   8.005   1.00 15.57 ? 18  TRP A CZ3 1 
ATOM   142  C CH2 . TRP A 1 18  ? -15.277 4.507   6.629   1.00 14.82 ? 18  TRP A CH2 1 
ATOM   143  N N   . ARG A 1 19  ? -12.557 0.249   12.313  1.00 15.83 ? 19  ARG A N   1 
ATOM   144  C CA  . ARG A 1 19  ? -12.526 -0.552  13.534  1.00 17.25 ? 19  ARG A CA  1 
ATOM   145  C C   . ARG A 1 19  ? -13.154 -1.916  13.282  1.00 16.88 ? 19  ARG A C   1 
ATOM   146  O O   . ARG A 1 19  ? -14.058 -2.046  12.457  1.00 16.43 ? 19  ARG A O   1 
ATOM   147  C CB  . ARG A 1 19  ? -13.311 0.133   14.653  1.00 18.49 ? 19  ARG A CB  1 
ATOM   148  C CG  . ARG A 1 19  ? -12.676 1.376   15.229  1.00 24.35 ? 19  ARG A CG  1 
ATOM   149  C CD  . ARG A 1 19  ? -13.368 1.748   16.527  1.00 29.26 ? 19  ARG A CD  1 
ATOM   150  N NE  . ARG A 1 19  ? -12.703 2.849   17.215  1.00 35.02 ? 19  ARG A NE  1 
ATOM   151  C CZ  . ARG A 1 19  ? -12.868 4.133   16.915  1.00 38.01 ? 19  ARG A CZ  1 
ATOM   152  N NH1 . ARG A 1 19  ? -13.686 4.492   15.934  1.00 39.77 ? 19  ARG A NH1 1 
ATOM   153  N NH2 . ARG A 1 19  ? -12.207 5.059   17.598  1.00 39.49 ? 19  ARG A NH2 1 
ATOM   154  N N   . GLY A 1 20  ? -12.675 -2.924  14.003  1.00 15.91 ? 20  GLY A N   1 
ATOM   155  C CA  . GLY A 1 20  ? -13.219 -4.264  13.870  1.00 17.17 ? 20  GLY A CA  1 
ATOM   156  C C   . GLY A 1 20  ? -12.822 -5.032  12.624  1.00 17.99 ? 20  GLY A C   1 
ATOM   157  O O   . GLY A 1 20  ? -13.434 -6.053  12.310  1.00 19.13 ? 20  GLY A O   1 
ATOM   158  N N   . LYS A 1 21  ? -11.801 -4.561  11.913  1.00 17.98 ? 21  LYS A N   1 
ATOM   159  C CA  . LYS A 1 21  ? -11.352 -5.237  10.696  1.00 18.30 ? 21  LYS A CA  1 
ATOM   160  C C   . LYS A 1 21  ? -10.218 -6.213  10.962  1.00 17.75 ? 21  LYS A C   1 
ATOM   161  O O   . LYS A 1 21  ? -9.976  -7.124  10.170  1.00 19.72 ? 21  LYS A O   1 
ATOM   162  C CB  . LYS A 1 21  ? -10.897 -4.216  9.652   1.00 18.16 ? 21  LYS A CB  1 
ATOM   163  C CG  . LYS A 1 21  ? -11.995 -3.289  9.191   1.00 21.52 ? 21  LYS A CG  1 
ATOM   164  C CD  . LYS A 1 21  ? -13.176 -4.075  8.646   1.00 23.74 ? 21  LYS A CD  1 
ATOM   165  C CE  . LYS A 1 21  ? -14.307 -3.155  8.243   1.00 27.01 ? 21  LYS A CE  1 
ATOM   166  N NZ  . LYS A 1 21  ? -13.926 -2.260  7.120   1.00 31.23 ? 21  LYS A NZ  1 
ATOM   167  N N   . GLY A 1 22  ? -9.519  -6.012  12.074  1.00 17.14 ? 22  GLY A N   1 
ATOM   168  C CA  . GLY A 1 22  ? -8.420  -6.890  12.427  1.00 14.98 ? 22  GLY A CA  1 
ATOM   169  C C   . GLY A 1 22  ? -8.178  -6.879  13.924  1.00 14.60 ? 22  GLY A C   1 
ATOM   170  O O   . GLY A 1 22  ? -8.646  -5.977  14.613  1.00 13.18 ? 22  GLY A O   1 
ATOM   171  N N   . PRO A 1 23  ? -7.463  -7.878  14.463  1.00 14.95 ? 23  PRO A N   1 
ATOM   172  C CA  . PRO A 1 23  ? -7.176  -7.945  15.902  1.00 15.35 ? 23  PRO A CA  1 
ATOM   173  C C   . PRO A 1 23  ? -5.975  -7.048  16.185  1.00 15.58 ? 23  PRO A C   1 
ATOM   174  O O   . PRO A 1 23  ? -4.860  -7.530  16.386  1.00 16.37 ? 23  PRO A O   1 
ATOM   175  C CB  . PRO A 1 23  ? -6.862  -9.418  16.109  1.00 15.84 ? 23  PRO A CB  1 
ATOM   176  C CG  . PRO A 1 23  ? -6.121  -9.756  14.844  1.00 15.53 ? 23  PRO A CG  1 
ATOM   177  C CD  . PRO A 1 23  ? -6.974  -9.087  13.773  1.00 15.04 ? 23  PRO A CD  1 
ATOM   178  N N   . VAL A 1 24  ? -6.218  -5.741  16.199  1.00 14.60 ? 24  VAL A N   1 
ATOM   179  C CA  . VAL A 1 24  ? -5.158  -4.754  16.394  1.00 14.48 ? 24  VAL A CA  1 
ATOM   180  C C   . VAL A 1 24  ? -5.434  -3.750  17.511  1.00 14.94 ? 24  VAL A C   1 
ATOM   181  O O   . VAL A 1 24  ? -6.563  -3.625  17.974  1.00 15.83 ? 24  VAL A O   1 
ATOM   182  C CB  . VAL A 1 24  ? -4.966  -3.949  15.099  1.00 12.08 ? 24  VAL A CB  1 
ATOM   183  C CG1 . VAL A 1 24  ? -4.704  -4.890  13.920  1.00 10.84 ? 24  VAL A CG1 1 
ATOM   184  C CG2 . VAL A 1 24  ? -6.219  -3.133  14.826  1.00 10.08 ? 24  VAL A CG2 1 
ATOM   185  N N   . ASN A 1 25  ? -4.396  -3.023  17.922  1.00 15.71 ? 25  ASN A N   1 
ATOM   186  C CA  . ASN A 1 25  ? -4.529  -2.005  18.961  1.00 16.42 ? 25  ASN A CA  1 
ATOM   187  C C   . ASN A 1 25  ? -5.451  -0.908  18.439  1.00 15.33 ? 25  ASN A C   1 
ATOM   188  O O   . ASN A 1 25  ? -6.301  -0.397  19.166  1.00 17.37 ? 25  ASN A O   1 
ATOM   189  C CB  . ASN A 1 25  ? -3.155  -1.419  19.311  1.00 16.53 ? 25  ASN A CB  1 
ATOM   190  C CG  . ASN A 1 25  ? -2.468  -0.767  18.114  1.00 18.26 ? 25  ASN A CG  1 
ATOM   191  O OD1 . ASN A 1 25  ? -2.374  -1.354  17.036  1.00 17.46 ? 25  ASN A OD1 1 
ATOM   192  N ND2 . ASN A 1 25  ? -1.979  0.452   18.309  1.00 21.41 ? 25  ASN A ND2 1 
ATOM   193  N N   . GLN A 1 26  ? -5.273  -0.558  17.168  1.00 15.43 ? 26  GLN A N   1 
ATOM   194  C CA  . GLN A 1 26  ? -6.088  0.461   16.508  1.00 14.64 ? 26  GLN A CA  1 
ATOM   195  C C   . GLN A 1 26  ? -5.926  0.310   14.997  1.00 13.24 ? 26  GLN A C   1 
ATOM   196  O O   . GLN A 1 26  ? -4.900  -0.179  14.524  1.00 12.31 ? 26  GLN A O   1 
ATOM   197  C CB  . GLN A 1 26  ? -5.661  1.858   16.953  1.00 17.77 ? 26  GLN A CB  1 
ATOM   198  C CG  . GLN A 1 26  ? -4.191  2.142   16.791  1.00 23.69 ? 26  GLN A CG  1 
ATOM   199  C CD  . GLN A 1 26  ? -3.765  3.378   17.567  1.00 29.11 ? 26  GLN A CD  1 
ATOM   200  O OE1 . GLN A 1 26  ? -4.054  3.504   18.766  1.00 32.69 ? 26  GLN A OE1 1 
ATOM   201  N NE2 . GLN A 1 26  ? -3.076  4.293   16.895  1.00 28.41 ? 26  GLN A NE2 1 
ATOM   202  N N   . PRO A 1 27  ? -6.932  0.732   14.219  1.00 13.06 ? 27  PRO A N   1 
ATOM   203  C CA  . PRO A 1 27  ? -6.815  0.594   12.766  1.00 11.56 ? 27  PRO A CA  1 
ATOM   204  C C   . PRO A 1 27  ? -5.784  1.498   12.100  1.00 12.11 ? 27  PRO A C   1 
ATOM   205  O O   . PRO A 1 27  ? -5.177  2.368   12.739  1.00 11.10 ? 27  PRO A O   1 
ATOM   206  C CB  . PRO A 1 27  ? -8.243  0.855   12.269  1.00 13.42 ? 27  PRO A CB  1 
ATOM   207  C CG  . PRO A 1 27  ? -8.817  1.756   13.299  1.00 15.52 ? 27  PRO A CG  1 
ATOM   208  C CD  . PRO A 1 27  ? -8.247  1.274   14.609  1.00 13.36 ? 27  PRO A CD  1 
ATOM   209  N N   . VAL A 1 28  ? -5.577  1.260   10.810  1.00 9.19  ? 28  VAL A N   1 
ATOM   210  C CA  . VAL A 1 28  ? -4.632  2.044   10.033  1.00 10.12 ? 28  VAL A CA  1 
ATOM   211  C C   . VAL A 1 28  ? -5.113  3.482   9.962   1.00 10.85 ? 28  VAL A C   1 
ATOM   212  O O   . VAL A 1 28  ? -6.303  3.742   9.778   1.00 9.59  ? 28  VAL A O   1 
ATOM   213  C CB  . VAL A 1 28  ? -4.490  1.484   8.601   1.00 10.70 ? 28  VAL A CB  1 
ATOM   214  C CG1 . VAL A 1 28  ? -3.604  2.399   7.765   1.00 6.47  ? 28  VAL A CG1 1 
ATOM   215  C CG2 . VAL A 1 28  ? -3.886  0.079   8.654   1.00 10.16 ? 28  VAL A CG2 1 
ATOM   216  N N   . TYR A 1 29  ? -4.180  4.416   10.118  1.00 10.92 ? 29  TYR A N   1 
ATOM   217  C CA  . TYR A 1 29  ? -4.506  5.833   10.044  1.00 11.59 ? 29  TYR A CA  1 
ATOM   218  C C   . TYR A 1 29  ? -4.906  6.240   8.639   1.00 11.48 ? 29  TYR A C   1 
ATOM   219  O O   . TYR A 1 29  ? -4.380  5.726   7.656   1.00 10.64 ? 29  TYR A O   1 
ATOM   220  C CB  . TYR A 1 29  ? -3.301  6.705   10.410  1.00 12.38 ? 29  TYR A CB  1 
ATOM   221  C CG  . TYR A 1 29  ? -3.103  6.960   11.878  1.00 14.60 ? 29  TYR A CG  1 
ATOM   222  C CD1 . TYR A 1 29  ? -1.943  6.538   12.522  1.00 16.01 ? 29  TYR A CD1 1 
ATOM   223  C CD2 . TYR A 1 29  ? -4.060  7.651   12.620  1.00 15.21 ? 29  TYR A CD2 1 
ATOM   224  C CE1 . TYR A 1 29  ? -1.737  6.797   13.872  1.00 18.31 ? 29  TYR A CE1 1 
ATOM   225  C CE2 . TYR A 1 29  ? -3.865  7.915   13.973  1.00 17.10 ? 29  TYR A CE2 1 
ATOM   226  C CZ  . TYR A 1 29  ? -2.700  7.484   14.590  1.00 18.12 ? 29  TYR A CZ  1 
ATOM   227  O OH  . TYR A 1 29  ? -2.490  7.724   15.927  1.00 19.88 ? 29  TYR A OH  1 
ATOM   228  N N   . SER A 1 30  ? -5.840  7.180   8.570   1.00 11.88 ? 30  SER A N   1 
ATOM   229  C CA  . SER A 1 30  ? -6.271  7.762   7.313   1.00 11.47 ? 30  SER A CA  1 
ATOM   230  C C   . SER A 1 30  ? -5.840  9.212   7.493   1.00 11.42 ? 30  SER A C   1 
ATOM   231  O O   . SER A 1 30  ? -5.512  9.639   8.605   1.00 9.84  ? 30  SER A O   1 
ATOM   232  C CB  . SER A 1 30  ? -7.794  7.689   7.127   1.00 12.19 ? 30  SER A CB  1 
ATOM   233  O OG  . SER A 1 30  ? -8.224  6.374   6.812   1.00 12.19 ? 30  SER A OG  1 
ATOM   234  N N   . CYS A 1 31  ? -5.844  9.960   6.400   1.00 11.24 ? 31  CYS A N   1 
ATOM   235  C CA  . CYS A 1 31  ? -5.442  11.358  6.419   1.00 11.86 ? 31  CYS A CA  1 
ATOM   236  C C   . CYS A 1 31  ? -6.463  12.233  5.709   1.00 10.81 ? 31  CYS A C   1 
ATOM   237  O O   . CYS A 1 31  ? -7.239  11.754  4.882   1.00 12.09 ? 31  CYS A O   1 
ATOM   238  C CB  . CYS A 1 31  ? -4.082  11.513  5.737   1.00 11.33 ? 31  CYS A CB  1 
ATOM   239  S SG  . CYS A 1 31  ? -2.696  11.031  6.806   1.00 11.63 ? 31  CYS A SG  1 
ATOM   240  N N   . ASP A 1 32  ? -6.463  13.520  6.043   1.00 11.09 ? 32  ASP A N   1 
ATOM   241  C CA  . ASP A 1 32  ? -7.376  14.454  5.407   1.00 11.42 ? 32  ASP A CA  1 
ATOM   242  C C   . ASP A 1 32  ? -6.782  14.856  4.068   1.00 11.87 ? 32  ASP A C   1 
ATOM   243  O O   . ASP A 1 32  ? -5.713  14.372  3.680   1.00 11.90 ? 32  ASP A O   1 
ATOM   244  C CB  . ASP A 1 32  ? -7.609  15.695  6.287   1.00 12.60 ? 32  ASP A CB  1 
ATOM   245  C CG  . ASP A 1 32  ? -6.332  16.474  6.578   1.00 16.55 ? 32  ASP A CG  1 
ATOM   246  O OD1 . ASP A 1 32  ? -5.433  16.525  5.713   1.00 15.03 ? 32  ASP A OD1 1 
ATOM   247  O OD2 . ASP A 1 32  ? -6.241  17.063  7.678   1.00 19.25 ? 32  ASP A OD2 1 
ATOM   248  N N   . ALA A 1 33  ? -7.483  15.736  3.365   1.00 11.89 ? 33  ALA A N   1 
ATOM   249  C CA  . ALA A 1 33  ? -7.066  16.210  2.049   1.00 13.28 ? 33  ALA A CA  1 
ATOM   250  C C   . ALA A 1 33  ? -5.639  16.752  1.998   1.00 15.03 ? 33  ALA A C   1 
ATOM   251  O O   . ALA A 1 33  ? -4.972  16.660  0.965   1.00 16.09 ? 33  ALA A O   1 
ATOM   252  C CB  . ALA A 1 33  ? -8.042  17.276  1.558   1.00 13.85 ? 33  ALA A CB  1 
ATOM   253  N N   . ASN A 1 34  ? -5.173  17.319  3.107   1.00 15.45 ? 34  ASN A N   1 
ATOM   254  C CA  . ASN A 1 34  ? -3.829  17.883  3.159   1.00 16.44 ? 34  ASN A CA  1 
ATOM   255  C C   . ASN A 1 34  ? -2.785  16.936  3.738   1.00 15.86 ? 34  ASN A C   1 
ATOM   256  O O   . ASN A 1 34  ? -1.733  17.370  4.211   1.00 14.33 ? 34  ASN A O   1 
ATOM   257  C CB  . ASN A 1 34  ? -3.836  19.194  3.942   1.00 21.46 ? 34  ASN A CB  1 
ATOM   258  C CG  . ASN A 1 34  ? -4.688  20.254  3.281   1.00 25.68 ? 34  ASN A CG  1 
ATOM   259  O OD1 . ASN A 1 34  ? -5.802  20.540  3.723   1.00 30.28 ? 34  ASN A OD1 1 
ATOM   260  N ND2 . ASN A 1 34  ? -4.174  20.835  2.202   1.00 28.09 ? 34  ASN A ND2 1 
ATOM   261  N N   . PHE A 1 35  ? -3.096  15.643  3.708   1.00 14.59 ? 35  PHE A N   1 
ATOM   262  C CA  . PHE A 1 35  ? -2.185  14.600  4.173   1.00 13.75 ? 35  PHE A CA  1 
ATOM   263  C C   . PHE A 1 35  ? -1.887  14.619  5.672   1.00 13.84 ? 35  PHE A C   1 
ATOM   264  O O   . PHE A 1 35  ? -0.841  14.130  6.117   1.00 12.84 ? 35  PHE A O   1 
ATOM   265  C CB  . PHE A 1 35  ? -0.877  14.688  3.384   1.00 13.26 ? 35  PHE A CB  1 
ATOM   266  C CG  . PHE A 1 35  ? -1.062  14.626  1.886   1.00 12.78 ? 35  PHE A CG  1 
ATOM   267  C CD1 . PHE A 1 35  ? -1.317  13.418  1.249   1.00 13.38 ? 35  PHE A CD1 1 
ATOM   268  C CD2 . PHE A 1 35  ? -0.973  15.779  1.115   1.00 13.30 ? 35  PHE A CD2 1 
ATOM   269  C CE1 . PHE A 1 35  ? -1.477  13.357  -0.140  1.00 11.28 ? 35  PHE A CE1 1 
ATOM   270  C CE2 . PHE A 1 35  ? -1.133  15.730  -0.274  1.00 14.71 ? 35  PHE A CE2 1 
ATOM   271  C CZ  . PHE A 1 35  ? -1.383  14.519  -0.898  1.00 13.88 ? 35  PHE A CZ  1 
ATOM   272  N N   . GLN A 1 36  ? -2.811  15.178  6.446   1.00 13.17 ? 36  GLN A N   1 
ATOM   273  C CA  . GLN A 1 36  ? -2.674  15.251  7.899   1.00 13.92 ? 36  GLN A CA  1 
ATOM   274  C C   . GLN A 1 36  ? -3.452  14.090  8.525   1.00 14.17 ? 36  GLN A C   1 
ATOM   275  O O   . GLN A 1 36  ? -4.569  13.797  8.105   1.00 13.73 ? 36  GLN A O   1 
ATOM   276  C CB  . GLN A 1 36  ? -3.236  16.580  8.414   1.00 17.49 ? 36  GLN A CB  1 
ATOM   277  C CG  . GLN A 1 36  ? -2.619  17.817  7.768   1.00 20.86 ? 36  GLN A CG  1 
ATOM   278  C CD  . GLN A 1 36  ? -1.110  17.863  7.916   1.00 23.64 ? 36  GLN A CD  1 
ATOM   279  O OE1 . GLN A 1 36  ? -0.582  17.851  9.029   1.00 25.98 ? 36  GLN A OE1 1 
ATOM   280  N NE2 . GLN A 1 36  ? -0.407  17.917  6.790   1.00 25.89 ? 36  GLN A NE2 1 
ATOM   281  N N   . ARG A 1 37  ? -2.875  13.434  9.528   1.00 13.49 ? 37  ARG A N   1 
ATOM   282  C CA  . ARG A 1 37  ? -3.553  12.307  10.165  1.00 13.69 ? 37  ARG A CA  1 
ATOM   283  C C   . ARG A 1 37  ? -4.903  12.649  10.767  1.00 15.10 ? 37  ARG A C   1 
ATOM   284  O O   . ARG A 1 37  ? -5.074  13.698  11.385  1.00 14.86 ? 37  ARG A O   1 
ATOM   285  C CB  . ARG A 1 37  ? -2.691  11.703  11.270  1.00 14.14 ? 37  ARG A CB  1 
ATOM   286  C CG  . ARG A 1 37  ? -1.649  10.728  10.794  1.00 14.20 ? 37  ARG A CG  1 
ATOM   287  C CD  . ARG A 1 37  ? -0.891  10.152  11.978  1.00 13.05 ? 37  ARG A CD  1 
ATOM   288  N NE  . ARG A 1 37  ? 0.022   9.102   11.553  1.00 13.62 ? 37  ARG A NE  1 
ATOM   289  C CZ  . ARG A 1 37  ? 0.828   8.431   12.369  1.00 12.76 ? 37  ARG A CZ  1 
ATOM   290  N NH1 . ARG A 1 37  ? 0.841   8.701   13.668  1.00 10.45 ? 37  ARG A NH1 1 
ATOM   291  N NH2 . ARG A 1 37  ? 1.614   7.483   11.882  1.00 12.28 ? 37  ARG A NH2 1 
ATOM   292  N N   . ILE A 1 38  ? -5.859  11.748  10.578  1.00 14.62 ? 38  ILE A N   1 
ATOM   293  C CA  . ILE A 1 38  ? -7.191  11.904  11.133  1.00 16.14 ? 38  ILE A CA  1 
ATOM   294  C C   . ILE A 1 38  ? -7.275  10.923  12.294  1.00 15.94 ? 38  ILE A C   1 
ATOM   295  O O   . ILE A 1 38  ? -6.942  9.749   12.139  1.00 16.29 ? 38  ILE A O   1 
ATOM   296  C CB  . ILE A 1 38  ? -8.275  11.547  10.098  1.00 16.90 ? 38  ILE A CB  1 
ATOM   297  C CG1 . ILE A 1 38  ? -8.302  12.603  8.994   1.00 19.56 ? 38  ILE A CG1 1 
ATOM   298  C CG2 . ILE A 1 38  ? -9.629  11.434  10.786  1.00 18.42 ? 38  ILE A CG2 1 
ATOM   299  C CD1 . ILE A 1 38  ? -9.195  12.237  7.808   1.00 18.04 ? 38  ILE A CD1 1 
ATOM   300  N N   . HIS A 1 39  ? -7.708  11.391  13.458  1.00 15.91 ? 39  HIS A N   1 
ATOM   301  C CA  . HIS A 1 39  ? -7.792  10.510  14.614  1.00 17.82 ? 39  HIS A CA  1 
ATOM   302  C C   . HIS A 1 39  ? -9.157  9.872   14.837  1.00 18.02 ? 39  HIS A C   1 
ATOM   303  O O   . HIS A 1 39  ? -9.345  9.109   15.783  1.00 19.76 ? 39  HIS A O   1 
ATOM   304  C CB  . HIS A 1 39  ? -7.320  11.263  15.856  1.00 19.49 ? 39  HIS A CB  1 
ATOM   305  C CG  . HIS A 1 39  ? -5.871  11.632  15.796  1.00 20.45 ? 39  HIS A CG  1 
ATOM   306  N ND1 . HIS A 1 39  ? -4.865  10.714  16.012  1.00 20.46 ? 39  HIS A ND1 1 
ATOM   307  C CD2 . HIS A 1 39  ? -5.258  12.784  15.437  1.00 21.21 ? 39  HIS A CD2 1 
ATOM   308  C CE1 . HIS A 1 39  ? -3.696  11.284  15.782  1.00 20.15 ? 39  HIS A CE1 1 
ATOM   309  N NE2 . HIS A 1 39  ? -3.906  12.539  15.432  1.00 22.06 ? 39  HIS A NE2 1 
ATOM   310  N N   . ASP A 1 40  ? -10.104 10.175  13.955  1.00 17.71 ? 40  ASP A N   1 
ATOM   311  C CA  . ASP A 1 40  ? -11.440 9.593   14.037  1.00 17.73 ? 40  ASP A CA  1 
ATOM   312  C C   . ASP A 1 40  ? -11.496 8.453   13.024  1.00 16.43 ? 40  ASP A C   1 
ATOM   313  O O   . ASP A 1 40  ? -11.579 8.683   11.816  1.00 15.19 ? 40  ASP A O   1 
ATOM   314  C CB  . ASP A 1 40  ? -12.509 10.641  13.710  1.00 20.11 ? 40  ASP A CB  1 
ATOM   315  C CG  . ASP A 1 40  ? -13.918 10.069  13.737  1.00 22.15 ? 40  ASP A CG  1 
ATOM   316  O OD1 . ASP A 1 40  ? -14.089 8.903   14.149  1.00 23.08 ? 40  ASP A OD1 1 
ATOM   317  O OD2 . ASP A 1 40  ? -14.864 10.784  13.349  1.00 25.41 ? 40  ASP A OD2 1 
ATOM   318  N N   . PHE A 1 41  ? -11.442 7.223   13.521  1.00 15.20 ? 41  PHE A N   1 
ATOM   319  C CA  . PHE A 1 41  ? -11.459 6.054   12.654  1.00 15.38 ? 41  PHE A CA  1 
ATOM   320  C C   . PHE A 1 41  ? -12.818 5.771   12.019  1.00 15.96 ? 41  PHE A C   1 
ATOM   321  O O   . PHE A 1 41  ? -12.943 4.873   11.193  1.00 15.11 ? 41  PHE A O   1 
ATOM   322  C CB  . PHE A 1 41  ? -10.945 4.839   13.432  1.00 14.80 ? 41  PHE A CB  1 
ATOM   323  C CG  . PHE A 1 41  ? -9.512  4.983   13.879  1.00 16.65 ? 41  PHE A CG  1 
ATOM   324  C CD1 . PHE A 1 41  ? -8.466  4.890   12.961  1.00 16.09 ? 41  PHE A CD1 1 
ATOM   325  C CD2 . PHE A 1 41  ? -9.210  5.261   15.209  1.00 17.38 ? 41  PHE A CD2 1 
ATOM   326  C CE1 . PHE A 1 41  ? -7.137  5.078   13.362  1.00 17.66 ? 41  PHE A CE1 1 
ATOM   327  C CE2 . PHE A 1 41  ? -7.883  5.451   15.621  1.00 18.16 ? 41  PHE A CE2 1 
ATOM   328  C CZ  . PHE A 1 41  ? -6.850  5.360   14.696  1.00 17.97 ? 41  PHE A CZ  1 
ATOM   329  N N   . ASP A 1 42  ? -13.836 6.539   12.393  1.00 16.87 ? 42  ASP A N   1 
ATOM   330  C CA  . ASP A 1 42  ? -15.154 6.342   11.804  1.00 18.40 ? 42  ASP A CA  1 
ATOM   331  C C   . ASP A 1 42  ? -15.390 7.298   10.641  1.00 18.23 ? 42  ASP A C   1 
ATOM   332  O O   . ASP A 1 42  ? -16.432 7.248   9.987   1.00 19.84 ? 42  ASP A O   1 
ATOM   333  C CB  . ASP A 1 42  ? -16.245 6.508   12.864  1.00 19.48 ? 42  ASP A CB  1 
ATOM   334  C CG  . ASP A 1 42  ? -16.211 5.403   13.899  1.00 22.74 ? 42  ASP A CG  1 
ATOM   335  O OD1 . ASP A 1 42  ? -16.240 4.219   13.496  1.00 21.61 ? 42  ASP A OD1 1 
ATOM   336  O OD2 . ASP A 1 42  ? -16.148 5.713   15.109  1.00 26.31 ? 42  ASP A OD2 1 
ATOM   337  N N   . ALA A 1 43  ? -14.411 8.159   10.378  1.00 17.96 ? 43  ALA A N   1 
ATOM   338  C CA  . ALA A 1 43  ? -14.518 9.119   9.286   1.00 16.72 ? 43  ALA A CA  1 
ATOM   339  C C   . ALA A 1 43  ? -14.804 8.419   7.964   1.00 15.61 ? 43  ALA A C   1 
ATOM   340  O O   . ALA A 1 43  ? -14.206 7.391   7.634   1.00 15.90 ? 43  ALA A O   1 
ATOM   341  C CB  . ALA A 1 43  ? -13.235 9.948   9.177   1.00 15.95 ? 43  ALA A CB  1 
ATOM   342  N N   . VAL A 1 44  ? -15.726 8.994   7.207   1.00 15.22 ? 44  VAL A N   1 
ATOM   343  C CA  . VAL A 1 44  ? -16.118 8.446   5.920   1.00 13.17 ? 44  VAL A CA  1 
ATOM   344  C C   . VAL A 1 44  ? -14.985 8.557   4.905   1.00 13.06 ? 44  VAL A C   1 
ATOM   345  O O   . VAL A 1 44  ? -14.234 9.531   4.899   1.00 12.28 ? 44  VAL A O   1 
ATOM   346  C CB  . VAL A 1 44  ? -17.367 9.175   5.394   1.00 12.59 ? 44  VAL A CB  1 
ATOM   347  C CG1 . VAL A 1 44  ? -17.742 8.667   4.011   1.00 12.94 ? 44  VAL A CG1 1 
ATOM   348  C CG2 . VAL A 1 44  ? -18.516 8.964   6.370   1.00 14.13 ? 44  VAL A CG2 1 
ATOM   349  N N   . SER A 1 45  ? -14.873 7.546   4.051   1.00 12.98 ? 45  SER A N   1 
ATOM   350  C CA  . SER A 1 45  ? -13.836 7.509   3.032   1.00 12.64 ? 45  SER A CA  1 
ATOM   351  C C   . SER A 1 45  ? -13.975 8.634   2.029   1.00 13.92 ? 45  SER A C   1 
ATOM   352  O O   . SER A 1 45  ? -15.083 8.987   1.621   1.00 13.13 ? 45  SER A O   1 
ATOM   353  C CB  . SER A 1 45  ? -13.871 6.182   2.281   1.00 12.39 ? 45  SER A CB  1 
ATOM   354  O OG  . SER A 1 45  ? -12.921 6.193   1.233   1.00 13.16 ? 45  SER A OG  1 
ATOM   355  N N   . GLY A 1 46  ? -12.835 9.189   1.631   1.00 12.46 ? 46  GLY A N   1 
ATOM   356  C CA  . GLY A 1 46  ? -12.835 10.258  0.654   1.00 13.27 ? 46  GLY A CA  1 
ATOM   357  C C   . GLY A 1 46  ? -13.348 9.747   -0.679  1.00 14.91 ? 46  GLY A C   1 
ATOM   358  O O   . GLY A 1 46  ? -13.647 10.530  -1.587  1.00 15.63 ? 46  GLY A O   1 
ATOM   359  N N   . CYS A 1 47  ? -13.449 8.426   -0.806  1.00 14.55 ? 47  CYS A N   1 
ATOM   360  C CA  . CYS A 1 47  ? -13.912 7.846   -2.056  1.00 15.52 ? 47  CYS A CA  1 
ATOM   361  C C   . CYS A 1 47  ? -15.429 7.661   -2.026  1.00 17.33 ? 47  CYS A C   1 
ATOM   362  O O   . CYS A 1 47  ? -16.028 7.202   -2.998  1.00 16.50 ? 47  CYS A O   1 
ATOM   363  C CB  . CYS A 1 47  ? -13.209 6.515   -2.338  1.00 15.80 ? 47  CYS A CB  1 
ATOM   364  S SG  . CYS A 1 47  ? -11.491 6.782   -2.881  1.00 12.94 ? 47  CYS A SG  1 
ATOM   365  N N   . GLU A 1 48  ? -16.049 8.079   -0.924  1.00 18.53 ? 48  GLU A N   1 
ATOM   366  C CA  . GLU A 1 48  ? -17.495 7.999   -0.747  1.00 19.28 ? 48  GLU A CA  1 
ATOM   367  C C   . GLU A 1 48  ? -18.039 9.292   -0.168  1.00 18.02 ? 48  GLU A C   1 
ATOM   368  O O   . GLU A 1 48  ? -18.994 9.284   0.608   1.00 18.36 ? 48  GLU A O   1 
ATOM   369  C CB  . GLU A 1 48  ? -17.854 6.821   0.153   1.00 20.75 ? 48  GLU A CB  1 
ATOM   370  C CG  . GLU A 1 48  ? -17.603 5.479   -0.500  1.00 23.03 ? 48  GLU A CG  1 
ATOM   371  C CD  . GLU A 1 48  ? -18.177 4.341   0.304   1.00 25.20 ? 48  GLU A CD  1 
ATOM   372  O OE1 . GLU A 1 48  ? -19.344 4.451   0.730   1.00 25.85 ? 48  GLU A OE1 1 
ATOM   373  O OE2 . GLU A 1 48  ? -17.461 3.339   0.501   1.00 30.21 ? 48  GLU A OE2 1 
ATOM   374  N N   . GLY A 1 49  ? -17.407 10.401  -0.548  1.00 16.60 ? 49  GLY A N   1 
ATOM   375  C CA  . GLY A 1 49  ? -17.847 11.710  -0.099  1.00 16.17 ? 49  GLY A CA  1 
ATOM   376  C C   . GLY A 1 49  ? -17.274 12.196  1.214   1.00 16.80 ? 49  GLY A C   1 
ATOM   377  O O   . GLY A 1 49  ? -17.496 13.342  1.602   1.00 18.14 ? 49  GLY A O   1 
ATOM   378  N N   . GLY A 1 50  ? -16.530 11.328  1.893   1.00 15.42 ? 50  GLY A N   1 
ATOM   379  C CA  . GLY A 1 50  ? -15.945 11.687  3.168   1.00 15.40 ? 50  GLY A CA  1 
ATOM   380  C C   . GLY A 1 50  ? -14.616 12.412  3.072   1.00 14.53 ? 50  GLY A C   1 
ATOM   381  O O   . GLY A 1 50  ? -14.100 12.641  1.980   1.00 14.64 ? 50  GLY A O   1 
ATOM   382  N N   . PRO A 1 51  ? -14.035 12.783  4.222   1.00 13.26 ? 51  PRO A N   1 
ATOM   383  C CA  . PRO A 1 51  ? -12.760 13.493  4.318   1.00 13.31 ? 51  PRO A CA  1 
ATOM   384  C C   . PRO A 1 51  ? -11.545 12.596  4.554   1.00 12.24 ? 51  PRO A C   1 
ATOM   385  O O   . PRO A 1 51  ? -10.421 13.090  4.597   1.00 12.21 ? 51  PRO A O   1 
ATOM   386  C CB  . PRO A 1 51  ? -12.996 14.404  5.505   1.00 14.17 ? 51  PRO A CB  1 
ATOM   387  C CG  . PRO A 1 51  ? -13.697 13.453  6.445   1.00 13.26 ? 51  PRO A CG  1 
ATOM   388  C CD  . PRO A 1 51  ? -14.725 12.793  5.527   1.00 12.87 ? 51  PRO A CD  1 
ATOM   389  N N   . ALA A 1 52  ? -11.770 11.291  4.706   1.00 12.25 ? 52  ALA A N   1 
ATOM   390  C CA  . ALA A 1 52  ? -10.680 10.354  4.991   1.00 11.10 ? 52  ALA A CA  1 
ATOM   391  C C   . ALA A 1 52  ? -10.014 9.747   3.759   1.00 11.33 ? 52  ALA A C   1 
ATOM   392  O O   . ALA A 1 52  ? -10.605 8.926   3.059   1.00 10.52 ? 52  ALA A O   1 
ATOM   393  C CB  . ALA A 1 52  ? -11.185 9.250   5.914   1.00 10.20 ? 52  ALA A CB  1 
ATOM   394  N N   . PHE A 1 53  ? -8.768  10.146  3.523   1.00 10.50 ? 53  PHE A N   1 
ATOM   395  C CA  . PHE A 1 53  ? -7.994  9.672   2.384   1.00 12.02 ? 53  PHE A CA  1 
ATOM   396  C C   . PHE A 1 53  ? -6.773  8.875   2.825   1.00 11.60 ? 53  PHE A C   1 
ATOM   397  O O   . PHE A 1 53  ? -6.503  8.753   4.022   1.00 12.06 ? 53  PHE A O   1 
ATOM   398  C CB  . PHE A 1 53  ? -7.543  10.859  1.531   1.00 10.52 ? 53  PHE A CB  1 
ATOM   399  C CG  . PHE A 1 53  ? -8.677  11.708  1.019   1.00 11.59 ? 53  PHE A CG  1 
ATOM   400  C CD1 . PHE A 1 53  ? -9.211  12.731  1.794   1.00 11.90 ? 53  PHE A CD1 1 
ATOM   401  C CD2 . PHE A 1 53  ? -9.205  11.482  -0.249  1.00 13.81 ? 53  PHE A CD2 1 
ATOM   402  C CE1 . PHE A 1 53  ? -10.258 13.526  1.310   1.00 13.24 ? 53  PHE A CE1 1 
ATOM   403  C CE2 . PHE A 1 53  ? -10.252 12.268  -0.743  1.00 12.97 ? 53  PHE A CE2 1 
ATOM   404  C CZ  . PHE A 1 53  ? -10.777 13.290  0.035   1.00 11.79 ? 53  PHE A CZ  1 
ATOM   405  N N   . SER A 1 54  ? -6.039  8.328   1.858   1.00 11.22 ? 54  SER A N   1 
ATOM   406  C CA  . SER A 1 54  ? -4.841  7.558   2.172   1.00 12.10 ? 54  SER A CA  1 
ATOM   407  C C   . SER A 1 54  ? -3.711  8.527   2.491   1.00 11.21 ? 54  SER A C   1 
ATOM   408  O O   . SER A 1 54  ? -3.509  9.525   1.790   1.00 10.45 ? 54  SER A O   1 
ATOM   409  C CB  . SER A 1 54  ? -4.436  6.663   0.995   1.00 13.67 ? 54  SER A CB  1 
ATOM   410  O OG  . SER A 1 54  ? -4.125  7.439   -0.146  1.00 20.51 ? 54  SER A OG  1 
ATOM   411  N N   . CYS A 1 55  ? -2.980  8.231   3.560   1.00 10.01 ? 55  CYS A N   1 
ATOM   412  C CA  . CYS A 1 55  ? -1.864  9.071   3.985   1.00 10.51 ? 55  CYS A CA  1 
ATOM   413  C C   . CYS A 1 55  ? -0.660  8.936   3.049   1.00 11.64 ? 55  CYS A C   1 
ATOM   414  O O   . CYS A 1 55  ? -0.334  7.840   2.600   1.00 11.00 ? 55  CYS A O   1 
ATOM   415  C CB  . CYS A 1 55  ? -1.424  8.692   5.393   1.00 10.67 ? 55  CYS A CB  1 
ATOM   416  S SG  . CYS A 1 55  ? -2.641  9.004   6.697   1.00 11.05 ? 55  CYS A SG  1 
ATOM   417  N N   . ALA A 1 56  ? 0.002   10.050  2.760   1.00 12.24 ? 56  ALA A N   1 
ATOM   418  C CA  . ALA A 1 56  ? 1.169   10.024  1.882   1.00 12.38 ? 56  ALA A CA  1 
ATOM   419  C C   . ALA A 1 56  ? 2.342   9.266   2.499   1.00 12.54 ? 56  ALA A C   1 
ATOM   420  O O   . ALA A 1 56  ? 3.157   8.691   1.779   1.00 13.26 ? 56  ALA A O   1 
ATOM   421  C CB  . ALA A 1 56  ? 1.598   11.444  1.538   1.00 11.40 ? 56  ALA A CB  1 
ATOM   422  N N   . ASP A 1 57  ? 2.438   9.262   3.825   1.00 12.49 ? 57  ASP A N   1 
ATOM   423  C CA  . ASP A 1 57  ? 3.539   8.569   4.478   1.00 13.96 ? 57  ASP A CA  1 
ATOM   424  C C   . ASP A 1 57  ? 3.363   7.051   4.414   1.00 14.10 ? 57  ASP A C   1 
ATOM   425  O O   . ASP A 1 57  ? 4.198   6.314   4.930   1.00 13.24 ? 57  ASP A O   1 
ATOM   426  C CB  . ASP A 1 57  ? 3.663   9.023   5.931   1.00 18.42 ? 57  ASP A CB  1 
ATOM   427  C CG  . ASP A 1 57  ? 2.452   8.661   6.748   1.00 21.95 ? 57  ASP A CG  1 
ATOM   428  O OD1 . ASP A 1 57  ? 2.336   7.488   7.165   1.00 30.19 ? 57  ASP A OD1 1 
ATOM   429  O OD2 . ASP A 1 57  ? 1.606   9.548   6.956   1.00 26.48 ? 57  ASP A OD2 1 
ATOM   430  N N   . HIS A 1 58  ? 2.273   6.587   3.800   1.00 11.93 ? 58  HIS A N   1 
ATOM   431  C CA  . HIS A 1 58  ? 2.042   5.149   3.640   1.00 11.71 ? 58  HIS A CA  1 
ATOM   432  C C   . HIS A 1 58  ? 2.535   4.792   2.236   1.00 10.80 ? 58  HIS A C   1 
ATOM   433  O O   . HIS A 1 58  ? 1.864   4.081   1.480   1.00 11.38 ? 58  HIS A O   1 
ATOM   434  C CB  . HIS A 1 58  ? 0.554   4.791   3.758   1.00 11.82 ? 58  HIS A CB  1 
ATOM   435  C CG  . HIS A 1 58  ? -0.013  4.951   5.139   1.00 10.90 ? 58  HIS A CG  1 
ATOM   436  N ND1 . HIS A 1 58  ? 0.675   5.549   6.171   1.00 11.92 ? 58  HIS A ND1 1 
ATOM   437  C CD2 . HIS A 1 58  ? -1.234  4.638   5.634   1.00 6.68  ? 58  HIS A CD2 1 
ATOM   438  C CE1 . HIS A 1 58  ? -0.099  5.602   7.242   1.00 7.90  ? 58  HIS A CE1 1 
ATOM   439  N NE2 . HIS A 1 58  ? -1.262  5.055   6.942   1.00 11.90 ? 58  HIS A NE2 1 
ATOM   440  N N   . SER A 1 59  ? 3.707   5.316   1.892   1.00 11.99 ? 59  SER A N   1 
ATOM   441  C CA  . SER A 1 59  ? 4.319   5.063   0.592   1.00 12.12 ? 59  SER A CA  1 
ATOM   442  C C   . SER A 1 59  ? 5.520   4.168   0.810   1.00 10.92 ? 59  SER A C   1 
ATOM   443  O O   . SER A 1 59  ? 6.026   4.054   1.925   1.00 11.34 ? 59  SER A O   1 
ATOM   444  C CB  . SER A 1 59  ? 4.802   6.366   -0.056  1.00 12.94 ? 59  SER A CB  1 
ATOM   445  O OG  . SER A 1 59  ? 3.726   7.188   -0.457  1.00 15.97 ? 59  SER A OG  1 
ATOM   446  N N   . PRO A 1 60  ? 5.991   3.517   -0.261  1.00 10.66 ? 60  PRO A N   1 
ATOM   447  C CA  . PRO A 1 60  ? 7.149   2.626   -0.200  1.00 8.12  ? 60  PRO A CA  1 
ATOM   448  C C   . PRO A 1 60  ? 8.420   3.468   -0.223  1.00 9.41  ? 60  PRO A C   1 
ATOM   449  O O   . PRO A 1 60  ? 8.411   4.592   -0.731  1.00 8.18  ? 60  PRO A O   1 
ATOM   450  C CB  . PRO A 1 60  ? 6.990   1.790   -1.462  1.00 9.21  ? 60  PRO A CB  1 
ATOM   451  C CG  . PRO A 1 60  ? 6.453   2.808   -2.437  1.00 9.29  ? 60  PRO A CG  1 
ATOM   452  C CD  . PRO A 1 60  ? 5.414   3.543   -1.618  1.00 8.32  ? 60  PRO A CD  1 
ATOM   453  N N   . TRP A 1 61  ? 9.497   2.933   0.345   1.00 8.07  ? 61  TRP A N   1 
ATOM   454  C CA  . TRP A 1 61  ? 10.781  3.624   0.356   1.00 8.96  ? 61  TRP A CA  1 
ATOM   455  C C   . TRP A 1 61  ? 11.916  2.611   0.486   1.00 9.78  ? 61  TRP A C   1 
ATOM   456  O O   . TRP A 1 61  ? 11.745  1.520   1.041   1.00 8.14  ? 61  TRP A O   1 
ATOM   457  C CB  . TRP A 1 61  ? 10.841  4.669   1.487   1.00 10.71 ? 61  TRP A CB  1 
ATOM   458  C CG  . TRP A 1 61  ? 11.154  4.156   2.871   1.00 11.11 ? 61  TRP A CG  1 
ATOM   459  C CD1 . TRP A 1 61  ? 12.372  4.175   3.501   1.00 12.30 ? 61  TRP A CD1 1 
ATOM   460  C CD2 . TRP A 1 61  ? 10.226  3.613   3.816   1.00 10.64 ? 61  TRP A CD2 1 
ATOM   461  N NE1 . TRP A 1 61  ? 12.253  3.686   4.783   1.00 9.95  ? 61  TRP A NE1 1 
ATOM   462  C CE2 . TRP A 1 61  ? 10.947  3.333   5.001   1.00 11.09 ? 61  TRP A CE2 1 
ATOM   463  C CE3 . TRP A 1 61  ? 8.853   3.340   3.778   1.00 11.98 ? 61  TRP A CE3 1 
ATOM   464  C CZ2 . TRP A 1 61  ? 10.337  2.791   6.142   1.00 10.96 ? 61  TRP A CZ2 1 
ATOM   465  C CZ3 . TRP A 1 61  ? 8.244   2.800   4.911   1.00 11.97 ? 61  TRP A CZ3 1 
ATOM   466  C CH2 . TRP A 1 61  ? 8.992   2.532   6.080   1.00 11.24 ? 61  TRP A CH2 1 
ATOM   467  N N   . ALA A 1 62  ? 13.074  2.970   -0.046  1.00 10.60 ? 62  ALA A N   1 
ATOM   468  C CA  . ALA A 1 62  ? 14.216  2.083   -0.006  1.00 11.36 ? 62  ALA A CA  1 
ATOM   469  C C   . ALA A 1 62  ? 15.029  2.221   1.264   1.00 11.00 ? 62  ALA A C   1 
ATOM   470  O O   . ALA A 1 62  ? 15.282  3.327   1.747   1.00 12.16 ? 62  ALA A O   1 
ATOM   471  C CB  . ALA A 1 62  ? 15.105  2.331   -1.216  1.00 13.37 ? 62  ALA A CB  1 
ATOM   472  N N   . ILE A 1 63  ? 15.413  1.077   1.812   1.00 11.13 ? 63  ILE A N   1 
ATOM   473  C CA  . ILE A 1 63  ? 16.251  1.039   2.992   1.00 10.68 ? 63  ILE A CA  1 
ATOM   474  C C   . ILE A 1 63  ? 17.648  1.062   2.385   1.00 10.31 ? 63  ILE A C   1 
ATOM   475  O O   . ILE A 1 63  ? 18.548  1.754   2.868   1.00 10.88 ? 63  ILE A O   1 
ATOM   476  C CB  . ILE A 1 63  ? 16.039  -0.265  3.777   1.00 11.03 ? 63  ILE A CB  1 
ATOM   477  C CG1 . ILE A 1 63  ? 14.574  -0.372  4.207   1.00 12.84 ? 63  ILE A CG1 1 
ATOM   478  C CG2 . ILE A 1 63  ? 16.961  -0.307  4.985   1.00 12.58 ? 63  ILE A CG2 1 
ATOM   479  C CD1 . ILE A 1 63  ? 14.062  0.838   4.963   1.00 13.41 ? 63  ILE A CD1 1 
ATOM   480  N N   . ASN A 1 64  ? 17.801  0.305   1.303   1.00 10.84 ? 64  ASN A N   1 
ATOM   481  C CA  . ASN A 1 64  ? 19.053  0.227   0.558   1.00 10.52 ? 64  ASN A CA  1 
ATOM   482  C C   . ASN A 1 64  ? 18.750  -0.297  -0.845  1.00 11.67 ? 64  ASN A C   1 
ATOM   483  O O   . ASN A 1 64  ? 17.592  -0.571  -1.176  1.00 9.05  ? 64  ASN A O   1 
ATOM   484  C CB  . ASN A 1 64  ? 20.073  -0.660  1.289   1.00 12.17 ? 64  ASN A CB  1 
ATOM   485  C CG  . ASN A 1 64  ? 19.550  -2.048  1.571   1.00 8.98  ? 64  ASN A CG  1 
ATOM   486  O OD1 . ASN A 1 64  ? 19.095  -2.741  0.669   1.00 10.51 ? 64  ASN A OD1 1 
ATOM   487  N ND2 . ASN A 1 64  ? 19.625  -2.464  2.833   1.00 10.72 ? 64  ASN A ND2 1 
ATOM   488  N N   . ASP A 1 65  ? 19.773  -0.445  -1.679  1.00 9.45  ? 65  ASP A N   1 
ATOM   489  C CA  . ASP A 1 65  ? 19.541  -0.889  -3.051  1.00 12.07 ? 65  ASP A CA  1 
ATOM   490  C C   . ASP A 1 65  ? 18.856  -2.246  -3.196  1.00 11.09 ? 65  ASP A C   1 
ATOM   491  O O   . ASP A 1 65  ? 18.265  -2.536  -4.235  1.00 12.60 ? 65  ASP A O   1 
ATOM   492  C CB  . ASP A 1 65  ? 20.864  -0.900  -3.834  1.00 12.82 ? 65  ASP A CB  1 
ATOM   493  C CG  . ASP A 1 65  ? 21.542  0.464   -3.858  1.00 16.81 ? 65  ASP A CG  1 
ATOM   494  O OD1 . ASP A 1 65  ? 20.933  1.442   -3.384  1.00 17.90 ? 65  ASP A OD1 1 
ATOM   495  O OD2 . ASP A 1 65  ? 22.684  0.562   -4.358  1.00 19.31 ? 65  ASP A OD2 1 
ATOM   496  N N   . ASN A 1 66  ? 18.906  -3.069  -2.154  1.00 11.90 ? 66  ASN A N   1 
ATOM   497  C CA  . ASN A 1 66  ? 18.321  -4.400  -2.242  1.00 10.76 ? 66  ASN A CA  1 
ATOM   498  C C   . ASN A 1 66  ? 17.018  -4.615  -1.478  1.00 10.81 ? 66  ASN A C   1 
ATOM   499  O O   . ASN A 1 66  ? 16.280  -5.569  -1.760  1.00 11.01 ? 66  ASN A O   1 
ATOM   500  C CB  . ASN A 1 66  ? 19.343  -5.434  -1.762  1.00 12.28 ? 66  ASN A CB  1 
ATOM   501  C CG  . ASN A 1 66  ? 19.098  -6.806  -2.350  1.00 15.45 ? 66  ASN A CG  1 
ATOM   502  O OD1 . ASN A 1 66  ? 19.299  -7.018  -3.544  1.00 17.80 ? 66  ASN A OD1 1 
ATOM   503  N ND2 . ASN A 1 66  ? 18.647  -7.740  -1.521  1.00 14.83 ? 66  ASN A ND2 1 
ATOM   504  N N   . LEU A 1 67  ? 16.745  -3.720  -0.526  1.00 10.60 ? 67  LEU A N   1 
ATOM   505  C CA  . LEU A 1 67  ? 15.576  -3.802  0.359   1.00 9.12  ? 67  LEU A CA  1 
ATOM   506  C C   . LEU A 1 67  ? 14.731  -2.534  0.531   1.00 8.42  ? 67  LEU A C   1 
ATOM   507  O O   . LEU A 1 67  ? 15.256  -1.455  0.794   1.00 6.89  ? 67  LEU A O   1 
ATOM   508  C CB  . LEU A 1 67  ? 16.041  -4.255  1.753   1.00 8.66  ? 67  LEU A CB  1 
ATOM   509  C CG  . LEU A 1 67  ? 15.062  -4.179  2.934   1.00 10.23 ? 67  LEU A CG  1 
ATOM   510  C CD1 . LEU A 1 67  ? 14.007  -5.269  2.777   1.00 7.90  ? 67  LEU A CD1 1 
ATOM   511  C CD2 . LEU A 1 67  ? 15.809  -4.346  4.259   1.00 9.41  ? 67  LEU A CD2 1 
ATOM   512  N N   . SER A 1 68  ? 13.415  -2.694  0.393   1.00 10.12 ? 68  SER A N   1 
ATOM   513  C CA  . SER A 1 68  ? 12.457  -1.605  0.578   1.00 8.66  ? 68  SER A CA  1 
ATOM   514  C C   . SER A 1 68  ? 11.359  -2.013  1.562   1.00 10.20 ? 68  SER A C   1 
ATOM   515  O O   . SER A 1 68  ? 11.079  -3.201  1.750   1.00 10.49 ? 68  SER A O   1 
ATOM   516  C CB  . SER A 1 68  ? 11.778  -1.231  -0.745  1.00 10.50 ? 68  SER A CB  1 
ATOM   517  O OG  . SER A 1 68  ? 12.609  -0.411  -1.543  1.00 11.55 ? 68  SER A OG  1 
ATOM   518  N N   . TYR A 1 69  ? 10.751  -1.015  2.197   1.00 8.67  ? 69  TYR A N   1 
ATOM   519  C CA  . TYR A 1 69  ? 9.633   -1.228  3.112   1.00 10.35 ? 69  TYR A CA  1 
ATOM   520  C C   . TYR A 1 69  ? 8.453   -0.578  2.401   1.00 10.29 ? 69  TYR A C   1 
ATOM   521  O O   . TYR A 1 69  ? 8.620   0.414   1.681   1.00 10.36 ? 69  TYR A O   1 
ATOM   522  C CB  . TYR A 1 69  ? 9.855   -0.525  4.456   1.00 11.80 ? 69  TYR A CB  1 
ATOM   523  C CG  . TYR A 1 69  ? 10.756  -1.250  5.441   1.00 12.55 ? 69  TYR A CG  1 
ATOM   524  C CD1 . TYR A 1 69  ? 10.915  -0.766  6.742   1.00 12.23 ? 69  TYR A CD1 1 
ATOM   525  C CD2 . TYR A 1 69  ? 11.446  -2.409  5.081   1.00 13.27 ? 69  TYR A CD2 1 
ATOM   526  C CE1 . TYR A 1 69  ? 11.735  -1.416  7.662   1.00 12.92 ? 69  TYR A CE1 1 
ATOM   527  C CE2 . TYR A 1 69  ? 12.270  -3.069  5.995   1.00 11.98 ? 69  TYR A CE2 1 
ATOM   528  C CZ  . TYR A 1 69  ? 12.406  -2.563  7.283   1.00 13.13 ? 69  TYR A CZ  1 
ATOM   529  O OH  . TYR A 1 69  ? 13.202  -3.205  8.204   1.00 15.95 ? 69  TYR A OH  1 
ATOM   530  N N   . GLY A 1 70  ? 7.262   -1.131  2.591   1.00 9.01  ? 70  GLY A N   1 
ATOM   531  C CA  . GLY A 1 70  ? 6.097   -0.567  1.938   1.00 8.13  ? 70  GLY A CA  1 
ATOM   532  C C   . GLY A 1 70  ? 4.759   -1.025  2.481   1.00 8.88  ? 70  GLY A C   1 
ATOM   533  O O   . GLY A 1 70  ? 4.668   -1.634  3.550   1.00 5.92  ? 70  GLY A O   1 
ATOM   534  N N   . PHE A 1 71  ? 3.714   -0.743  1.709   1.00 8.49  ? 71  PHE A N   1 
ATOM   535  C CA  . PHE A 1 71  ? 2.348   -1.068  2.092   1.00 9.64  ? 71  PHE A CA  1 
ATOM   536  C C   . PHE A 1 71  ? 1.577   -1.615  0.896   1.00 10.59 ? 71  PHE A C   1 
ATOM   537  O O   . PHE A 1 71  ? 1.920   -1.328  -0.256  1.00 10.92 ? 71  PHE A O   1 
ATOM   538  C CB  . PHE A 1 71  ? 1.676   0.206   2.618   1.00 9.85  ? 71  PHE A CB  1 
ATOM   539  C CG  . PHE A 1 71  ? 2.440   0.870   3.738   1.00 9.35  ? 71  PHE A CG  1 
ATOM   540  C CD1 . PHE A 1 71  ? 2.238   0.477   5.059   1.00 9.73  ? 71  PHE A CD1 1 
ATOM   541  C CD2 . PHE A 1 71  ? 3.386   1.860   3.470   1.00 9.03  ? 71  PHE A CD2 1 
ATOM   542  C CE1 . PHE A 1 71  ? 2.967   1.055   6.099   1.00 9.50  ? 71  PHE A CE1 1 
ATOM   543  C CE2 . PHE A 1 71  ? 4.124   2.447   4.504   1.00 7.74  ? 71  PHE A CE2 1 
ATOM   544  C CZ  . PHE A 1 71  ? 3.915   2.045   5.821   1.00 9.73  ? 71  PHE A CZ  1 
ATOM   545  N N   . ALA A 1 72  ? 0.544   -2.409  1.165   1.00 9.14  ? 72  ALA A N   1 
ATOM   546  C CA  . ALA A 1 72  ? -0.252  -2.971  0.086   1.00 8.94  ? 72  ALA A CA  1 
ATOM   547  C C   . ALA A 1 72  ? -1.628  -3.440  0.508   1.00 8.85  ? 72  ALA A C   1 
ATOM   548  O O   . ALA A 1 72  ? -1.909  -3.625  1.693   1.00 8.31  ? 72  ALA A O   1 
ATOM   549  C CB  . ALA A 1 72  ? 0.492   -4.136  -0.564  1.00 6.94  ? 72  ALA A CB  1 
ATOM   550  N N   . ALA A 1 73  ? -2.485  -3.603  -0.497  1.00 7.86  ? 73  ALA A N   1 
ATOM   551  C CA  . ALA A 1 73  ? -3.823  -4.127  -0.310  1.00 10.56 ? 73  ALA A CA  1 
ATOM   552  C C   . ALA A 1 73  ? -3.490  -5.593  -0.553  1.00 12.71 ? 73  ALA A C   1 
ATOM   553  O O   . ALA A 1 73  ? -2.733  -5.915  -1.476  1.00 11.13 ? 73  ALA A O   1 
ATOM   554  C CB  . ALA A 1 73  ? -4.764  -3.603  -1.393  1.00 9.52  ? 73  ALA A CB  1 
ATOM   555  N N   . THR A 1 74  ? -4.014  -6.483  0.276   1.00 13.47 ? 74  THR A N   1 
ATOM   556  C CA  . THR A 1 74  ? -3.702  -7.891  0.110   1.00 14.46 ? 74  THR A CA  1 
ATOM   557  C C   . THR A 1 74  ? -4.944  -8.763  0.024   1.00 15.10 ? 74  THR A C   1 
ATOM   558  O O   . THR A 1 74  ? -6.046  -8.334  0.370   1.00 15.54 ? 74  THR A O   1 
ATOM   559  C CB  . THR A 1 74  ? -2.819  -8.396  1.273   1.00 15.98 ? 74  THR A CB  1 
ATOM   560  O OG1 . THR A 1 74  ? -3.515  -8.215  2.509   1.00 16.19 ? 74  THR A OG1 1 
ATOM   561  C CG2 . THR A 1 74  ? -1.503  -7.622  1.325   1.00 14.37 ? 74  THR A CG2 1 
ATOM   562  N N   . ALA A 1 75  ? -4.737  -9.984  -0.461  1.00 16.11 ? 75  ALA A N   1 
ATOM   563  C CA  . ALA A 1 75  ? -5.778  -10.998 -0.615  1.00 15.89 ? 75  ALA A CA  1 
ATOM   564  C C   . ALA A 1 75  ? -5.032  -12.322 -0.667  1.00 17.07 ? 75  ALA A C   1 
ATOM   565  O O   . ALA A 1 75  ? -4.254  -12.565 -1.590  1.00 17.83 ? 75  ALA A O   1 
ATOM   566  C CB  . ALA A 1 75  ? -6.551  -10.784 -1.907  1.00 16.10 ? 75  ALA A CB  1 
ATOM   567  N N   . LEU A 1 76  ? -5.260  -13.171 0.330   1.00 18.82 ? 76  LEU A N   1 
ATOM   568  C CA  . LEU A 1 76  ? -4.583  -14.459 0.408   1.00 20.36 ? 76  LEU A CA  1 
ATOM   569  C C   . LEU A 1 76  ? -5.542  -15.640 0.325   1.00 21.02 ? 76  LEU A C   1 
ATOM   570  O O   . LEU A 1 76  ? -6.623  -15.616 0.908   1.00 20.72 ? 76  LEU A O   1 
ATOM   571  C CB  . LEU A 1 76  ? -3.786  -14.543 1.711   1.00 21.53 ? 76  LEU A CB  1 
ATOM   572  C CG  . LEU A 1 76  ? -2.767  -13.428 1.965   1.00 23.74 ? 76  LEU A CG  1 
ATOM   573  C CD1 . LEU A 1 76  ? -2.055  -13.677 3.283   1.00 23.82 ? 76  LEU A CD1 1 
ATOM   574  C CD2 . LEU A 1 76  ? -1.767  -13.379 0.826   1.00 23.33 ? 76  LEU A CD2 1 
ATOM   575  N N   . SER A 1 77  ? -5.119  -16.679 -0.388  1.00 22.51 ? 77  SER A N   1 
ATOM   576  C CA  . SER A 1 77  ? -5.926  -17.878 -0.570  1.00 24.92 ? 77  SER A CA  1 
ATOM   577  C C   . SER A 1 77  ? -6.299  -18.558 0.737   1.00 24.32 ? 77  SER A C   1 
ATOM   578  O O   . SER A 1 77  ? -5.440  -18.847 1.566   1.00 24.90 ? 77  SER A O   1 
ATOM   579  C CB  . SER A 1 77  ? -5.180  -18.882 -1.449  1.00 25.10 ? 77  SER A CB  1 
ATOM   580  O OG  . SER A 1 77  ? -4.713  -18.266 -2.633  1.00 29.66 ? 77  SER A OG  1 
ATOM   581  N N   . GLY A 1 78  ? -7.592  -18.815 0.904   1.00 25.89 ? 78  GLY A N   1 
ATOM   582  C CA  . GLY A 1 78  ? -8.073  -19.487 2.096   1.00 26.36 ? 78  GLY A CA  1 
ATOM   583  C C   . GLY A 1 78  ? -8.136  -18.649 3.355   1.00 26.60 ? 78  GLY A C   1 
ATOM   584  O O   . GLY A 1 78  ? -8.532  -19.152 4.405   1.00 28.00 ? 78  GLY A O   1 
ATOM   585  N N   . GLN A 1 79  ? -7.750  -17.380 3.265   1.00 25.15 ? 79  GLN A N   1 
ATOM   586  C CA  . GLN A 1 79  ? -7.779  -16.505 4.431   1.00 23.22 ? 79  GLN A CA  1 
ATOM   587  C C   . GLN A 1 79  ? -8.798  -15.381 4.276   1.00 22.21 ? 79  GLN A C   1 
ATOM   588  O O   . GLN A 1 79  ? -9.357  -15.172 3.200   1.00 21.35 ? 79  GLN A O   1 
ATOM   589  C CB  . GLN A 1 79  ? -6.384  -15.920 4.685   1.00 24.66 ? 79  GLN A CB  1 
ATOM   590  C CG  . GLN A 1 79  ? -5.305  -16.974 4.926   1.00 26.86 ? 79  GLN A CG  1 
ATOM   591  C CD  . GLN A 1 79  ? -3.973  -16.389 5.383   1.00 28.41 ? 79  GLN A CD  1 
ATOM   592  O OE1 . GLN A 1 79  ? -2.978  -17.108 5.496   1.00 29.86 ? 79  GLN A OE1 1 
ATOM   593  N NE2 . GLN A 1 79  ? -3.953  -15.090 5.654   1.00 27.91 ? 79  GLN A NE2 1 
ATOM   594  N N   . THR A 1 80  ? -9.050  -14.664 5.365   1.00 21.56 ? 80  THR A N   1 
ATOM   595  C CA  . THR A 1 80  ? -9.992  -13.558 5.336   1.00 21.36 ? 80  THR A CA  1 
ATOM   596  C C   . THR A 1 80  ? -9.272  -12.286 5.752   1.00 18.89 ? 80  THR A C   1 
ATOM   597  O O   . THR A 1 80  ? -8.133  -12.335 6.206   1.00 18.25 ? 80  THR A O   1 
ATOM   598  C CB  . THR A 1 80  ? -11.160 -13.795 6.298   1.00 23.70 ? 80  THR A CB  1 
ATOM   599  O OG1 . THR A 1 80  ? -12.054 -12.678 6.250   1.00 28.51 ? 80  THR A OG1 1 
ATOM   600  C CG2 . THR A 1 80  ? -10.645 -13.964 7.712   1.00 25.78 ? 80  THR A CG2 1 
ATOM   601  N N   . GLU A 1 81  ? -9.943  -11.151 5.593   1.00 17.54 ? 81  GLU A N   1 
ATOM   602  C CA  . GLU A 1 81  ? -9.375  -9.854  5.943   1.00 16.84 ? 81  GLU A CA  1 
ATOM   603  C C   . GLU A 1 81  ? -8.859  -9.802  7.379   1.00 17.27 ? 81  GLU A C   1 
ATOM   604  O O   . GLU A 1 81  ? -7.872  -9.123  7.665   1.00 16.57 ? 81  GLU A O   1 
ATOM   605  C CB  . GLU A 1 81  ? -10.428 -8.765  5.734   1.00 17.46 ? 81  GLU A CB  1 
ATOM   606  C CG  . GLU A 1 81  ? -9.943  -7.340  5.951   1.00 17.33 ? 81  GLU A CG  1 
ATOM   607  C CD  . GLU A 1 81  ? -11.019 -6.315  5.614   1.00 19.59 ? 81  GLU A CD  1 
ATOM   608  O OE1 . GLU A 1 81  ? -12.076 -6.318  6.279   1.00 17.81 ? 81  GLU A OE1 1 
ATOM   609  O OE2 . GLU A 1 81  ? -10.810 -5.515  4.677   1.00 21.04 ? 81  GLU A OE2 1 
ATOM   610  N N   . GLU A 1 82  ? -9.523  -10.517 8.282   1.00 17.60 ? 82  GLU A N   1 
ATOM   611  C CA  . GLU A 1 82  ? -9.116  -10.531 9.686   1.00 18.27 ? 82  GLU A CA  1 
ATOM   612  C C   . GLU A 1 82  ? -7.734  -11.138 9.877   1.00 18.03 ? 82  GLU A C   1 
ATOM   613  O O   . GLU A 1 82  ? -7.027  -10.801 10.824  1.00 17.32 ? 82  GLU A O   1 
ATOM   614  C CB  . GLU A 1 82  ? -10.121 -11.330 10.528  1.00 20.62 ? 82  GLU A CB  1 
ATOM   615  C CG  . GLU A 1 82  ? -11.414 -10.603 10.885  1.00 22.65 ? 82  GLU A CG  1 
ATOM   616  C CD  . GLU A 1 82  ? -11.239 -9.594  12.007  1.00 25.69 ? 82  GLU A CD  1 
ATOM   617  O OE1 . GLU A 1 82  ? -10.420 -9.843  12.917  1.00 27.90 ? 82  GLU A OE1 1 
ATOM   618  O OE2 . GLU A 1 82  ? -11.934 -8.555  11.991  1.00 27.61 ? 82  GLU A OE2 1 
ATOM   619  N N   . SER A 1 83  ? -7.349  -12.036 8.975   1.00 17.49 ? 83  SER A N   1 
ATOM   620  C CA  . SER A 1 83  ? -6.062  -12.709 9.083   1.00 17.51 ? 83  SER A CA  1 
ATOM   621  C C   . SER A 1 83  ? -4.879  -11.908 8.544   1.00 17.07 ? 83  SER A C   1 
ATOM   622  O O   . SER A 1 83  ? -3.729  -12.192 8.883   1.00 17.65 ? 83  SER A O   1 
ATOM   623  C CB  . SER A 1 83  ? -6.119  -14.066 8.373   1.00 20.17 ? 83  SER A CB  1 
ATOM   624  O OG  . SER A 1 83  ? -6.137  -13.907 6.966   1.00 22.51 ? 83  SER A OG  1 
ATOM   625  N N   . TRP A 1 84  ? -5.147  -10.906 7.713   1.00 15.17 ? 84  TRP A N   1 
ATOM   626  C CA  . TRP A 1 84  ? -4.044  -10.125 7.171   1.00 13.55 ? 84  TRP A CA  1 
ATOM   627  C C   . TRP A 1 84  ? -3.992  -8.635  7.489   1.00 12.83 ? 84  TRP A C   1 
ATOM   628  O O   . TRP A 1 84  ? -2.918  -8.038  7.391   1.00 12.08 ? 84  TRP A O   1 
ATOM   629  C CB  . TRP A 1 84  ? -3.940  -10.320 5.653   1.00 14.25 ? 84  TRP A CB  1 
ATOM   630  C CG  . TRP A 1 84  ? -5.129  -9.859  4.863   1.00 12.71 ? 84  TRP A CG  1 
ATOM   631  C CD1 . TRP A 1 84  ? -5.581  -8.572  4.713   1.00 15.91 ? 84  TRP A CD1 1 
ATOM   632  C CD2 . TRP A 1 84  ? -6.007  -10.682 4.088   1.00 13.50 ? 84  TRP A CD2 1 
ATOM   633  N NE1 . TRP A 1 84  ? -6.683  -8.549  3.888   1.00 13.65 ? 84  TRP A NE1 1 
ATOM   634  C CE2 . TRP A 1 84  ? -6.965  -9.830  3.492   1.00 13.65 ? 84  TRP A CE2 1 
ATOM   635  C CE3 . TRP A 1 84  ? -6.074  -12.059 3.837   1.00 12.82 ? 84  TRP A CE3 1 
ATOM   636  C CZ2 . TRP A 1 84  ? -7.984  -10.312 2.659   1.00 15.51 ? 84  TRP A CZ2 1 
ATOM   637  C CZ3 . TRP A 1 84  ? -7.090  -12.539 3.007   1.00 12.95 ? 84  TRP A CZ3 1 
ATOM   638  C CH2 . TRP A 1 84  ? -8.030  -11.664 2.430   1.00 12.94 ? 84  TRP A CH2 1 
ATOM   639  N N   . CYS A 1 85  ? -5.102  -8.008  7.859   1.00 12.14 ? 85  CYS A N   1 
ATOM   640  C CA  . CYS A 1 85  ? -5.000  -6.582  8.156   1.00 11.27 ? 85  CYS A CA  1 
ATOM   641  C C   . CYS A 1 85  ? -3.906  -6.251  9.189   1.00 9.66  ? 85  CYS A C   1 
ATOM   642  O O   . CYS A 1 85  ? -3.890  -6.773  10.309  1.00 10.81 ? 85  CYS A O   1 
ATOM   643  C CB  . CYS A 1 85  ? -6.339  -6.018  8.626   1.00 12.45 ? 85  CYS A CB  1 
ATOM   644  S SG  . CYS A 1 85  ? -7.436  -5.348  7.334   1.00 14.68 ? 85  CYS A SG  1 
ATOM   645  N N   . CYS A 1 86  ? -2.993  -5.383  8.763   1.00 9.05  ? 86  CYS A N   1 
ATOM   646  C CA  . CYS A 1 86  ? -1.867  -4.884  9.543   1.00 8.76  ? 86  CYS A CA  1 
ATOM   647  C C   . CYS A 1 86  ? -0.760  -5.903  9.768   1.00 9.01  ? 86  CYS A C   1 
ATOM   648  O O   . CYS A 1 86  ? 0.134   -5.684  10.580  1.00 10.96 ? 86  CYS A O   1 
ATOM   649  C CB  . CYS A 1 86  ? -2.351  -4.280  10.866  1.00 9.60  ? 86  CYS A CB  1 
ATOM   650  S SG  . CYS A 1 86  ? -3.546  -2.941  10.567  1.00 11.19 ? 86  CYS A SG  1 
ATOM   651  N N   . ALA A 1 87  ? -0.814  -7.005  9.027   1.00 9.53  ? 87  ALA A N   1 
ATOM   652  C CA  . ALA A 1 87  ? 0.213   -8.030  9.119   1.00 10.96 ? 87  ALA A CA  1 
ATOM   653  C C   . ALA A 1 87  ? 1.305   -7.621  8.136   1.00 11.16 ? 87  ALA A C   1 
ATOM   654  O O   . ALA A 1 87  ? 1.035   -6.910  7.165   1.00 10.93 ? 87  ALA A O   1 
ATOM   655  C CB  . ALA A 1 87  ? -0.357  -9.391  8.727   1.00 10.92 ? 87  ALA A CB  1 
ATOM   656  N N   . CYS A 1 88  ? 2.535   -8.061  8.397   1.00 11.51 ? 88  CYS A N   1 
ATOM   657  C CA  . CYS A 1 88  ? 3.667   -7.763  7.517   1.00 10.68 ? 88  CYS A CA  1 
ATOM   658  C C   . CYS A 1 88  ? 4.159   -9.017  6.821   1.00 10.82 ? 88  CYS A C   1 
ATOM   659  O O   . CYS A 1 88  ? 4.136   -10.101 7.390   1.00 10.87 ? 88  CYS A O   1 
ATOM   660  C CB  . CYS A 1 88  ? 4.808   -7.108  8.306   1.00 10.45 ? 88  CYS A CB  1 
ATOM   661  S SG  . CYS A 1 88  ? 4.315   -5.431  8.778   1.00 12.52 ? 88  CYS A SG  1 
ATOM   662  N N   . TYR A 1 89  ? 4.605   -8.857  5.583   1.00 10.96 ? 89  TYR A N   1 
ATOM   663  C CA  . TYR A 1 89  ? 5.091   -9.984  4.809   1.00 10.90 ? 89  TYR A CA  1 
ATOM   664  C C   . TYR A 1 89  ? 6.408   -9.626  4.156   1.00 12.22 ? 89  TYR A C   1 
ATOM   665  O O   . TYR A 1 89  ? 6.580   -8.521  3.642   1.00 11.49 ? 89  TYR A O   1 
ATOM   666  C CB  . TYR A 1 89  ? 4.062   -10.367 3.740   1.00 11.61 ? 89  TYR A CB  1 
ATOM   667  C CG  . TYR A 1 89  ? 2.696   -10.685 4.305   1.00 11.55 ? 89  TYR A CG  1 
ATOM   668  C CD1 . TYR A 1 89  ? 2.334   -11.992 4.629   1.00 9.37  ? 89  TYR A CD1 1 
ATOM   669  C CD2 . TYR A 1 89  ? 1.771   -9.669  4.531   1.00 11.34 ? 89  TYR A CD2 1 
ATOM   670  C CE1 . TYR A 1 89  ? 1.077   -12.274 5.165   1.00 12.68 ? 89  TYR A CE1 1 
ATOM   671  C CE2 . TYR A 1 89  ? 0.522   -9.937  5.063   1.00 11.42 ? 89  TYR A CE2 1 
ATOM   672  C CZ  . TYR A 1 89  ? 0.179   -11.243 5.376   1.00 10.87 ? 89  TYR A CZ  1 
ATOM   673  O OH  . TYR A 1 89  ? -1.072  -11.517 5.871   1.00 14.93 ? 89  TYR A OH  1 
ATOM   674  N N   . ALA A 1 90  ? 7.348   -10.559 4.213   1.00 12.99 ? 90  ALA A N   1 
ATOM   675  C CA  . ALA A 1 90  ? 8.652   -10.366 3.607   1.00 12.40 ? 90  ALA A CA  1 
ATOM   676  C C   . ALA A 1 90  ? 8.510   -10.923 2.202   1.00 15.32 ? 90  ALA A C   1 
ATOM   677  O O   . ALA A 1 90  ? 8.178   -12.096 2.030   1.00 13.42 ? 90  ALA A O   1 
ATOM   678  C CB  . ALA A 1 90  ? 9.709   -11.139 4.379   1.00 14.45 ? 90  ALA A CB  1 
ATOM   679  N N   . LEU A 1 91  ? 8.741   -10.084 1.197   1.00 15.28 ? 91  LEU A N   1 
ATOM   680  C CA  . LEU A 1 91  ? 8.616   -10.525 -0.186  1.00 17.41 ? 91  LEU A CA  1 
ATOM   681  C C   . LEU A 1 91  ? 9.957   -10.521 -0.899  1.00 16.71 ? 91  LEU A C   1 
ATOM   682  O O   . LEU A 1 91  ? 10.839  -9.715  -0.598  1.00 15.89 ? 91  LEU A O   1 
ATOM   683  C CB  . LEU A 1 91  ? 7.656   -9.610  -0.960  1.00 18.36 ? 91  LEU A CB  1 
ATOM   684  C CG  . LEU A 1 91  ? 6.525   -8.918  -0.195  1.00 23.03 ? 91  LEU A CG  1 
ATOM   685  C CD1 . LEU A 1 91  ? 5.707   -8.090  -1.176  1.00 20.86 ? 91  LEU A CD1 1 
ATOM   686  C CD2 . LEU A 1 91  ? 5.650   -9.942  0.514   1.00 22.67 ? 91  LEU A CD2 1 
ATOM   687  N N   . THR A 1 92  ? 10.108  -11.437 -1.844  1.00 14.88 ? 92  THR A N   1 
ATOM   688  C CA  . THR A 1 92  ? 11.312  -11.508 -2.656  1.00 15.00 ? 92  THR A CA  1 
ATOM   689  C C   . THR A 1 92  ? 10.797  -11.651 -4.082  1.00 13.65 ? 92  THR A C   1 
ATOM   690  O O   . THR A 1 92  ? 10.177  -12.655 -4.425  1.00 13.23 ? 92  THR A O   1 
ATOM   691  C CB  . THR A 1 92  ? 12.191  -12.732 -2.297  1.00 17.28 ? 92  THR A CB  1 
ATOM   692  O OG1 . THR A 1 92  ? 12.688  -12.593 -0.959  1.00 18.34 ? 92  THR A OG1 1 
ATOM   693  C CG2 . THR A 1 92  ? 13.369  -12.835 -3.256  1.00 17.76 ? 92  THR A CG2 1 
ATOM   694  N N   . PHE A 1 93  ? 11.030  -10.637 -4.910  1.00 13.25 ? 93  PHE A N   1 
ATOM   695  C CA  . PHE A 1 93  ? 10.556  -10.684 -6.287  1.00 12.24 ? 93  PHE A CA  1 
ATOM   696  C C   . PHE A 1 93  ? 11.253  -11.787 -7.070  1.00 11.30 ? 93  PHE A C   1 
ATOM   697  O O   . PHE A 1 93  ? 12.463  -11.987 -6.944  1.00 10.42 ? 93  PHE A O   1 
ATOM   698  C CB  . PHE A 1 93  ? 10.747  -9.314  -6.947  1.00 10.73 ? 93  PHE A CB  1 
ATOM   699  C CG  . PHE A 1 93  ? 9.932   -8.225  -6.298  1.00 10.36 ? 93  PHE A CG  1 
ATOM   700  C CD1 . PHE A 1 93  ? 8.543   -8.209  -6.420  1.00 10.71 ? 93  PHE A CD1 1 
ATOM   701  C CD2 . PHE A 1 93  ? 10.543  -7.264  -5.502  1.00 10.34 ? 93  PHE A CD2 1 
ATOM   702  C CE1 . PHE A 1 93  ? 7.777   -7.253  -5.750  1.00 11.10 ? 93  PHE A CE1 1 
ATOM   703  C CE2 . PHE A 1 93  ? 9.787   -6.304  -4.828  1.00 10.48 ? 93  PHE A CE2 1 
ATOM   704  C CZ  . PHE A 1 93  ? 8.401   -6.298  -4.951  1.00 10.88 ? 93  PHE A CZ  1 
ATOM   705  N N   . THR A 1 94  ? 10.467  -12.501 -7.872  1.00 12.38 ? 94  THR A N   1 
ATOM   706  C CA  . THR A 1 94  ? 10.963  -13.617 -8.673  1.00 14.37 ? 94  THR A CA  1 
ATOM   707  C C   . THR A 1 94  ? 10.884  -13.365 -10.176 1.00 14.19 ? 94  THR A C   1 
ATOM   708  O O   . THR A 1 94  ? 11.100  -14.266 -10.982 1.00 14.97 ? 94  THR A O   1 
ATOM   709  C CB  . THR A 1 94  ? 10.183  -14.900 -8.339  1.00 14.11 ? 94  THR A CB  1 
ATOM   710  O OG1 . THR A 1 94  ? 8.780   -14.617 -8.366  1.00 15.56 ? 94  THR A OG1 1 
ATOM   711  C CG2 . THR A 1 94  ? 10.558  -15.414 -6.951  1.00 16.19 ? 94  THR A CG2 1 
ATOM   712  N N   . SER A 1 95  ? 10.566  -12.135 -10.556 1.00 14.57 ? 95  SER A N   1 
ATOM   713  C CA  . SER A 1 95  ? 10.506  -11.775 -11.966 1.00 13.05 ? 95  SER A CA  1 
ATOM   714  C C   . SER A 1 95  ? 10.630  -10.267 -12.098 1.00 12.45 ? 95  SER A C   1 
ATOM   715  O O   . SER A 1 95  ? 10.623  -9.543  -11.101 1.00 12.70 ? 95  SER A O   1 
ATOM   716  C CB  . SER A 1 95  ? 9.196   -12.256 -12.607 1.00 14.17 ? 95  SER A CB  1 
ATOM   717  O OG  . SER A 1 95  ? 8.087   -11.480 -12.196 1.00 13.63 ? 95  SER A OG  1 
ATOM   718  N N   . GLY A 1 96  ? 10.747  -9.791  -13.331 1.00 11.84 ? 96  GLY A N   1 
ATOM   719  C CA  . GLY A 1 96  ? 10.869  -8.364  -13.543 1.00 10.86 ? 96  GLY A CA  1 
ATOM   720  C C   . GLY A 1 96  ? 12.300  -7.879  -13.419 1.00 12.75 ? 96  GLY A C   1 
ATOM   721  O O   . GLY A 1 96  ? 13.198  -8.666  -13.096 1.00 12.81 ? 96  GLY A O   1 
ATOM   722  N N   . PRO A 1 97  ? 12.538  -6.578  -13.648 1.00 13.47 ? 97  PRO A N   1 
ATOM   723  C CA  . PRO A 1 97  ? 13.851  -5.933  -13.585 1.00 14.57 ? 97  PRO A CA  1 
ATOM   724  C C   . PRO A 1 97  ? 14.540  -5.943  -12.226 1.00 16.02 ? 97  PRO A C   1 
ATOM   725  O O   . PRO A 1 97  ? 15.753  -5.753  -12.152 1.00 17.00 ? 97  PRO A O   1 
ATOM   726  C CB  . PRO A 1 97  ? 13.558  -4.521  -14.082 1.00 15.83 ? 97  PRO A CB  1 
ATOM   727  C CG  . PRO A 1 97  ? 12.190  -4.277  -13.557 1.00 14.07 ? 97  PRO A CG  1 
ATOM   728  C CD  . PRO A 1 97  ? 11.483  -5.576  -13.882 1.00 14.21 ? 97  PRO A CD  1 
ATOM   729  N N   . VAL A 1 98  ? 13.784  -6.164  -11.155 1.00 15.33 ? 98  VAL A N   1 
ATOM   730  C CA  . VAL A 1 98  ? 14.389  -6.198  -9.830  1.00 14.69 ? 98  VAL A CA  1 
ATOM   731  C C   . VAL A 1 98  ? 14.235  -7.561  -9.146  1.00 14.13 ? 98  VAL A C   1 
ATOM   732  O O   . VAL A 1 98  ? 14.098  -7.647  -7.926  1.00 13.45 ? 98  VAL A O   1 
ATOM   733  C CB  . VAL A 1 98  ? 13.835  -5.062  -8.911  1.00 15.53 ? 98  VAL A CB  1 
ATOM   734  C CG1 . VAL A 1 98  ? 14.129  -3.698  -9.540  1.00 16.69 ? 98  VAL A CG1 1 
ATOM   735  C CG2 . VAL A 1 98  ? 12.338  -5.223  -8.682  1.00 15.85 ? 98  VAL A CG2 1 
ATOM   736  N N   . ALA A 1 99  ? 14.261  -8.625  -9.946  1.00 13.48 ? 99  ALA A N   1 
ATOM   737  C CA  . ALA A 1 99  ? 14.155  -9.981  -9.411  1.00 14.20 ? 99  ALA A CA  1 
ATOM   738  C C   . ALA A 1 99  ? 15.315  -10.178 -8.441  1.00 14.23 ? 99  ALA A C   1 
ATOM   739  O O   . ALA A 1 99  ? 16.461  -9.869  -8.763  1.00 15.75 ? 99  ALA A O   1 
ATOM   740  C CB  . ALA A 1 99  ? 14.226  -11.002 -10.536 1.00 13.11 ? 99  ALA A CB  1 
ATOM   741  N N   . GLY A 1 100 ? 15.015  -10.688 -7.253  1.00 15.35 ? 100 GLY A N   1 
ATOM   742  C CA  . GLY A 1 100 ? 16.058  -10.887 -6.269  1.00 14.26 ? 100 GLY A CA  1 
ATOM   743  C C   . GLY A 1 100 ? 15.953  -9.862  -5.155  1.00 15.49 ? 100 GLY A C   1 
ATOM   744  O O   . GLY A 1 100 ? 16.403  -10.110 -4.035  1.00 14.45 ? 100 GLY A O   1 
ATOM   745  N N   . LYS A 1 101 ? 15.373  -8.701  -5.451  1.00 13.06 ? 101 LYS A N   1 
ATOM   746  C CA  . LYS A 1 101 ? 15.218  -7.683  -4.416  1.00 12.71 ? 101 LYS A CA  1 
ATOM   747  C C   . LYS A 1 101 ? 14.187  -8.148  -3.405  1.00 12.63 ? 101 LYS A C   1 
ATOM   748  O O   . LYS A 1 101 ? 13.343  -8.993  -3.705  1.00 11.78 ? 101 LYS A O   1 
ATOM   749  C CB  . LYS A 1 101 ? 14.782  -6.334  -5.001  1.00 12.04 ? 101 LYS A CB  1 
ATOM   750  C CG  . LYS A 1 101 ? 15.860  -5.624  -5.802  1.00 10.55 ? 101 LYS A CG  1 
ATOM   751  C CD  . LYS A 1 101 ? 15.667  -4.107  -5.797  1.00 9.85  ? 101 LYS A CD  1 
ATOM   752  C CE  . LYS A 1 101 ? 16.751  -3.416  -6.616  1.00 8.95  ? 101 LYS A CE  1 
ATOM   753  N NZ  . LYS A 1 101 ? 16.699  -1.933  -6.528  1.00 10.10 ? 101 LYS A NZ  1 
ATOM   754  N N   . THR A 1 102 ? 14.271  -7.590  -2.203  1.00 13.25 ? 102 THR A N   1 
ATOM   755  C CA  . THR A 1 102 ? 13.374  -7.942  -1.114  1.00 14.47 ? 102 THR A CA  1 
ATOM   756  C C   . THR A 1 102 ? 12.573  -6.732  -0.663  1.00 15.19 ? 102 THR A C   1 
ATOM   757  O O   . THR A 1 102 ? 12.978  -5.584  -0.859  1.00 13.07 ? 102 THR A O   1 
ATOM   758  C CB  . THR A 1 102 ? 14.162  -8.481  0.098   1.00 15.64 ? 102 THR A CB  1 
ATOM   759  O OG1 . THR A 1 102 ? 15.152  -7.520  0.489   1.00 19.77 ? 102 THR A OG1 1 
ATOM   760  C CG2 . THR A 1 102 ? 14.848  -9.788  -0.257  1.00 18.19 ? 102 THR A CG2 1 
ATOM   761  N N   . MET A 1 103 ? 11.440  -6.994  -0.032  1.00 13.85 ? 103 MET A N   1 
ATOM   762  C CA  . MET A 1 103 ? 10.598  -5.912  0.428   1.00 15.71 ? 103 MET A CA  1 
ATOM   763  C C   . MET A 1 103 ? 9.634   -6.379  1.505   1.00 16.40 ? 103 MET A C   1 
ATOM   764  O O   . MET A 1 103 ? 8.919   -7.367  1.329   1.00 19.15 ? 103 MET A O   1 
ATOM   765  C CB  . MET A 1 103 ? 9.831   -5.346  -0.766  1.00 15.77 ? 103 MET A CB  1 
ATOM   766  C CG  . MET A 1 103 ? 8.854   -4.249  -0.437  1.00 18.43 ? 103 MET A CG  1 
ATOM   767  S SD  . MET A 1 103 ? 8.061   -3.640  -1.935  1.00 17.63 ? 103 MET A SD  1 
ATOM   768  C CE  . MET A 1 103 ? 7.551   -2.025  -1.390  1.00 16.69 ? 103 MET A CE  1 
ATOM   769  N N   . VAL A 1 104 ? 9.622   -5.674  2.629   1.00 13.22 ? 104 VAL A N   1 
ATOM   770  C CA  . VAL A 1 104 ? 8.709   -6.019  3.708   1.00 11.72 ? 104 VAL A CA  1 
ATOM   771  C C   . VAL A 1 104 ? 7.505   -5.109  3.543   1.00 10.79 ? 104 VAL A C   1 
ATOM   772  O O   . VAL A 1 104 ? 7.652   -3.891  3.506   1.00 8.75  ? 104 VAL A O   1 
ATOM   773  C CB  . VAL A 1 104 ? 9.339   -5.779  5.093   1.00 13.79 ? 104 VAL A CB  1 
ATOM   774  C CG1 . VAL A 1 104 ? 8.359   -6.199  6.180   1.00 13.54 ? 104 VAL A CG1 1 
ATOM   775  C CG2 . VAL A 1 104 ? 10.631  -6.577  5.226   1.00 15.63 ? 104 VAL A CG2 1 
ATOM   776  N N   . VAL A 1 105 ? 6.319   -5.693  3.425   1.00 10.04 ? 105 VAL A N   1 
ATOM   777  C CA  . VAL A 1 105 ? 5.118   -4.885  3.254   1.00 11.26 ? 105 VAL A CA  1 
ATOM   778  C C   . VAL A 1 105 ? 4.073   -5.133  4.327   1.00 11.15 ? 105 VAL A C   1 
ATOM   779  O O   . VAL A 1 105 ? 3.893   -6.260  4.793   1.00 12.42 ? 105 VAL A O   1 
ATOM   780  C CB  . VAL A 1 105 ? 4.446   -5.132  1.874   1.00 11.81 ? 105 VAL A CB  1 
ATOM   781  C CG1 . VAL A 1 105 ? 5.414   -4.792  0.751   1.00 11.86 ? 105 VAL A CG1 1 
ATOM   782  C CG2 . VAL A 1 105 ? 3.994   -6.583  1.755   1.00 14.22 ? 105 VAL A CG2 1 
ATOM   783  N N   . GLN A 1 106 ? 3.392   -4.075  4.735   1.00 9.40  ? 106 GLN A N   1 
ATOM   784  C CA  . GLN A 1 106 ? 2.336   -4.243  5.714   1.00 9.42  ? 106 GLN A CA  1 
ATOM   785  C C   . GLN A 1 106 ? 1.018   -4.151  4.965   1.00 10.01 ? 106 GLN A C   1 
ATOM   786  O O   . GLN A 1 106 ? 0.839   -3.281  4.105   1.00 9.04  ? 106 GLN A O   1 
ATOM   787  C CB  . GLN A 1 106 ? 2.387   -3.166  6.805   1.00 10.29 ? 106 GLN A CB  1 
ATOM   788  C CG  . GLN A 1 106 ? 1.206   -3.269  7.775   1.00 9.39  ? 106 GLN A CG  1 
ATOM   789  C CD  . GLN A 1 106 ? 1.259   -2.268  8.917   1.00 10.42 ? 106 GLN A CD  1 
ATOM   790  O OE1 . GLN A 1 106 ? 1.487   -1.075  8.706   1.00 11.90 ? 106 GLN A OE1 1 
ATOM   791  N NE2 . GLN A 1 106 ? 1.033   -2.749  10.135  1.00 7.45  ? 106 GLN A NE2 1 
ATOM   792  N N   . SER A 1 107 ? 0.101   -5.059  5.275   1.00 10.73 ? 107 SER A N   1 
ATOM   793  C CA  . SER A 1 107 ? -1.210  -5.045  4.643   1.00 10.71 ? 107 SER A CA  1 
ATOM   794  C C   . SER A 1 107 ? -2.029  -3.952  5.305   1.00 11.51 ? 107 SER A C   1 
ATOM   795  O O   . SER A 1 107 ? -2.155  -3.926  6.529   1.00 9.26  ? 107 SER A O   1 
ATOM   796  C CB  . SER A 1 107 ? -1.927  -6.380  4.837   1.00 12.10 ? 107 SER A CB  1 
ATOM   797  O OG  . SER A 1 107 ? -3.286  -6.252  4.454   1.00 11.51 ? 107 SER A OG  1 
ATOM   798  N N   . THR A 1 108 ? -2.574  -3.044  4.499   1.00 11.37 ? 108 THR A N   1 
ATOM   799  C CA  . THR A 1 108 ? -3.397  -1.962  5.030   1.00 11.65 ? 108 THR A CA  1 
ATOM   800  C C   . THR A 1 108 ? -4.775  -1.966  4.384   1.00 12.20 ? 108 THR A C   1 
ATOM   801  O O   . THR A 1 108 ? -5.643  -1.176  4.748   1.00 11.15 ? 108 THR A O   1 
ATOM   802  C CB  . THR A 1 108 ? -2.759  -0.582  4.794   1.00 11.24 ? 108 THR A CB  1 
ATOM   803  O OG1 . THR A 1 108 ? -2.548  -0.390  3.391   1.00 12.01 ? 108 THR A OG1 1 
ATOM   804  C CG2 . THR A 1 108 ? -1.430  -0.472  5.533   1.00 10.75 ? 108 THR A CG2 1 
ATOM   805  N N   . SER A 1 109 ? -4.973  -2.848  3.412   1.00 11.70 ? 109 SER A N   1 
ATOM   806  C CA  . SER A 1 109 ? -6.268  -2.935  2.754   1.00 12.82 ? 109 SER A CA  1 
ATOM   807  C C   . SER A 1 109 ? -6.488  -4.317  2.158   1.00 12.65 ? 109 SER A C   1 
ATOM   808  O O   . SER A 1 109 ? -5.597  -5.169  2.189   1.00 11.04 ? 109 SER A O   1 
ATOM   809  C CB  . SER A 1 109 ? -6.391  -1.870  1.664   1.00 14.19 ? 109 SER A CB  1 
ATOM   810  O OG  . SER A 1 109 ? -7.758  -1.593  1.402   1.00 14.90 ? 109 SER A OG  1 
ATOM   811  N N   . THR A 1 110 ? -7.680  -4.536  1.616   1.00 13.88 ? 110 THR A N   1 
ATOM   812  C CA  . THR A 1 110 ? -8.012  -5.829  1.038   1.00 14.51 ? 110 THR A CA  1 
ATOM   813  C C   . THR A 1 110 ? -8.217  -5.742  -0.466  1.00 14.72 ? 110 THR A C   1 
ATOM   814  O O   . THR A 1 110 ? -8.902  -4.850  -0.957  1.00 15.39 ? 110 THR A O   1 
ATOM   815  C CB  . THR A 1 110 ? -9.280  -6.412  1.709   1.00 14.76 ? 110 THR A CB  1 
ATOM   816  O OG1 . THR A 1 110 ? -8.976  -6.775  3.062   1.00 14.65 ? 110 THR A OG1 1 
ATOM   817  C CG2 . THR A 1 110 ? -9.775  -7.642  0.960   1.00 13.07 ? 110 THR A CG2 1 
ATOM   818  N N   . GLY A 1 111 ? -7.605  -6.672  -1.192  1.00 17.52 ? 111 GLY A N   1 
ATOM   819  C CA  . GLY A 1 111 ? -7.739  -6.683  -2.635  1.00 19.37 ? 111 GLY A CA  1 
ATOM   820  C C   . GLY A 1 111 ? -8.854  -7.617  -3.059  1.00 21.08 ? 111 GLY A C   1 
ATOM   821  O O   . GLY A 1 111 ? -9.461  -8.293  -2.225  1.00 20.28 ? 111 GLY A O   1 
ATOM   822  N N   . GLY A 1 112 ? -9.124  -7.654  -4.358  1.00 21.75 ? 112 GLY A N   1 
ATOM   823  C CA  . GLY A 1 112 ? -10.175 -8.512  -4.869  1.00 23.03 ? 112 GLY A CA  1 
ATOM   824  C C   . GLY A 1 112 ? -9.931  -9.991  -4.634  1.00 24.55 ? 112 GLY A C   1 
ATOM   825  O O   . GLY A 1 112 ? -8.790  -10.449 -4.560  1.00 24.02 ? 112 GLY A O   1 
ATOM   826  N N   . ASP A 1 113 ? -11.019 -10.741 -4.514  1.00 26.36 ? 113 ASP A N   1 
ATOM   827  C CA  . ASP A 1 113 ? -10.949 -12.177 -4.296  1.00 27.85 ? 113 ASP A CA  1 
ATOM   828  C C   . ASP A 1 113 ? -10.750 -12.892 -5.629  1.00 27.85 ? 113 ASP A C   1 
ATOM   829  O O   . ASP A 1 113 ? -11.669 -12.960 -6.445  1.00 27.93 ? 113 ASP A O   1 
ATOM   830  C CB  . ASP A 1 113 ? -12.245 -12.665 -3.643  1.00 30.10 ? 113 ASP A CB  1 
ATOM   831  C CG  . ASP A 1 113 ? -12.240 -14.157 -3.372  1.00 33.36 ? 113 ASP A CG  1 
ATOM   832  O OD1 . ASP A 1 113 ? -13.286 -14.683 -2.928  1.00 34.45 ? 113 ASP A OD1 1 
ATOM   833  O OD2 . ASP A 1 113 ? -11.195 -14.803 -3.598  1.00 33.87 ? 113 ASP A OD2 1 
ATOM   834  N N   . LEU A 1 114 ? -9.551  -13.424 -5.847  1.00 27.03 ? 114 LEU A N   1 
ATOM   835  C CA  . LEU A 1 114 ? -9.240  -14.136 -7.084  1.00 26.42 ? 114 LEU A CA  1 
ATOM   836  C C   . LEU A 1 114 ? -8.898  -15.596 -6.814  1.00 26.48 ? 114 LEU A C   1 
ATOM   837  O O   . LEU A 1 114 ? -8.586  -16.350 -7.738  1.00 26.34 ? 114 LEU A O   1 
ATOM   838  C CB  . LEU A 1 114 ? -8.064  -13.474 -7.791  1.00 25.97 ? 114 LEU A CB  1 
ATOM   839  C CG  . LEU A 1 114 ? -8.219  -11.986 -8.094  1.00 25.55 ? 114 LEU A CG  1 
ATOM   840  C CD1 . LEU A 1 114 ? -6.900  -11.434 -8.587  1.00 24.67 ? 114 LEU A CD1 1 
ATOM   841  C CD2 . LEU A 1 114 ? -9.317  -11.779 -9.122  1.00 26.32 ? 114 LEU A CD2 1 
ATOM   842  N N   . GLY A 1 115 ? -8.937  -15.983 -5.544  1.00 26.25 ? 115 GLY A N   1 
ATOM   843  C CA  . GLY A 1 115 ? -8.629  -17.352 -5.175  1.00 26.36 ? 115 GLY A CA  1 
ATOM   844  C C   . GLY A 1 115 ? -7.153  -17.607 -4.941  1.00 26.96 ? 115 GLY A C   1 
ATOM   845  O O   . GLY A 1 115 ? -6.782  -18.611 -4.333  1.00 27.95 ? 115 GLY A O   1 
ATOM   846  N N   . SER A 1 116 ? -6.310  -16.695 -5.416  1.00 25.07 ? 116 SER A N   1 
ATOM   847  C CA  . SER A 1 116 ? -4.865  -16.824 -5.266  1.00 23.56 ? 116 SER A CA  1 
ATOM   848  C C   . SER A 1 116 ? -4.303  -15.753 -4.339  1.00 21.93 ? 116 SER A C   1 
ATOM   849  O O   . SER A 1 116 ? -5.050  -14.973 -3.749  1.00 22.69 ? 116 SER A O   1 
ATOM   850  C CB  . SER A 1 116 ? -4.192  -16.709 -6.633  1.00 24.81 ? 116 SER A CB  1 
ATOM   851  O OG  . SER A 1 116 ? -4.547  -15.484 -7.249  1.00 24.75 ? 116 SER A OG  1 
ATOM   852  N N   . ASN A 1 117 ? -2.982  -15.721 -4.213  1.00 19.49 ? 117 ASN A N   1 
ATOM   853  C CA  . ASN A 1 117 ? -2.331  -14.735 -3.367  1.00 18.79 ? 117 ASN A CA  1 
ATOM   854  C C   . ASN A 1 117 ? -1.860  -13.569 -4.217  1.00 17.66 ? 117 ASN A C   1 
ATOM   855  O O   . ASN A 1 117 ? -1.141  -13.761 -5.194  1.00 14.32 ? 117 ASN A O   1 
ATOM   856  C CB  . ASN A 1 117 ? -1.121  -15.343 -2.663  1.00 19.51 ? 117 ASN A CB  1 
ATOM   857  C CG  . ASN A 1 117 ? -1.476  -16.557 -1.847  1.00 20.76 ? 117 ASN A CG  1 
ATOM   858  O OD1 . ASN A 1 117 ? -2.372  -16.510 -1.008  1.00 18.44 ? 117 ASN A OD1 1 
ATOM   859  N ND2 . ASN A 1 117 ? -0.769  -17.657 -2.085  1.00 19.13 ? 117 ASN A ND2 1 
ATOM   860  N N   . HIS A 1 118 ? -2.260  -12.359 -3.854  1.00 16.29 ? 118 HIS A N   1 
ATOM   861  C CA  . HIS A 1 118 ? -1.809  -11.208 -4.610  1.00 14.83 ? 118 HIS A CA  1 
ATOM   862  C C   . HIS A 1 118 ? -1.707  -9.953  -3.747  1.00 14.28 ? 118 HIS A C   1 
ATOM   863  O O   . HIS A 1 118 ? -2.499  -9.734  -2.829  1.00 12.16 ? 118 HIS A O   1 
ATOM   864  C CB  . HIS A 1 118 ? -2.709  -10.987 -5.843  1.00 17.56 ? 118 HIS A CB  1 
ATOM   865  C CG  . HIS A 1 118 ? -4.121  -10.606 -5.522  1.00 19.12 ? 118 HIS A CG  1 
ATOM   866  N ND1 . HIS A 1 118 ? -4.524  -9.295  -5.388  1.00 21.98 ? 118 HIS A ND1 1 
ATOM   867  C CD2 . HIS A 1 118 ? -5.225  -11.363 -5.318  1.00 21.62 ? 118 HIS A CD2 1 
ATOM   868  C CE1 . HIS A 1 118 ? -5.816  -9.259  -5.115  1.00 23.37 ? 118 HIS A CE1 1 
ATOM   869  N NE2 . HIS A 1 118 ? -6.266  -10.500 -5.067  1.00 22.25 ? 118 HIS A NE2 1 
ATOM   870  N N   . PHE A 1 119 ? -0.688  -9.153  -4.027  1.00 11.71 ? 119 PHE A N   1 
ATOM   871  C CA  . PHE A 1 119 ? -0.453  -7.921  -3.294  1.00 11.82 ? 119 PHE A CA  1 
ATOM   872  C C   . PHE A 1 119 ? -0.508  -6.761  -4.263  1.00 10.46 ? 119 PHE A C   1 
ATOM   873  O O   . PHE A 1 119 ? 0.158   -6.776  -5.294  1.00 10.16 ? 119 PHE A O   1 
ATOM   874  C CB  . PHE A 1 119 ? 0.932   -7.936  -2.646  1.00 14.31 ? 119 PHE A CB  1 
ATOM   875  C CG  . PHE A 1 119 ? 1.025   -8.780  -1.407  1.00 15.96 ? 119 PHE A CG  1 
ATOM   876  C CD1 . PHE A 1 119 ? 0.476   -10.054 -1.364  1.00 18.48 ? 119 PHE A CD1 1 
ATOM   877  C CD2 . PHE A 1 119 ? 1.699   -8.306  -0.289  1.00 18.16 ? 119 PHE A CD2 1 
ATOM   878  C CE1 . PHE A 1 119 ? 0.596   -10.848 -0.223  1.00 19.38 ? 119 PHE A CE1 1 
ATOM   879  C CE2 . PHE A 1 119 ? 1.826   -9.093  0.855   1.00 19.90 ? 119 PHE A CE2 1 
ATOM   880  C CZ  . PHE A 1 119 ? 1.272   -10.366 0.884   1.00 17.15 ? 119 PHE A CZ  1 
ATOM   881  N N   A ASP A 1 120 ? -1.303  -5.757  -3.915  0.50 10.20 ? 120 ASP A N   1 
ATOM   882  N N   B ASP A 1 120 ? -1.315  -5.757  -3.944  0.50 9.94  ? 120 ASP A N   1 
ATOM   883  C CA  A ASP A 1 120 ? -1.447  -4.563  -4.731  0.50 10.36 ? 120 ASP A CA  1 
ATOM   884  C CA  B ASP A 1 120 ? -1.421  -4.582  -4.798  0.50 9.79  ? 120 ASP A CA  1 
ATOM   885  C C   A ASP A 1 120 ? -0.610  -3.493  -4.043  0.50 9.25  ? 120 ASP A C   1 
ATOM   886  C C   B ASP A 1 120 ? -0.621  -3.493  -4.087  0.50 8.98  ? 120 ASP A C   1 
ATOM   887  O O   A ASP A 1 120 ? -1.089  -2.798  -3.149  0.50 9.38  ? 120 ASP A O   1 
ATOM   888  O O   B ASP A 1 120 ? -1.141  -2.791  -3.220  0.50 9.47  ? 120 ASP A O   1 
ATOM   889  C CB  A ASP A 1 120 ? -2.915  -4.137  -4.776  0.50 12.53 ? 120 ASP A CB  1 
ATOM   890  C CB  B ASP A 1 120 ? -2.881  -4.151  -4.948  0.50 11.12 ? 120 ASP A CB  1 
ATOM   891  C CG  A ASP A 1 120 ? -3.854  -5.314  -4.962  0.50 15.00 ? 120 ASP A CG  1 
ATOM   892  C CG  B ASP A 1 120 ? -3.093  -3.211  -6.121  0.50 12.51 ? 120 ASP A CG  1 
ATOM   893  O OD1 A ASP A 1 120 ? -3.638  -6.104  -5.903  0.50 15.89 ? 120 ASP A OD1 1 
ATOM   894  O OD1 B ASP A 1 120 ? -2.113  -2.580  -6.566  0.50 14.09 ? 120 ASP A OD1 1 
ATOM   895  O OD2 A ASP A 1 120 ? -4.809  -5.450  -4.169  0.50 17.70 ? 120 ASP A OD2 1 
ATOM   896  O OD2 B ASP A 1 120 ? -4.242  -3.091  -6.594  0.50 14.10 ? 120 ASP A OD2 1 
ATOM   897  N N   . LEU A 1 121 ? 0.651   -3.376  -4.443  1.00 8.41  ? 121 LEU A N   1 
ATOM   898  C CA  . LEU A 1 121 ? 1.537   -2.395  -3.834  1.00 8.93  ? 121 LEU A CA  1 
ATOM   899  C C   . LEU A 1 121 ? 1.004   -0.970  -3.924  1.00 9.76  ? 121 LEU A C   1 
ATOM   900  O O   . LEU A 1 121 ? 0.544   -0.538  -4.979  1.00 9.38  ? 121 LEU A O   1 
ATOM   901  C CB  . LEU A 1 121 ? 2.925   -2.469  -4.484  1.00 8.12  ? 121 LEU A CB  1 
ATOM   902  C CG  . LEU A 1 121 ? 3.605   -3.843  -4.444  1.00 11.38 ? 121 LEU A CG  1 
ATOM   903  C CD1 . LEU A 1 121 ? 5.033   -3.750  -5.007  1.00 10.91 ? 121 LEU A CD1 1 
ATOM   904  C CD2 . LEU A 1 121 ? 3.646   -4.339  -3.008  1.00 11.79 ? 121 LEU A CD2 1 
ATOM   905  N N   . ASN A 1 122 ? 1.049   -0.251  -2.805  1.00 9.27  ? 122 ASN A N   1 
ATOM   906  C CA  . ASN A 1 122 ? 0.603   1.141   -2.770  1.00 12.43 ? 122 ASN A CA  1 
ATOM   907  C C   . ASN A 1 122 ? 1.735   1.987   -3.324  1.00 11.35 ? 122 ASN A C   1 
ATOM   908  O O   . ASN A 1 122 ? 2.766   2.143   -2.671  1.00 13.83 ? 122 ASN A O   1 
ATOM   909  C CB  . ASN A 1 122 ? 0.324   1.598   -1.337  1.00 14.45 ? 122 ASN A CB  1 
ATOM   910  C CG  . ASN A 1 122 ? -0.933  0.999   -0.767  1.00 17.96 ? 122 ASN A CG  1 
ATOM   911  O OD1 . ASN A 1 122 ? -1.045  -0.213  -0.610  1.00 21.47 ? 122 ASN A OD1 1 
ATOM   912  N ND2 . ASN A 1 122 ? -1.898  1.855   -0.453  1.00 24.66 ? 122 ASN A ND2 1 
ATOM   913  N N   . ILE A 1 123 ? 1.543   2.537   -4.517  1.00 10.29 ? 123 ILE A N   1 
ATOM   914  C CA  . ILE A 1 123 ? 2.567   3.358   -5.146  1.00 10.03 ? 123 ILE A CA  1 
ATOM   915  C C   . ILE A 1 123 ? 1.932   4.575   -5.798  1.00 8.73  ? 123 ILE A C   1 
ATOM   916  O O   . ILE A 1 123 ? 1.175   4.443   -6.755  1.00 8.16  ? 123 ILE A O   1 
ATOM   917  C CB  . ILE A 1 123 ? 3.319   2.567   -6.229  1.00 10.65 ? 123 ILE A CB  1 
ATOM   918  C CG1 . ILE A 1 123 ? 3.897   1.287   -5.625  1.00 12.27 ? 123 ILE A CG1 1 
ATOM   919  C CG2 . ILE A 1 123 ? 4.439   3.436   -6.819  1.00 12.43 ? 123 ILE A CG2 1 
ATOM   920  C CD1 . ILE A 1 123 ? 4.475   0.328   -6.645  1.00 13.54 ? 123 ILE A CD1 1 
ATOM   921  N N   . PRO A 1 124 ? 2.213   5.778   -5.274  1.00 6.90  ? 124 PRO A N   1 
ATOM   922  C CA  . PRO A 1 124 ? 1.627   6.978   -5.874  1.00 6.96  ? 124 PRO A CA  1 
ATOM   923  C C   . PRO A 1 124 ? 1.914   6.977   -7.372  1.00 7.64  ? 124 PRO A C   1 
ATOM   924  O O   . PRO A 1 124 ? 3.051   6.763   -7.786  1.00 8.53  ? 124 PRO A O   1 
ATOM   925  C CB  . PRO A 1 124 ? 2.361   8.113   -5.169  1.00 7.56  ? 124 PRO A CB  1 
ATOM   926  C CG  . PRO A 1 124 ? 2.664   7.537   -3.819  1.00 6.12  ? 124 PRO A CG  1 
ATOM   927  C CD  . PRO A 1 124 ? 3.097   6.126   -4.147  1.00 7.75  ? 124 PRO A CD  1 
ATOM   928  N N   . GLY A 1 125 ? 0.887   7.212   -8.182  1.00 8.53  ? 125 GLY A N   1 
ATOM   929  C CA  . GLY A 1 125 ? 1.092   7.234   -9.619  1.00 7.93  ? 125 GLY A CA  1 
ATOM   930  C C   . GLY A 1 125 ? 1.047   5.869   -10.279 1.00 8.94  ? 125 GLY A C   1 
ATOM   931  O O   . GLY A 1 125 ? 1.359   5.736   -11.461 1.00 8.66  ? 125 GLY A O   1 
ATOM   932  N N   . GLY A 1 126 ? 0.665   4.850   -9.513  1.00 8.07  ? 126 GLY A N   1 
ATOM   933  C CA  . GLY A 1 126 ? 0.569   3.505   -10.053 1.00 9.18  ? 126 GLY A CA  1 
ATOM   934  C C   . GLY A 1 126 ? -0.810  3.204   -10.630 1.00 9.50  ? 126 GLY A C   1 
ATOM   935  O O   . GLY A 1 126 ? -1.041  2.121   -11.168 1.00 11.76 ? 126 GLY A O   1 
ATOM   936  N N   . GLY A 1 127 ? -1.735  4.153   -10.499 1.00 10.54 ? 127 GLY A N   1 
ATOM   937  C CA  . GLY A 1 127 ? -3.078  3.971   -11.035 1.00 10.70 ? 127 GLY A CA  1 
ATOM   938  C C   . GLY A 1 127 ? -4.195  4.001   -10.008 1.00 11.21 ? 127 GLY A C   1 
ATOM   939  O O   . GLY A 1 127 ? -4.172  3.244   -9.033  1.00 10.27 ? 127 GLY A O   1 
ATOM   940  N N   . VAL A 1 128 ? -5.178  4.870   -10.222 1.00 9.89  ? 128 VAL A N   1 
ATOM   941  C CA  . VAL A 1 128 ? -6.307  4.977   -9.300  1.00 12.92 ? 128 VAL A CA  1 
ATOM   942  C C   . VAL A 1 128 ? -7.258  3.775   -9.386  1.00 14.94 ? 128 VAL A C   1 
ATOM   943  O O   . VAL A 1 128 ? -7.984  3.474   -8.433  1.00 15.94 ? 128 VAL A O   1 
ATOM   944  C CB  . VAL A 1 128 ? -7.112  6.278   -9.550  1.00 13.17 ? 128 VAL A CB  1 
ATOM   945  C CG1 . VAL A 1 128 ? -6.220  7.497   -9.323  1.00 11.72 ? 128 VAL A CG1 1 
ATOM   946  C CG2 . VAL A 1 128 ? -7.676  6.288   -10.964 1.00 14.30 ? 128 VAL A CG2 1 
ATOM   947  N N   . GLY A 1 129 ? -7.256  3.090   -10.526 1.00 14.26 ? 129 GLY A N   1 
ATOM   948  C CA  . GLY A 1 129 ? -8.123  1.931   -10.686 1.00 15.18 ? 129 GLY A CA  1 
ATOM   949  C C   . GLY A 1 129 ? -9.598  2.289   -10.753 1.00 15.07 ? 129 GLY A C   1 
ATOM   950  O O   . GLY A 1 129 ? -9.953  3.331   -11.294 1.00 13.12 ? 129 GLY A O   1 
ATOM   951  N N   . LEU A 1 130 ? -10.460 1.441   -10.194 1.00 16.26 ? 130 LEU A N   1 
ATOM   952  C CA  . LEU A 1 130 ? -11.908 1.678   -10.215 1.00 17.98 ? 130 LEU A CA  1 
ATOM   953  C C   . LEU A 1 130 ? -12.408 2.956   -9.564  1.00 18.98 ? 130 LEU A C   1 
ATOM   954  O O   . LEU A 1 130 ? -13.177 3.713   -10.163 1.00 21.14 ? 130 LEU A O   1 
ATOM   955  C CB  . LEU A 1 130 ? -12.652 0.520   -9.552  1.00 19.48 ? 130 LEU A CB  1 
ATOM   956  C CG  . LEU A 1 130 ? -13.002 -0.693  -10.404 1.00 20.62 ? 130 LEU A CG  1 
ATOM   957  C CD1 . LEU A 1 130 ? -13.642 -1.754  -9.521  1.00 20.81 ? 130 LEU A CD1 1 
ATOM   958  C CD2 . LEU A 1 130 ? -13.951 -0.274  -11.520 1.00 18.95 ? 130 LEU A CD2 1 
ATOM   959  N N   . PHE A 1 131 ? -11.989 3.176   -8.323  1.00 18.40 ? 131 PHE A N   1 
ATOM   960  C CA  . PHE A 1 131 ? -12.424 4.331   -7.549  1.00 18.70 ? 131 PHE A CA  1 
ATOM   961  C C   . PHE A 1 131 ? -11.373 5.422   -7.503  1.00 18.25 ? 131 PHE A C   1 
ATOM   962  O O   . PHE A 1 131 ? -10.286 5.229   -6.964  1.00 19.01 ? 131 PHE A O   1 
ATOM   963  C CB  . PHE A 1 131 ? -12.767 3.882   -6.130  1.00 20.46 ? 131 PHE A CB  1 
ATOM   964  C CG  . PHE A 1 131 ? -13.463 2.552   -6.076  1.00 22.97 ? 131 PHE A CG  1 
ATOM   965  C CD1 . PHE A 1 131 ? -14.733 2.391   -6.623  1.00 23.77 ? 131 PHE A CD1 1 
ATOM   966  C CD2 . PHE A 1 131 ? -12.834 1.451   -5.509  1.00 23.46 ? 131 PHE A CD2 1 
ATOM   967  C CE1 . PHE A 1 131 ? -15.366 1.148   -6.605  1.00 24.50 ? 131 PHE A CE1 1 
ATOM   968  C CE2 . PHE A 1 131 ? -13.457 0.202   -5.487  1.00 25.05 ? 131 PHE A CE2 1 
ATOM   969  C CZ  . PHE A 1 131 ? -14.725 0.053   -6.037  1.00 24.25 ? 131 PHE A CZ  1 
ATOM   970  N N   . ASP A 1 132 ? -11.712 6.577   -8.059  1.00 16.16 ? 132 ASP A N   1 
ATOM   971  C CA  . ASP A 1 132 ? -10.790 7.695   -8.087  1.00 15.40 ? 132 ASP A CA  1 
ATOM   972  C C   . ASP A 1 132 ? -11.039 8.680   -6.952  1.00 14.33 ? 132 ASP A C   1 
ATOM   973  O O   . ASP A 1 132 ? -11.842 9.604   -7.080  1.00 16.27 ? 132 ASP A O   1 
ATOM   974  C CB  . ASP A 1 132 ? -10.889 8.409   -9.436  1.00 14.50 ? 132 ASP A CB  1 
ATOM   975  C CG  . ASP A 1 132 ? -10.004 9.631   -9.510  1.00 15.27 ? 132 ASP A CG  1 
ATOM   976  O OD1 . ASP A 1 132 ? -9.111  9.777   -8.650  1.00 14.92 ? 132 ASP A OD1 1 
ATOM   977  O OD2 . ASP A 1 132 ? -10.193 10.444  -10.436 1.00 17.27 ? 132 ASP A OD2 1 
ATOM   978  N N   . GLY A 1 133 ? -10.341 8.471   -5.840  1.00 13.08 ? 133 GLY A N   1 
ATOM   979  C CA  . GLY A 1 133 ? -10.492 9.351   -4.696  1.00 12.04 ? 133 GLY A CA  1 
ATOM   980  C C   . GLY A 1 133 ? -9.539  10.530  -4.768  1.00 10.92 ? 133 GLY A C   1 
ATOM   981  O O   . GLY A 1 133 ? -9.688  11.514  -4.045  1.00 11.15 ? 133 GLY A O   1 
ATOM   982  N N   . CYS A 1 134 ? -8.567  10.445  -5.667  1.00 9.99  ? 134 CYS A N   1 
ATOM   983  C CA  . CYS A 1 134 ? -7.571  11.502  -5.786  1.00 10.85 ? 134 CYS A CA  1 
ATOM   984  C C   . CYS A 1 134 ? -8.117  12.761  -6.436  1.00 10.76 ? 134 CYS A C   1 
ATOM   985  O O   . CYS A 1 134 ? -7.586  13.852  -6.224  1.00 11.80 ? 134 CYS A O   1 
ATOM   986  C CB  . CYS A 1 134 ? -6.363  11.014  -6.574  1.00 8.90  ? 134 CYS A CB  1 
ATOM   987  S SG  . CYS A 1 134 ? -5.521  9.569   -5.856  1.00 11.47 ? 134 CYS A SG  1 
ATOM   988  N N   . THR A 1 135 ? -9.169  12.617  -7.231  1.00 11.61 ? 135 THR A N   1 
ATOM   989  C CA  . THR A 1 135 ? -9.750  13.781  -7.874  1.00 14.41 ? 135 THR A CA  1 
ATOM   990  C C   . THR A 1 135 ? -10.394 14.656  -6.805  1.00 14.64 ? 135 THR A C   1 
ATOM   991  O O   . THR A 1 135 ? -10.141 15.853  -6.750  1.00 14.40 ? 135 THR A O   1 
ATOM   992  C CB  . THR A 1 135 ? -10.748 13.360  -8.962  1.00 15.68 ? 135 THR A CB  1 
ATOM   993  O OG1 . THR A 1 135 ? -10.015 12.972  -10.135 1.00 15.54 ? 135 THR A OG1 1 
ATOM   994  C CG2 . THR A 1 135 ? -11.677 14.510  -9.314  1.00 17.43 ? 135 THR A CG2 1 
ATOM   995  N N   . PRO A 1 136 ? -11.220 14.066  -5.927  1.00 15.85 ? 136 PRO A N   1 
ATOM   996  C CA  . PRO A 1 136 ? -11.834 14.897  -4.890  1.00 15.70 ? 136 PRO A CA  1 
ATOM   997  C C   . PRO A 1 136 ? -10.840 15.338  -3.821  1.00 14.66 ? 136 PRO A C   1 
ATOM   998  O O   . PRO A 1 136 ? -11.061 16.338  -3.138  1.00 14.15 ? 136 PRO A O   1 
ATOM   999  C CB  . PRO A 1 136 ? -12.932 13.993  -4.329  1.00 17.22 ? 136 PRO A CB  1 
ATOM   1000 C CG  . PRO A 1 136 ? -12.377 12.619  -4.537  1.00 17.53 ? 136 PRO A CG  1 
ATOM   1001 C CD  . PRO A 1 136 ? -11.805 12.715  -5.928  1.00 15.91 ? 136 PRO A CD  1 
ATOM   1002 N N   . GLN A 1 137 ? -9.740  14.605  -3.667  1.00 14.21 ? 137 GLN A N   1 
ATOM   1003 C CA  . GLN A 1 137 ? -8.766  14.986  -2.651  1.00 14.12 ? 137 GLN A CA  1 
ATOM   1004 C C   . GLN A 1 137 ? -7.982  16.242  -3.009  1.00 14.09 ? 137 GLN A C   1 
ATOM   1005 O O   . GLN A 1 137 ? -7.891  17.169  -2.202  1.00 13.84 ? 137 GLN A O   1 
ATOM   1006 C CB  . GLN A 1 137 ? -7.767  13.861  -2.374  1.00 14.73 ? 137 GLN A CB  1 
ATOM   1007 C CG  . GLN A 1 137 ? -7.045  14.078  -1.052  1.00 13.59 ? 137 GLN A CG  1 
ATOM   1008 C CD  . GLN A 1 137 ? -5.852  13.173  -0.853  1.00 13.61 ? 137 GLN A CD  1 
ATOM   1009 O OE1 . GLN A 1 137 ? -5.830  12.034  -1.321  1.00 12.82 ? 137 GLN A OE1 1 
ATOM   1010 N NE2 . GLN A 1 137 ? -4.852  13.674  -0.133  1.00 12.73 ? 137 GLN A NE2 1 
ATOM   1011 N N   . PHE A 1 138 ? -7.422  16.271  -4.216  1.00 12.86 ? 138 PHE A N   1 
ATOM   1012 C CA  . PHE A 1 138 ? -6.618  17.408  -4.655  1.00 13.43 ? 138 PHE A CA  1 
ATOM   1013 C C   . PHE A 1 138 ? -6.660  17.699  -6.156  1.00 12.50 ? 138 PHE A C   1 
ATOM   1014 O O   . PHE A 1 138 ? -5.770  18.358  -6.683  1.00 12.71 ? 138 PHE A O   1 
ATOM   1015 C CB  . PHE A 1 138 ? -5.161  17.199  -4.216  1.00 12.98 ? 138 PHE A CB  1 
ATOM   1016 C CG  . PHE A 1 138 ? -4.611  15.836  -4.558  1.00 11.04 ? 138 PHE A CG  1 
ATOM   1017 C CD1 . PHE A 1 138 ? -4.381  15.471  -5.879  1.00 13.88 ? 138 PHE A CD1 1 
ATOM   1018 C CD2 . PHE A 1 138 ? -4.330  14.916  -3.552  1.00 13.34 ? 138 PHE A CD2 1 
ATOM   1019 C CE1 . PHE A 1 138 ? -3.881  14.206  -6.197  1.00 11.95 ? 138 PHE A CE1 1 
ATOM   1020 C CE2 . PHE A 1 138 ? -3.830  13.645  -3.855  1.00 12.56 ? 138 PHE A CE2 1 
ATOM   1021 C CZ  . PHE A 1 138 ? -3.603  13.292  -5.182  1.00 13.31 ? 138 PHE A CZ  1 
ATOM   1022 N N   . GLY A 1 139 ? -7.683  17.208  -6.846  1.00 13.69 ? 139 GLY A N   1 
ATOM   1023 C CA  . GLY A 1 139 ? -7.772  17.471  -8.273  1.00 14.45 ? 139 GLY A CA  1 
ATOM   1024 C C   . GLY A 1 139 ? -7.416  16.293  -9.161  1.00 15.37 ? 139 GLY A C   1 
ATOM   1025 O O   . GLY A 1 139 ? -7.623  16.340  -10.375 1.00 15.91 ? 139 GLY A O   1 
ATOM   1026 N N   . GLY A 1 140 ? -6.862  15.244  -8.564  1.00 13.97 ? 140 GLY A N   1 
ATOM   1027 C CA  . GLY A 1 140 ? -6.510  14.064  -9.333  1.00 15.57 ? 140 GLY A CA  1 
ATOM   1028 C C   . GLY A 1 140 ? -5.035  13.894  -9.641  1.00 15.32 ? 140 GLY A C   1 
ATOM   1029 O O   . GLY A 1 140 ? -4.234  14.816  -9.470  1.00 16.14 ? 140 GLY A O   1 
ATOM   1030 N N   . LEU A 1 141 ? -4.686  12.693  -10.092 1.00 14.57 ? 141 LEU A N   1 
ATOM   1031 C CA  . LEU A 1 141 ? -3.314  12.351  -10.456 1.00 13.64 ? 141 LEU A CA  1 
ATOM   1032 C C   . LEU A 1 141 ? -3.283  11.992  -11.936 1.00 13.30 ? 141 LEU A C   1 
ATOM   1033 O O   . LEU A 1 141 ? -4.231  11.416  -12.458 1.00 13.64 ? 141 LEU A O   1 
ATOM   1034 C CB  . LEU A 1 141 ? -2.826  11.136  -9.657  1.00 12.47 ? 141 LEU A CB  1 
ATOM   1035 C CG  . LEU A 1 141 ? -2.615  11.300  -8.150  1.00 13.03 ? 141 LEU A CG  1 
ATOM   1036 C CD1 . LEU A 1 141 ? -2.230  9.962   -7.537  1.00 10.30 ? 141 LEU A CD1 1 
ATOM   1037 C CD2 . LEU A 1 141 ? -1.520  12.332  -7.898  1.00 13.88 ? 141 LEU A CD2 1 
ATOM   1038 N N   . PRO A 1 142 ? -2.189  12.334  -12.632 1.00 13.66 ? 142 PRO A N   1 
ATOM   1039 C CA  . PRO A 1 142 ? -2.090  12.015  -14.059 1.00 14.68 ? 142 PRO A CA  1 
ATOM   1040 C C   . PRO A 1 142 ? -1.820  10.523  -14.224 1.00 13.61 ? 142 PRO A C   1 
ATOM   1041 O O   . PRO A 1 142 ? -1.481  9.841   -13.254 1.00 14.32 ? 142 PRO A O   1 
ATOM   1042 C CB  . PRO A 1 142 ? -0.918  12.877  -14.522 1.00 15.18 ? 142 PRO A CB  1 
ATOM   1043 C CG  . PRO A 1 142 ? -0.029  12.879  -13.319 1.00 14.06 ? 142 PRO A CG  1 
ATOM   1044 C CD  . PRO A 1 142 ? -1.015  13.099  -12.180 1.00 14.17 ? 142 PRO A CD  1 
ATOM   1045 N N   . GLY A 1 143 ? -1.990  10.018  -15.440 1.00 13.65 ? 143 GLY A N   1 
ATOM   1046 C CA  . GLY A 1 143 ? -1.738  8.610   -15.694 1.00 14.62 ? 143 GLY A CA  1 
ATOM   1047 C C   . GLY A 1 143 ? -2.960  7.835   -16.142 1.00 14.36 ? 143 GLY A C   1 
ATOM   1048 O O   . GLY A 1 143 ? -4.095  8.284   -15.959 1.00 14.84 ? 143 GLY A O   1 
ATOM   1049 N N   . ALA A 1 144 ? -2.738  6.673   -16.747 1.00 12.62 ? 144 ALA A N   1 
ATOM   1050 C CA  . ALA A 1 144 ? -3.856  5.856   -17.184 1.00 13.45 ? 144 ALA A CA  1 
ATOM   1051 C C   . ALA A 1 144 ? -4.555  5.389   -15.917 1.00 13.61 ? 144 ALA A C   1 
ATOM   1052 O O   . ALA A 1 144 ? -3.932  5.293   -14.860 1.00 11.92 ? 144 ALA A O   1 
ATOM   1053 C CB  . ALA A 1 144 ? -3.364  4.657   -17.988 1.00 13.92 ? 144 ALA A CB  1 
ATOM   1054 N N   . ARG A 1 145 ? -5.849  5.113   -16.029 1.00 13.17 ? 145 ARG A N   1 
ATOM   1055 C CA  . ARG A 1 145 ? -6.643  4.664   -14.892 1.00 14.56 ? 145 ARG A CA  1 
ATOM   1056 C C   . ARG A 1 145 ? -6.000  3.446   -14.231 1.00 13.64 ? 145 ARG A C   1 
ATOM   1057 O O   . ARG A 1 145 ? -5.934  3.353   -13.004 1.00 13.11 ? 145 ARG A O   1 
ATOM   1058 C CB  . ARG A 1 145 ? -8.064  4.339   -15.363 1.00 14.03 ? 145 ARG A CB  1 
ATOM   1059 C CG  . ARG A 1 145 ? -9.031  3.951   -14.256 1.00 18.78 ? 145 ARG A CG  1 
ATOM   1060 C CD  . ARG A 1 145 ? -10.466 3.987   -14.766 1.00 18.85 ? 145 ARG A CD  1 
ATOM   1061 N NE  . ARG A 1 145 ? -11.437 3.585   -13.754 1.00 23.92 ? 145 ARG A NE  1 
ATOM   1062 C CZ  . ARG A 1 145 ? -12.752 3.555   -13.957 1.00 25.05 ? 145 ARG A CZ  1 
ATOM   1063 N NH1 . ARG A 1 145 ? -13.247 3.903   -15.139 1.00 22.81 ? 145 ARG A NH1 1 
ATOM   1064 N NH2 . ARG A 1 145 ? -13.572 3.179   -12.981 1.00 26.85 ? 145 ARG A NH2 1 
ATOM   1065 N N   . TYR A 1 146 ? -5.519  2.522   -15.060 1.00 12.58 ? 146 TYR A N   1 
ATOM   1066 C CA  . TYR A 1 146 ? -4.866  1.304   -14.590 1.00 12.12 ? 146 TYR A CA  1 
ATOM   1067 C C   . TYR A 1 146 ? -3.400  1.345   -15.009 1.00 12.70 ? 146 TYR A C   1 
ATOM   1068 O O   . TYR A 1 146 ? -3.095  1.420   -16.197 1.00 13.37 ? 146 TYR A O   1 
ATOM   1069 C CB  . TYR A 1 146 ? -5.555  0.081   -15.201 1.00 11.68 ? 146 TYR A CB  1 
ATOM   1070 C CG  . TYR A 1 146 ? -6.991  -0.062  -14.760 1.00 10.58 ? 146 TYR A CG  1 
ATOM   1071 C CD1 . TYR A 1 146 ? -7.311  -0.696  -13.564 1.00 12.44 ? 146 TYR A CD1 1 
ATOM   1072 C CD2 . TYR A 1 146 ? -8.028  0.477   -15.516 1.00 13.14 ? 146 TYR A CD2 1 
ATOM   1073 C CE1 . TYR A 1 146 ? -8.634  -0.789  -13.127 1.00 12.49 ? 146 TYR A CE1 1 
ATOM   1074 C CE2 . TYR A 1 146 ? -9.351  0.394   -15.089 1.00 12.35 ? 146 TYR A CE2 1 
ATOM   1075 C CZ  . TYR A 1 146 ? -9.646  -0.240  -13.896 1.00 12.57 ? 146 TYR A CZ  1 
ATOM   1076 O OH  . TYR A 1 146 ? -10.959 -0.320  -13.480 1.00 12.89 ? 146 TYR A OH  1 
ATOM   1077 N N   . GLY A 1 147 ? -2.498  1.306   -14.032 1.00 11.38 ? 147 GLY A N   1 
ATOM   1078 C CA  . GLY A 1 147 ? -1.078  1.356   -14.340 1.00 10.31 ? 147 GLY A CA  1 
ATOM   1079 C C   . GLY A 1 147 ? -0.489  2.713   -14.004 1.00 11.11 ? 147 GLY A C   1 
ATOM   1080 O O   . GLY A 1 147 ? 0.682   2.825   -13.632 1.00 11.11 ? 147 GLY A O   1 
ATOM   1081 N N   . GLY A 1 148 ? -1.304  3.752   -14.151 1.00 9.43  ? 148 GLY A N   1 
ATOM   1082 C CA  . GLY A 1 148 ? -0.864  5.098   -13.829 1.00 9.74  ? 148 GLY A CA  1 
ATOM   1083 C C   . GLY A 1 148 ? 0.071   5.739   -14.832 1.00 10.50 ? 148 GLY A C   1 
ATOM   1084 O O   . GLY A 1 148 ? -0.090  5.566   -16.039 1.00 9.91  ? 148 GLY A O   1 
ATOM   1085 N N   . ILE A 1 149 ? 1.050   6.487   -14.332 1.00 9.50  ? 149 ILE A N   1 
ATOM   1086 C CA  . ILE A 1 149 ? 2.000   7.157   -15.206 1.00 9.75  ? 149 ILE A CA  1 
ATOM   1087 C C   . ILE A 1 149 ? 2.957   6.164   -15.850 1.00 10.88 ? 149 ILE A C   1 
ATOM   1088 O O   . ILE A 1 149 ? 3.025   5.000   -15.447 1.00 12.00 ? 149 ILE A O   1 
ATOM   1089 C CB  . ILE A 1 149 ? 2.817   8.230   -14.458 1.00 11.69 ? 149 ILE A CB  1 
ATOM   1090 C CG1 . ILE A 1 149 ? 3.561   7.606   -13.276 1.00 10.26 ? 149 ILE A CG1 1 
ATOM   1091 C CG2 . ILE A 1 149 ? 1.893   9.356   -14.008 1.00 9.40  ? 149 ILE A CG2 1 
ATOM   1092 C CD1 . ILE A 1 149 ? 4.516   8.576   -12.587 1.00 12.32 ? 149 ILE A CD1 1 
ATOM   1093 N N   . SER A 1 150 ? 3.688   6.642   -16.852 1.00 11.07 ? 150 SER A N   1 
ATOM   1094 C CA  . SER A 1 150 ? 4.629   5.822   -17.604 1.00 13.17 ? 150 SER A CA  1 
ATOM   1095 C C   . SER A 1 150 ? 6.092   6.231   -17.451 1.00 12.94 ? 150 SER A C   1 
ATOM   1096 O O   . SER A 1 150 ? 6.987   5.419   -17.679 1.00 14.47 ? 150 SER A O   1 
ATOM   1097 C CB  . SER A 1 150 ? 4.265   5.859   -19.091 1.00 14.02 ? 150 SER A CB  1 
ATOM   1098 O OG  . SER A 1 150 ? 2.970   5.333   -19.316 1.00 20.21 ? 150 SER A OG  1 
ATOM   1099 N N   . SER A 1 151 ? 6.338   7.482   -17.073 1.00 13.69 ? 151 SER A N   1 
ATOM   1100 C CA  . SER A 1 151 ? 7.709   7.971   -16.928 1.00 14.11 ? 151 SER A CA  1 
ATOM   1101 C C   . SER A 1 151 ? 7.957   8.720   -15.618 1.00 12.51 ? 151 SER A C   1 
ATOM   1102 O O   . SER A 1 151 ? 7.059   9.354   -15.068 1.00 12.89 ? 151 SER A O   1 
ATOM   1103 C CB  . SER A 1 151 ? 8.066   8.868   -18.118 1.00 15.22 ? 151 SER A CB  1 
ATOM   1104 O OG  . SER A 1 151 ? 7.140   9.933   -18.249 1.00 23.59 ? 151 SER A OG  1 
ATOM   1105 N N   . ARG A 1 152 ? 9.193   8.650   -15.132 1.00 12.72 ? 152 ARG A N   1 
ATOM   1106 C CA  . ARG A 1 152 ? 9.564   9.299   -13.879 1.00 13.29 ? 152 ARG A CA  1 
ATOM   1107 C C   . ARG A 1 152 ? 9.270   10.794  -13.891 1.00 12.87 ? 152 ARG A C   1 
ATOM   1108 O O   . ARG A 1 152 ? 8.897   11.371  -12.873 1.00 12.16 ? 152 ARG A O   1 
ATOM   1109 C CB  . ARG A 1 152 ? 11.050  9.078   -13.589 1.00 14.15 ? 152 ARG A CB  1 
ATOM   1110 C CG  . ARG A 1 152 ? 11.473  9.452   -12.176 1.00 13.28 ? 152 ARG A CG  1 
ATOM   1111 C CD  . ARG A 1 152 ? 12.958  9.176   -11.977 1.00 13.88 ? 152 ARG A CD  1 
ATOM   1112 N NE  . ARG A 1 152 ? 13.406  9.354   -10.599 1.00 13.65 ? 152 ARG A NE  1 
ATOM   1113 C CZ  . ARG A 1 152 ? 13.508  10.521  -9.974  1.00 14.19 ? 152 ARG A CZ  1 
ATOM   1114 N NH1 . ARG A 1 152 ? 13.189  11.652  -10.594 1.00 13.03 ? 152 ARG A NH1 1 
ATOM   1115 N NH2 . ARG A 1 152 ? 13.945  10.552  -8.720  1.00 15.95 ? 152 ARG A NH2 1 
ATOM   1116 N N   . GLN A 1 153 ? 9.438   11.413  -15.052 1.00 15.08 ? 153 GLN A N   1 
ATOM   1117 C CA  . GLN A 1 153 ? 9.210   12.841  -15.191 1.00 16.56 ? 153 GLN A CA  1 
ATOM   1118 C C   . GLN A 1 153 ? 7.800   13.235  -14.754 1.00 15.64 ? 153 GLN A C   1 
ATOM   1119 O O   . GLN A 1 153 ? 7.588   14.319  -14.209 1.00 15.77 ? 153 GLN A O   1 
ATOM   1120 C CB  . GLN A 1 153 ? 9.445   13.273  -16.647 1.00 20.68 ? 153 GLN A CB  1 
ATOM   1121 C CG  . GLN A 1 153 ? 10.774  12.808  -17.247 1.00 27.69 ? 153 GLN A CG  1 
ATOM   1122 C CD  . GLN A 1 153 ? 10.965  13.263  -18.691 1.00 32.80 ? 153 GLN A CD  1 
ATOM   1123 O OE1 . GLN A 1 153 ? 10.221  12.857  -19.587 1.00 37.10 ? 153 GLN A OE1 1 
ATOM   1124 N NE2 . GLN A 1 153 ? 11.966  14.107  -18.919 1.00 34.42 ? 153 GLN A NE2 1 
ATOM   1125 N N   . GLU A 1 154 ? 6.836   12.350  -14.975 1.00 13.34 ? 154 GLU A N   1 
ATOM   1126 C CA  . GLU A 1 154 ? 5.456   12.647  -14.608 1.00 11.62 ? 154 GLU A CA  1 
ATOM   1127 C C   . GLU A 1 154 ? 5.234   12.876  -13.114 1.00 11.02 ? 154 GLU A C   1 
ATOM   1128 O O   . GLU A 1 154 ? 4.230   13.472  -12.723 1.00 10.73 ? 154 GLU A O   1 
ATOM   1129 C CB  . GLU A 1 154 ? 4.530   11.545  -15.125 1.00 11.79 ? 154 GLU A CB  1 
ATOM   1130 C CG  . GLU A 1 154 ? 4.440   11.507  -16.644 1.00 13.59 ? 154 GLU A CG  1 
ATOM   1131 C CD  . GLU A 1 154 ? 3.448   10.476  -17.131 1.00 13.17 ? 154 GLU A CD  1 
ATOM   1132 O OE1 . GLU A 1 154 ? 3.881   9.388   -17.551 1.00 14.85 ? 154 GLU A OE1 1 
ATOM   1133 O OE2 . GLU A 1 154 ? 2.235   10.756  -17.077 1.00 15.34 ? 154 GLU A OE2 1 
ATOM   1134 N N   . CYS A 1 155 ? 6.169   12.428  -12.282 1.00 11.24 ? 155 CYS A N   1 
ATOM   1135 C CA  . CYS A 1 155 ? 6.038   12.625  -10.841 1.00 11.81 ? 155 CYS A CA  1 
ATOM   1136 C C   . CYS A 1 155 ? 6.176   14.098  -10.462 1.00 14.21 ? 155 CYS A C   1 
ATOM   1137 O O   . CYS A 1 155 ? 5.718   14.517  -9.401  1.00 14.80 ? 155 CYS A O   1 
ATOM   1138 C CB  . CYS A 1 155 ? 7.119   11.851  -10.081 1.00 11.03 ? 155 CYS A CB  1 
ATOM   1139 S SG  . CYS A 1 155 ? 7.061   10.040  -10.213 1.00 11.00 ? 155 CYS A SG  1 
ATOM   1140 N N   . ASP A 1 156 ? 6.810   14.889  -11.319 1.00 17.94 ? 156 ASP A N   1 
ATOM   1141 C CA  . ASP A 1 156 ? 7.031   16.295  -11.002 1.00 19.66 ? 156 ASP A CA  1 
ATOM   1142 C C   . ASP A 1 156 ? 5.803   17.137  -10.726 1.00 19.71 ? 156 ASP A C   1 
ATOM   1143 O O   . ASP A 1 156 ? 5.903   18.155  -10.045 1.00 21.02 ? 156 ASP A O   1 
ATOM   1144 C CB  . ASP A 1 156 ? 7.858   16.953  -12.097 1.00 23.98 ? 156 ASP A CB  1 
ATOM   1145 C CG  . ASP A 1 156 ? 9.227   16.332  -12.228 1.00 27.51 ? 156 ASP A CG  1 
ATOM   1146 O OD1 . ASP A 1 156 ? 9.885   16.112  -11.186 1.00 30.72 ? 156 ASP A OD1 1 
ATOM   1147 O OD2 . ASP A 1 156 ? 9.648   16.070  -13.372 1.00 31.15 ? 156 ASP A OD2 1 
ATOM   1148 N N   . SER A 1 157 ? 4.653   16.725  -11.251 1.00 19.14 ? 157 SER A N   1 
ATOM   1149 C CA  . SER A 1 157 ? 3.415   17.468  -11.051 1.00 18.72 ? 157 SER A CA  1 
ATOM   1150 C C   . SER A 1 157 ? 2.638   16.945  -9.850  1.00 18.23 ? 157 SER A C   1 
ATOM   1151 O O   . SER A 1 157 ? 1.610   17.504  -9.479  1.00 17.39 ? 157 SER A O   1 
ATOM   1152 C CB  . SER A 1 157 ? 2.540   17.379  -12.301 1.00 19.80 ? 157 SER A CB  1 
ATOM   1153 O OG  . SER A 1 157 ? 2.128   16.045  -12.544 1.00 21.45 ? 157 SER A OG  1 
ATOM   1154 N N   . PHE A 1 158 ? 3.133   15.870  -9.243  1.00 16.83 ? 158 PHE A N   1 
ATOM   1155 C CA  . PHE A 1 158 ? 2.471   15.274  -8.084  1.00 16.11 ? 158 PHE A CA  1 
ATOM   1156 C C   . PHE A 1 158 ? 2.595   16.148  -6.840  1.00 16.39 ? 158 PHE A C   1 
ATOM   1157 O O   . PHE A 1 158 ? 3.562   16.890  -6.686  1.00 15.87 ? 158 PHE A O   1 
ATOM   1158 C CB  . PHE A 1 158 ? 3.089   13.904  -7.763  1.00 14.06 ? 158 PHE A CB  1 
ATOM   1159 C CG  . PHE A 1 158 ? 2.577   12.773  -8.624  1.00 13.25 ? 158 PHE A CG  1 
ATOM   1160 C CD1 . PHE A 1 158 ? 2.457   12.920  -10.004 1.00 10.17 ? 158 PHE A CD1 1 
ATOM   1161 C CD2 . PHE A 1 158 ? 2.246   11.543  -8.051  1.00 10.39 ? 158 PHE A CD2 1 
ATOM   1162 C CE1 . PHE A 1 158 ? 2.016   11.864  -10.798 1.00 8.98  ? 158 PHE A CE1 1 
ATOM   1163 C CE2 . PHE A 1 158 ? 1.805   10.484  -8.841  1.00 10.76 ? 158 PHE A CE2 1 
ATOM   1164 C CZ  . PHE A 1 158 ? 1.690   10.644  -10.218 1.00 7.86  ? 158 PHE A CZ  1 
ATOM   1165 N N   . PRO A 1 159 ? 1.598   16.087  -5.941  1.00 17.11 ? 159 PRO A N   1 
ATOM   1166 C CA  . PRO A 1 159 ? 1.700   16.897  -4.728  1.00 16.70 ? 159 PRO A CA  1 
ATOM   1167 C C   . PRO A 1 159 ? 2.956   16.384  -4.039  1.00 16.79 ? 159 PRO A C   1 
ATOM   1168 O O   . PRO A 1 159 ? 3.197   15.177  -4.009  1.00 15.15 ? 159 PRO A O   1 
ATOM   1169 C CB  . PRO A 1 159 ? 0.420   16.550  -3.969  1.00 17.66 ? 159 PRO A CB  1 
ATOM   1170 C CG  . PRO A 1 159 ? 0.093   15.179  -4.454  1.00 21.77 ? 159 PRO A CG  1 
ATOM   1171 C CD  . PRO A 1 159 ? 0.362   15.292  -5.932  1.00 18.30 ? 159 PRO A CD  1 
ATOM   1172 N N   . GLU A 1 160 ? 3.762   17.301  -3.520  1.00 15.88 ? 160 GLU A N   1 
ATOM   1173 C CA  . GLU A 1 160 ? 5.017   16.956  -2.863  1.00 17.12 ? 160 GLU A CA  1 
ATOM   1174 C C   . GLU A 1 160 ? 4.981   15.699  -1.993  1.00 14.84 ? 160 GLU A C   1 
ATOM   1175 O O   . GLU A 1 160 ? 5.844   14.826  -2.118  1.00 14.70 ? 160 GLU A O   1 
ATOM   1176 C CB  . GLU A 1 160 ? 5.506   18.140  -2.023  1.00 18.48 ? 160 GLU A CB  1 
ATOM   1177 C CG  . GLU A 1 160 ? 6.840   17.883  -1.347  1.00 24.79 ? 160 GLU A CG  1 
ATOM   1178 C CD  . GLU A 1 160 ? 7.975   17.797  -2.340  1.00 26.57 ? 160 GLU A CD  1 
ATOM   1179 O OE1 . GLU A 1 160 ? 9.053   17.284  -1.972  1.00 29.74 ? 160 GLU A OE1 1 
ATOM   1180 O OE2 . GLU A 1 160 ? 7.792   18.250  -3.489  1.00 27.12 ? 160 GLU A OE2 1 
ATOM   1181 N N   . PRO A 1 161 ? 3.989   15.588  -1.095  1.00 14.43 ? 161 PRO A N   1 
ATOM   1182 C CA  . PRO A 1 161 ? 3.933   14.395  -0.243  1.00 13.29 ? 161 PRO A CA  1 
ATOM   1183 C C   . PRO A 1 161 ? 3.917   13.068  -0.997  1.00 12.43 ? 161 PRO A C   1 
ATOM   1184 O O   . PRO A 1 161 ? 4.336   12.043  -0.462  1.00 11.67 ? 161 PRO A O   1 
ATOM   1185 C CB  . PRO A 1 161 ? 2.657   14.609  0.564   1.00 14.72 ? 161 PRO A CB  1 
ATOM   1186 C CG  . PRO A 1 161 ? 2.583   16.101  0.680   1.00 14.22 ? 161 PRO A CG  1 
ATOM   1187 C CD  . PRO A 1 161 ? 2.931   16.544  -0.725  1.00 13.39 ? 161 PRO A CD  1 
ATOM   1188 N N   . LEU A 1 162 ? 3.436   13.089  -2.236  1.00 11.25 ? 162 LEU A N   1 
ATOM   1189 C CA  . LEU A 1 162 ? 3.347   11.870  -3.033  1.00 10.24 ? 162 LEU A CA  1 
ATOM   1190 C C   . LEU A 1 162 ? 4.497   11.664  -4.026  1.00 9.01  ? 162 LEU A C   1 
ATOM   1191 O O   . LEU A 1 162 ? 4.585   10.620  -4.665  1.00 9.11  ? 162 LEU A O   1 
ATOM   1192 C CB  . LEU A 1 162 ? 2.005   11.846  -3.780  1.00 8.56  ? 162 LEU A CB  1 
ATOM   1193 C CG  . LEU A 1 162 ? 0.754   11.787  -2.888  1.00 7.61  ? 162 LEU A CG  1 
ATOM   1194 C CD1 . LEU A 1 162 ? -0.514  11.905  -3.736  1.00 4.01  ? 162 LEU A CD1 1 
ATOM   1195 C CD2 . LEU A 1 162 ? 0.756   10.470  -2.111  1.00 8.47  ? 162 LEU A CD2 1 
ATOM   1196 N N   . LYS A 1 163 ? 5.379   12.649  -4.153  1.00 9.95  ? 163 LYS A N   1 
ATOM   1197 C CA  . LYS A 1 163 ? 6.500   12.539  -5.084  1.00 11.50 ? 163 LYS A CA  1 
ATOM   1198 C C   . LYS A 1 163 ? 7.503   11.434  -4.766  1.00 11.30 ? 163 LYS A C   1 
ATOM   1199 O O   . LYS A 1 163 ? 7.885   10.669  -5.646  1.00 11.75 ? 163 LYS A O   1 
ATOM   1200 C CB  . LYS A 1 163 ? 7.252   13.865  -5.173  1.00 13.91 ? 163 LYS A CB  1 
ATOM   1201 C CG  . LYS A 1 163 ? 6.616   14.892  -6.073  1.00 18.50 ? 163 LYS A CG  1 
ATOM   1202 C CD  . LYS A 1 163 ? 7.540   16.094  -6.230  1.00 21.81 ? 163 LYS A CD  1 
ATOM   1203 C CE  . LYS A 1 163 ? 7.009   17.067  -7.259  1.00 25.68 ? 163 LYS A CE  1 
ATOM   1204 N NZ  . LYS A 1 163 ? 7.936   18.216  -7.485  1.00 26.84 ? 163 LYS A NZ  1 
ATOM   1205 N N   . PRO A 1 164 ? 7.954   11.343  -3.506  1.00 11.78 ? 164 PRO A N   1 
ATOM   1206 C CA  . PRO A 1 164 ? 8.920   10.298  -3.160  1.00 11.60 ? 164 PRO A CA  1 
ATOM   1207 C C   . PRO A 1 164 ? 8.472   8.894   -3.564  1.00 12.38 ? 164 PRO A C   1 
ATOM   1208 O O   . PRO A 1 164 ? 9.227   8.159   -4.194  1.00 11.70 ? 164 PRO A O   1 
ATOM   1209 C CB  . PRO A 1 164 ? 9.068   10.458  -1.648  1.00 12.24 ? 164 PRO A CB  1 
ATOM   1210 C CG  . PRO A 1 164 ? 8.875   11.936  -1.464  1.00 14.20 ? 164 PRO A CG  1 
ATOM   1211 C CD  . PRO A 1 164 ? 7.681   12.209  -2.346  1.00 10.63 ? 164 PRO A CD  1 
ATOM   1212 N N   . GLY A 1 165 ? 7.241   8.530   -3.205  1.00 12.16 ? 165 GLY A N   1 
ATOM   1213 C CA  . GLY A 1 165 ? 6.733   7.208   -3.541  1.00 10.97 ? 165 GLY A CA  1 
ATOM   1214 C C   . GLY A 1 165 ? 6.579   7.027   -5.040  1.00 9.77  ? 165 GLY A C   1 
ATOM   1215 O O   . GLY A 1 165 ? 6.746   5.934   -5.582  1.00 9.67  ? 165 GLY A O   1 
ATOM   1216 N N   . CYS A 1 166 ? 6.247   8.116   -5.719  1.00 10.31 ? 166 CYS A N   1 
ATOM   1217 C CA  . CYS A 1 166 ? 6.081   8.076   -7.159  1.00 10.34 ? 166 CYS A CA  1 
ATOM   1218 C C   . CYS A 1 166 ? 7.420   7.754   -7.806  1.00 10.06 ? 166 CYS A C   1 
ATOM   1219 O O   . CYS A 1 166 ? 7.505   6.876   -8.663  1.00 10.95 ? 166 CYS A O   1 
ATOM   1220 C CB  . CYS A 1 166 ? 5.571   9.430   -7.652  1.00 10.69 ? 166 CYS A CB  1 
ATOM   1221 S SG  . CYS A 1 166 ? 5.244   9.568   -9.437  1.00 10.88 ? 166 CYS A SG  1 
ATOM   1222 N N   . GLN A 1 167 ? 8.465   8.462   -7.382  1.00 9.49  ? 167 GLN A N   1 
ATOM   1223 C CA  . GLN A 1 167 ? 9.805   8.272   -7.934  1.00 9.19  ? 167 GLN A CA  1 
ATOM   1224 C C   . GLN A 1 167 ? 10.415  6.925   -7.537  1.00 8.70  ? 167 GLN A C   1 
ATOM   1225 O O   . GLN A 1 167 ? 11.212  6.349   -8.277  1.00 8.03  ? 167 GLN A O   1 
ATOM   1226 C CB  . GLN A 1 167 ? 10.719  9.421   -7.482  1.00 11.35 ? 167 GLN A CB  1 
ATOM   1227 C CG  . GLN A 1 167 ? 10.173  10.800  -7.852  1.00 13.37 ? 167 GLN A CG  1 
ATOM   1228 C CD  . GLN A 1 167 ? 11.018  11.950  -7.322  1.00 15.64 ? 167 GLN A CD  1 
ATOM   1229 O OE1 . GLN A 1 167 ? 11.466  11.931  -6.177  1.00 13.87 ? 167 GLN A OE1 1 
ATOM   1230 N NE2 . GLN A 1 167 ? 11.222  12.969  -8.155  1.00 14.05 ? 167 GLN A NE2 1 
ATOM   1231 N N   . TRP A 1 168 ? 10.043  6.431   -6.361  1.00 8.72  ? 168 TRP A N   1 
ATOM   1232 C CA  . TRP A 1 168 ? 10.543  5.145   -5.881  1.00 9.29  ? 168 TRP A CA  1 
ATOM   1233 C C   . TRP A 1 168 ? 10.249  4.057   -6.905  1.00 9.68  ? 168 TRP A C   1 
ATOM   1234 O O   . TRP A 1 168 ? 11.041  3.132   -7.107  1.00 10.70 ? 168 TRP A O   1 
ATOM   1235 C CB  . TRP A 1 168 ? 9.862   4.783   -4.557  1.00 9.15  ? 168 TRP A CB  1 
ATOM   1236 C CG  . TRP A 1 168 ? 10.137  3.390   -4.084  1.00 9.71  ? 168 TRP A CG  1 
ATOM   1237 C CD1 . TRP A 1 168 ? 11.166  2.978   -3.284  1.00 10.10 ? 168 TRP A CD1 1 
ATOM   1238 C CD2 . TRP A 1 168 ? 9.368   2.219   -4.386  1.00 9.55  ? 168 TRP A CD2 1 
ATOM   1239 N NE1 . TRP A 1 168 ? 11.081  1.623   -3.065  1.00 9.90  ? 168 TRP A NE1 1 
ATOM   1240 C CE2 . TRP A 1 168 ? 9.986   1.134   -3.728  1.00 11.24 ? 168 TRP A CE2 1 
ATOM   1241 C CE3 . TRP A 1 168 ? 8.212   1.986   -5.145  1.00 9.56  ? 168 TRP A CE3 1 
ATOM   1242 C CZ2 . TRP A 1 168 ? 9.491   -0.173  -3.812  1.00 11.26 ? 168 TRP A CZ2 1 
ATOM   1243 C CZ3 . TRP A 1 168 ? 7.717   0.688   -5.229  1.00 9.72  ? 168 TRP A CZ3 1 
ATOM   1244 C CH2 . TRP A 1 168 ? 8.358   -0.376  -4.561  1.00 10.61 ? 168 TRP A CH2 1 
ATOM   1245 N N   . ARG A 1 169 ? 9.104   4.178   -7.564  1.00 10.45 ? 169 ARG A N   1 
ATOM   1246 C CA  . ARG A 1 169 ? 8.701   3.188   -8.547  1.00 10.68 ? 169 ARG A CA  1 
ATOM   1247 C C   . ARG A 1 169 ? 9.673   3.065   -9.716  1.00 11.37 ? 169 ARG A C   1 
ATOM   1248 O O   . ARG A 1 169 ? 9.824   1.990   -10.297 1.00 11.58 ? 169 ARG A O   1 
ATOM   1249 C CB  . ARG A 1 169 ? 7.309   3.531   -9.069  1.00 12.55 ? 169 ARG A CB  1 
ATOM   1250 C CG  . ARG A 1 169 ? 6.787   2.562   -10.101 1.00 13.35 ? 169 ARG A CG  1 
ATOM   1251 C CD  . ARG A 1 169 ? 5.547   3.135   -10.733 1.00 16.50 ? 169 ARG A CD  1 
ATOM   1252 N NE  . ARG A 1 169 ? 5.497   2.864   -12.163 1.00 16.47 ? 169 ARG A NE  1 
ATOM   1253 C CZ  . ARG A 1 169 ? 4.569   3.358   -12.972 1.00 16.53 ? 169 ARG A CZ  1 
ATOM   1254 N NH1 . ARG A 1 169 ? 3.622   4.151   -12.487 1.00 15.00 ? 169 ARG A NH1 1 
ATOM   1255 N NH2 . ARG A 1 169 ? 4.582   3.053   -14.260 1.00 19.19 ? 169 ARG A NH2 1 
ATOM   1256 N N   . PHE A 1 170 ? 10.333  4.166   -10.052 1.00 12.14 ? 170 PHE A N   1 
ATOM   1257 C CA  . PHE A 1 170 ? 11.270  4.186   -11.167 1.00 12.45 ? 170 PHE A CA  1 
ATOM   1258 C C   . PHE A 1 170 ? 12.712  3.980   -10.741 1.00 13.53 ? 170 PHE A C   1 
ATOM   1259 O O   . PHE A 1 170 ? 13.518  3.430   -11.492 1.00 15.09 ? 170 PHE A O   1 
ATOM   1260 C CB  . PHE A 1 170 ? 11.128  5.507   -11.919 1.00 14.45 ? 170 PHE A CB  1 
ATOM   1261 C CG  . PHE A 1 170 ? 9.803   5.664   -12.589 1.00 14.14 ? 170 PHE A CG  1 
ATOM   1262 C CD1 . PHE A 1 170 ? 9.584   5.135   -13.859 1.00 13.78 ? 170 PHE A CD1 1 
ATOM   1263 C CD2 . PHE A 1 170 ? 8.748   6.288   -11.931 1.00 15.29 ? 170 PHE A CD2 1 
ATOM   1264 C CE1 . PHE A 1 170 ? 8.336   5.224   -14.461 1.00 14.01 ? 170 PHE A CE1 1 
ATOM   1265 C CE2 . PHE A 1 170 ? 7.498   6.381   -12.521 1.00 14.32 ? 170 PHE A CE2 1 
ATOM   1266 C CZ  . PHE A 1 170 ? 7.287   5.849   -13.790 1.00 15.57 ? 170 PHE A CZ  1 
ATOM   1267 N N   . ASP A 1 171 ? 13.032  4.415   -9.528  1.00 12.41 ? 171 ASP A N   1 
ATOM   1268 C CA  . ASP A 1 171 ? 14.383  4.280   -9.013  1.00 12.41 ? 171 ASP A CA  1 
ATOM   1269 C C   . ASP A 1 171 ? 14.623  2.878   -8.452  1.00 12.40 ? 171 ASP A C   1 
ATOM   1270 O O   . ASP A 1 171 ? 15.159  2.012   -9.140  1.00 15.39 ? 171 ASP A O   1 
ATOM   1271 C CB  . ASP A 1 171 ? 14.652  5.355   -7.950  1.00 12.28 ? 171 ASP A CB  1 
ATOM   1272 C CG  . ASP A 1 171 ? 14.530  6.774   -8.506  1.00 14.46 ? 171 ASP A CG  1 
ATOM   1273 O OD1 . ASP A 1 171 ? 14.650  6.941   -9.738  1.00 15.53 ? 171 ASP A OD1 1 
ATOM   1274 O OD2 . ASP A 1 171 ? 14.325  7.721   -7.719  1.00 16.11 ? 171 ASP A OD2 1 
ATOM   1275 N N   . TRP A 1 172 ? 14.206  2.636   -7.218  1.00 10.65 ? 172 TRP A N   1 
ATOM   1276 C CA  . TRP A 1 172 ? 14.415  1.324   -6.613  1.00 9.25  ? 172 TRP A CA  1 
ATOM   1277 C C   . TRP A 1 172 ? 13.679  0.189   -7.333  1.00 9.71  ? 172 TRP A C   1 
ATOM   1278 O O   . TRP A 1 172 ? 14.236  -0.889  -7.536  1.00 9.32  ? 172 TRP A O   1 
ATOM   1279 C CB  . TRP A 1 172 ? 13.965  1.359   -5.156  1.00 9.05  ? 172 TRP A CB  1 
ATOM   1280 C CG  . TRP A 1 172 ? 14.344  0.142   -4.397  1.00 8.97  ? 172 TRP A CG  1 
ATOM   1281 C CD1 . TRP A 1 172 ? 15.479  -0.044  -3.665  1.00 10.08 ? 172 TRP A CD1 1 
ATOM   1282 C CD2 . TRP A 1 172 ? 13.583  -1.064  -4.277  1.00 10.21 ? 172 TRP A CD2 1 
ATOM   1283 N NE1 . TRP A 1 172 ? 15.470  -1.294  -3.087  1.00 10.10 ? 172 TRP A NE1 1 
ATOM   1284 C CE2 . TRP A 1 172 ? 14.317  -1.939  -3.447  1.00 8.36  ? 172 TRP A CE2 1 
ATOM   1285 C CE3 . TRP A 1 172 ? 12.349  -1.489  -4.788  1.00 10.11 ? 172 TRP A CE3 1 
ATOM   1286 C CZ2 . TRP A 1 172 ? 13.859  -3.220  -3.114  1.00 11.01 ? 172 TRP A CZ2 1 
ATOM   1287 C CZ3 . TRP A 1 172 ? 11.890  -2.766  -4.460  1.00 11.19 ? 172 TRP A CZ3 1 
ATOM   1288 C CH2 . TRP A 1 172 ? 12.647  -3.616  -3.627  1.00 11.14 ? 172 TRP A CH2 1 
ATOM   1289 N N   . PHE A 1 173 ? 12.431  0.441   -7.723  1.00 9.55  ? 173 PHE A N   1 
ATOM   1290 C CA  . PHE A 1 173 ? 11.590  -0.570  -8.379  1.00 8.30  ? 173 PHE A CA  1 
ATOM   1291 C C   . PHE A 1 173 ? 11.857  -0.733  -9.883  1.00 7.96  ? 173 PHE A C   1 
ATOM   1292 O O   . PHE A 1 173 ? 11.339  -1.660  -10.511 1.00 9.00  ? 173 PHE A O   1 
ATOM   1293 C CB  . PHE A 1 173 ? 10.108  -0.224  -8.128  1.00 7.12  ? 173 PHE A CB  1 
ATOM   1294 C CG  . PHE A 1 173 ? 9.164   -1.417  -8.135  1.00 8.14  ? 173 PHE A CG  1 
ATOM   1295 C CD1 . PHE A 1 173 ? 9.458   -2.578  -7.414  1.00 8.08  ? 173 PHE A CD1 1 
ATOM   1296 C CD2 . PHE A 1 173 ? 7.935   -1.336  -8.786  1.00 8.77  ? 173 PHE A CD2 1 
ATOM   1297 C CE1 . PHE A 1 173 ? 8.538   -3.632  -7.337  1.00 9.79  ? 173 PHE A CE1 1 
ATOM   1298 C CE2 . PHE A 1 173 ? 7.013   -2.381  -8.712  1.00 8.99  ? 173 PHE A CE2 1 
ATOM   1299 C CZ  . PHE A 1 173 ? 7.316   -3.530  -7.983  1.00 8.61  ? 173 PHE A CZ  1 
ATOM   1300 N N   . GLN A 1 174 ? 12.653  0.164   -10.460 1.00 8.33  ? 174 GLN A N   1 
ATOM   1301 C CA  . GLN A 1 174 ? 12.987  0.082   -11.884 1.00 10.39 ? 174 GLN A CA  1 
ATOM   1302 C C   . GLN A 1 174 ? 11.762  -0.090  -12.777 1.00 10.39 ? 174 GLN A C   1 
ATOM   1303 O O   . GLN A 1 174 ? 11.812  -0.779  -13.799 1.00 9.59  ? 174 GLN A O   1 
ATOM   1304 C CB  . GLN A 1 174 ? 13.954  -1.082  -12.108 1.00 14.27 ? 174 GLN A CB  1 
ATOM   1305 C CG  . GLN A 1 174 ? 15.306  -0.851  -11.470 1.00 19.97 ? 174 GLN A CG  1 
ATOM   1306 C CD  . GLN A 1 174 ? 16.067  0.240   -12.176 1.00 24.72 ? 174 GLN A CD  1 
ATOM   1307 O OE1 . GLN A 1 174 ? 16.442  0.087   -13.339 1.00 29.17 ? 174 GLN A OE1 1 
ATOM   1308 N NE2 . GLN A 1 174 ? 16.290  1.359   -11.489 1.00 26.68 ? 174 GLN A NE2 1 
ATOM   1309 N N   . ASN A 1 175 ? 10.666  0.546   -12.376 1.00 10.60 ? 175 ASN A N   1 
ATOM   1310 C CA  . ASN A 1 175 ? 9.395   0.498   -13.099 1.00 11.41 ? 175 ASN A CA  1 
ATOM   1311 C C   . ASN A 1 175 ? 8.927   -0.921  -13.416 1.00 11.63 ? 175 ASN A C   1 
ATOM   1312 O O   . ASN A 1 175 ? 8.348   -1.178  -14.473 1.00 12.03 ? 175 ASN A O   1 
ATOM   1313 C CB  . ASN A 1 175 ? 9.490   1.314   -14.389 1.00 12.76 ? 175 ASN A CB  1 
ATOM   1314 C CG  . ASN A 1 175 ? 8.124   1.647   -14.970 1.00 12.25 ? 175 ASN A CG  1 
ATOM   1315 O OD1 . ASN A 1 175 ? 7.141   1.781   -14.236 1.00 13.01 ? 175 ASN A OD1 1 
ATOM   1316 N ND2 . ASN A 1 175 ? 8.063   1.804   -16.293 1.00 14.06 ? 175 ASN A ND2 1 
ATOM   1317 N N   . ALA A 1 176 ? 9.185   -1.847  -12.498 1.00 10.61 ? 176 ALA A N   1 
ATOM   1318 C CA  . ALA A 1 176 ? 8.778   -3.236  -12.683 1.00 10.37 ? 176 ALA A CA  1 
ATOM   1319 C C   . ALA A 1 176 ? 7.267   -3.321  -12.850 1.00 11.84 ? 176 ALA A C   1 
ATOM   1320 O O   . ALA A 1 176 ? 6.513   -2.701  -12.100 1.00 11.69 ? 176 ALA A O   1 
ATOM   1321 C CB  . ALA A 1 176 ? 9.214   -4.072  -11.479 1.00 11.30 ? 176 ALA A CB  1 
ATOM   1322 N N   . ASP A 1 177 ? 6.828   -4.105  -13.827 1.00 12.47 ? 177 ASP A N   1 
ATOM   1323 C CA  . ASP A 1 177 ? 5.405   -4.254  -14.093 1.00 13.15 ? 177 ASP A CA  1 
ATOM   1324 C C   . ASP A 1 177 ? 4.862   -5.593  -13.596 1.00 11.13 ? 177 ASP A C   1 
ATOM   1325 O O   . ASP A 1 177 ? 5.167   -6.653  -14.141 1.00 10.44 ? 177 ASP A O   1 
ATOM   1326 C CB  . ASP A 1 177 ? 5.151   -4.075  -15.595 1.00 12.97 ? 177 ASP A CB  1 
ATOM   1327 C CG  . ASP A 1 177 ? 3.679   -4.060  -15.940 1.00 15.92 ? 177 ASP A CG  1 
ATOM   1328 O OD1 . ASP A 1 177 ? 2.852   -3.761  -15.052 1.00 15.88 ? 177 ASP A OD1 1 
ATOM   1329 O OD2 . ASP A 1 177 ? 3.350   -4.332  -17.113 1.00 16.81 ? 177 ASP A OD2 1 
ATOM   1330 N N   . ASN A 1 178 ? 4.069   -5.513  -12.530 1.00 10.78 ? 178 ASN A N   1 
ATOM   1331 C CA  . ASN A 1 178 ? 3.435   -6.668  -11.903 1.00 11.55 ? 178 ASN A CA  1 
ATOM   1332 C C   . ASN A 1 178 ? 4.346   -7.873  -11.672 1.00 11.10 ? 178 ASN A C   1 
ATOM   1333 O O   . ASN A 1 178 ? 3.996   -9.004  -12.009 1.00 10.94 ? 178 ASN A O   1 
ATOM   1334 C CB  . ASN A 1 178 ? 2.214   -7.088  -12.722 1.00 10.80 ? 178 ASN A CB  1 
ATOM   1335 C CG  . ASN A 1 178 ? 1.276   -5.935  -12.986 1.00 11.88 ? 178 ASN A CG  1 
ATOM   1336 O OD1 . ASN A 1 178 ? 1.173   -5.011  -12.176 1.00 12.26 ? 178 ASN A OD1 1 
ATOM   1337 N ND2 . ASN A 1 178 ? 0.573   -5.982  -14.114 1.00 14.59 ? 178 ASN A ND2 1 
ATOM   1338 N N   . PRO A 1 179 ? 5.527   -7.650  -11.076 1.00 10.98 ? 179 PRO A N   1 
ATOM   1339 C CA  . PRO A 1 179 ? 6.451   -8.760  -10.819 1.00 11.22 ? 179 PRO A CA  1 
ATOM   1340 C C   . PRO A 1 179 ? 5.893   -9.765  -9.814  1.00 11.74 ? 179 PRO A C   1 
ATOM   1341 O O   . PRO A 1 179 ? 5.186   -9.395  -8.874  1.00 9.18  ? 179 PRO A O   1 
ATOM   1342 C CB  . PRO A 1 179 ? 7.690   -8.052  -10.281 1.00 10.41 ? 179 PRO A CB  1 
ATOM   1343 C CG  . PRO A 1 179 ? 7.097   -6.911  -9.522  1.00 10.89 ? 179 PRO A CG  1 
ATOM   1344 C CD  . PRO A 1 179 ? 6.060   -6.396  -10.518 1.00 9.08  ? 179 PRO A CD  1 
ATOM   1345 N N   . SER A 1 180 ? 6.221   -11.036 -10.013 1.00 10.96 ? 180 SER A N   1 
ATOM   1346 C CA  . SER A 1 180 ? 5.755   -12.082 -9.109  1.00 11.14 ? 180 SER A CA  1 
ATOM   1347 C C   . SER A 1 180 ? 6.666   -12.107 -7.894  1.00 11.93 ? 180 SER A C   1 
ATOM   1348 O O   . SER A 1 180 ? 7.701   -11.438 -7.871  1.00 10.26 ? 180 SER A O   1 
ATOM   1349 C CB  . SER A 1 180 ? 5.778   -13.437 -9.815  1.00 13.25 ? 180 SER A CB  1 
ATOM   1350 O OG  . SER A 1 180 ? 7.069   -13.717 -10.326 1.00 18.85 ? 180 SER A OG  1 
ATOM   1351 N N   . PHE A 1 181 ? 6.295   -12.875 -6.875  1.00 12.68 ? 181 PHE A N   1 
ATOM   1352 C CA  . PHE A 1 181 ? 7.123   -12.931 -5.681  1.00 11.58 ? 181 PHE A CA  1 
ATOM   1353 C C   . PHE A 1 181 ? 6.789   -14.092 -4.775  1.00 12.59 ? 181 PHE A C   1 
ATOM   1354 O O   . PHE A 1 181 ? 5.721   -14.693 -4.878  1.00 13.26 ? 181 PHE A O   1 
ATOM   1355 C CB  . PHE A 1 181 ? 6.957   -11.634 -4.882  1.00 10.75 ? 181 PHE A CB  1 
ATOM   1356 C CG  . PHE A 1 181 ? 5.535   -11.351 -4.483  1.00 11.14 ? 181 PHE A CG  1 
ATOM   1357 C CD1 . PHE A 1 181 ? 4.974   -11.946 -3.350  1.00 12.84 ? 181 PHE A CD1 1 
ATOM   1358 C CD2 . PHE A 1 181 ? 4.739   -10.520 -5.261  1.00 10.51 ? 181 PHE A CD2 1 
ATOM   1359 C CE1 . PHE A 1 181 ? 3.641   -11.711 -3.009  1.00 12.54 ? 181 PHE A CE1 1 
ATOM   1360 C CE2 . PHE A 1 181 ? 3.410   -10.281 -4.932  1.00 10.22 ? 181 PHE A CE2 1 
ATOM   1361 C CZ  . PHE A 1 181 ? 2.859   -10.879 -3.804  1.00 13.79 ? 181 PHE A CZ  1 
ATOM   1362 N N   . THR A 1 182 ? 7.727   -14.405 -3.892  1.00 14.65 ? 182 THR A N   1 
ATOM   1363 C CA  . THR A 1 182 ? 7.516   -15.438 -2.896  1.00 15.67 ? 182 THR A CA  1 
ATOM   1364 C C   . THR A 1 182 ? 7.388   -14.606 -1.627  1.00 14.96 ? 182 THR A C   1 
ATOM   1365 O O   . THR A 1 182 ? 8.033   -13.561 -1.502  1.00 13.62 ? 182 THR A O   1 
ATOM   1366 C CB  . THR A 1 182 ? 8.722   -16.397 -2.773  1.00 17.28 ? 182 THR A CB  1 
ATOM   1367 O OG1 . THR A 1 182 ? 9.903   -15.652 -2.450  1.00 21.41 ? 182 THR A OG1 1 
ATOM   1368 C CG2 . THR A 1 182 ? 8.939   -17.144 -4.080  1.00 21.27 ? 182 THR A CG2 1 
ATOM   1369 N N   . PHE A 1 183 ? 6.536   -15.044 -0.707  1.00 14.23 ? 183 PHE A N   1 
ATOM   1370 C CA  . PHE A 1 183 ? 6.342   -14.311 0.537   1.00 14.24 ? 183 PHE A CA  1 
ATOM   1371 C C   . PHE A 1 183 ? 6.128   -15.200 1.747   1.00 15.24 ? 183 PHE A C   1 
ATOM   1372 O O   . PHE A 1 183 ? 5.807   -16.382 1.632   1.00 14.76 ? 183 PHE A O   1 
ATOM   1373 C CB  . PHE A 1 183 ? 5.152   -13.343 0.436   1.00 13.27 ? 183 PHE A CB  1 
ATOM   1374 C CG  . PHE A 1 183 ? 3.795   -14.013 0.467   1.00 12.17 ? 183 PHE A CG  1 
ATOM   1375 C CD1 . PHE A 1 183 ? 3.294   -14.651 -0.661  1.00 13.17 ? 183 PHE A CD1 1 
ATOM   1376 C CD2 . PHE A 1 183 ? 2.997   -13.963 1.615   1.00 12.77 ? 183 PHE A CD2 1 
ATOM   1377 C CE1 . PHE A 1 183 ? 2.027   -15.226 -0.658  1.00 14.02 ? 183 PHE A CE1 1 
ATOM   1378 C CE2 . PHE A 1 183 ? 1.724   -14.537 1.629   1.00 15.03 ? 183 PHE A CE2 1 
ATOM   1379 C CZ  . PHE A 1 183 ? 1.237   -15.169 0.489   1.00 15.71 ? 183 PHE A CZ  1 
ATOM   1380 N N   . GLU A 1 184 ? 6.295   -14.586 2.911   1.00 15.22 ? 184 GLU A N   1 
ATOM   1381 C CA  . GLU A 1 184 ? 6.122   -15.240 4.195   1.00 15.91 ? 184 GLU A CA  1 
ATOM   1382 C C   . GLU A 1 184 ? 5.764   -14.140 5.188   1.00 13.18 ? 184 GLU A C   1 
ATOM   1383 O O   . GLU A 1 184 ? 6.346   -13.054 5.151   1.00 10.51 ? 184 GLU A O   1 
ATOM   1384 C CB  . GLU A 1 184 ? 7.424   -15.924 4.624   1.00 19.74 ? 184 GLU A CB  1 
ATOM   1385 C CG  . GLU A 1 184 ? 7.428   -16.344 6.086   1.00 27.16 ? 184 GLU A CG  1 
ATOM   1386 C CD  . GLU A 1 184 ? 7.624   -17.835 6.283   1.00 29.82 ? 184 GLU A CD  1 
ATOM   1387 O OE1 . GLU A 1 184 ? 7.113   -18.618 5.455   1.00 33.32 ? 184 GLU A OE1 1 
ATOM   1388 O OE2 . GLU A 1 184 ? 8.274   -18.222 7.279   1.00 31.81 ? 184 GLU A OE2 1 
ATOM   1389 N N   . ARG A 1 185 ? 4.801   -14.397 6.064   1.00 13.57 ? 185 ARG A N   1 
ATOM   1390 C CA  . ARG A 1 185 ? 4.445   -13.384 7.043   1.00 11.78 ? 185 ARG A CA  1 
ATOM   1391 C C   . ARG A 1 185 ? 5.578   -13.287 8.042   1.00 13.25 ? 185 ARG A C   1 
ATOM   1392 O O   . ARG A 1 185 ? 6.112   -14.302 8.494   1.00 13.68 ? 185 ARG A O   1 
ATOM   1393 C CB  . ARG A 1 185 ? 3.155   -13.731 7.791   1.00 12.39 ? 185 ARG A CB  1 
ATOM   1394 C CG  . ARG A 1 185 ? 2.770   -12.622 8.759   1.00 12.71 ? 185 ARG A CG  1 
ATOM   1395 C CD  . ARG A 1 185 ? 1.547   -12.917 9.577   1.00 12.64 ? 185 ARG A CD  1 
ATOM   1396 N NE  . ARG A 1 185 ? 1.488   -11.986 10.699  1.00 15.06 ? 185 ARG A NE  1 
ATOM   1397 C CZ  . ARG A 1 185 ? 0.555   -11.998 11.643  1.00 15.20 ? 185 ARG A CZ  1 
ATOM   1398 N NH1 . ARG A 1 185 ? -0.419  -12.896 11.605  1.00 14.84 ? 185 ARG A NH1 1 
ATOM   1399 N NH2 . ARG A 1 185 ? 0.609   -11.118 12.632  1.00 13.58 ? 185 ARG A NH2 1 
ATOM   1400 N N   . VAL A 1 186 ? 5.961   -12.063 8.375   1.00 12.42 ? 186 VAL A N   1 
ATOM   1401 C CA  . VAL A 1 186 ? 7.019   -11.834 9.342   1.00 12.36 ? 186 VAL A CA  1 
ATOM   1402 C C   . VAL A 1 186 ? 6.548   -10.755 10.298  1.00 13.19 ? 186 VAL A C   1 
ATOM   1403 O O   . VAL A 1 186 ? 5.586   -10.038 10.019  1.00 12.47 ? 186 VAL A O   1 
ATOM   1404 C CB  . VAL A 1 186 ? 8.342   -11.374 8.668   1.00 12.21 ? 186 VAL A CB  1 
ATOM   1405 C CG1 . VAL A 1 186 ? 8.931   -12.509 7.834   1.00 13.22 ? 186 VAL A CG1 1 
ATOM   1406 C CG2 . VAL A 1 186 ? 8.091   -10.153 7.795   1.00 11.78 ? 186 VAL A CG2 1 
ATOM   1407 N N   . GLN A 1 187 ? 7.219   -10.657 11.440  1.00 13.78 ? 187 GLN A N   1 
ATOM   1408 C CA  . GLN A 1 187 ? 6.882   -9.652  12.432  1.00 14.76 ? 187 GLN A CA  1 
ATOM   1409 C C   . GLN A 1 187 ? 7.131   -8.286  11.818  1.00 14.13 ? 187 GLN A C   1 
ATOM   1410 O O   . GLN A 1 187 ? 8.138   -8.065  11.147  1.00 14.25 ? 187 GLN A O   1 
ATOM   1411 C CB  . GLN A 1 187 ? 7.747   -9.824  13.676  1.00 17.68 ? 187 GLN A CB  1 
ATOM   1412 C CG  . GLN A 1 187 ? 7.422   -8.851  14.790  1.00 21.59 ? 187 GLN A CG  1 
ATOM   1413 C CD  . GLN A 1 187 ? 7.896   -9.335  16.149  1.00 23.19 ? 187 GLN A CD  1 
ATOM   1414 O OE1 . GLN A 1 187 ? 7.604   -8.715  17.166  1.00 26.17 ? 187 GLN A OE1 1 
ATOM   1415 N NE2 . GLN A 1 187 ? 8.624   -10.449 16.171  1.00 24.69 ? 187 GLN A NE2 1 
ATOM   1416 N N   . CYS A 1 188 ? 6.213   -7.367  12.067  1.00 13.29 ? 188 CYS A N   1 
ATOM   1417 C CA  . CYS A 1 188 ? 6.328   -6.034  11.504  1.00 12.90 ? 188 CYS A CA  1 
ATOM   1418 C C   . CYS A 1 188 ? 7.455   -5.183  12.075  1.00 13.25 ? 188 CYS A C   1 
ATOM   1419 O O   . CYS A 1 188 ? 7.640   -5.093  13.294  1.00 14.63 ? 188 CYS A O   1 
ATOM   1420 C CB  . CYS A 1 188 ? 5.045   -5.244  11.704  1.00 13.11 ? 188 CYS A CB  1 
ATOM   1421 S SG  . CYS A 1 188 ? 3.621   -5.671  10.673  1.00 10.75 ? 188 CYS A SG  1 
ATOM   1422 N N   . PRO A 1 189 ? 8.230   -4.538  11.191  1.00 13.96 ? 189 PRO A N   1 
ATOM   1423 C CA  . PRO A 1 189 ? 9.327   -3.674  11.638  1.00 13.61 ? 189 PRO A CA  1 
ATOM   1424 C C   . PRO A 1 189 ? 8.638   -2.457  12.266  1.00 13.65 ? 189 PRO A C   1 
ATOM   1425 O O   . PRO A 1 189 ? 7.526   -2.105  11.866  1.00 14.44 ? 189 PRO A O   1 
ATOM   1426 C CB  . PRO A 1 189 ? 10.026  -3.296  10.338  1.00 11.70 ? 189 PRO A CB  1 
ATOM   1427 C CG  . PRO A 1 189 ? 9.786   -4.477  9.458   1.00 15.32 ? 189 PRO A CG  1 
ATOM   1428 C CD  . PRO A 1 189 ? 8.340   -4.826  9.748   1.00 13.82 ? 189 PRO A CD  1 
ATOM   1429 N N   . GLU A 1 190 ? 9.286   -1.816  13.231  1.00 15.23 ? 190 GLU A N   1 
ATOM   1430 C CA  . GLU A 1 190 ? 8.718   -0.645  13.902  1.00 16.18 ? 190 GLU A CA  1 
ATOM   1431 C C   . GLU A 1 190 ? 8.417   0.489   12.922  1.00 16.11 ? 190 GLU A C   1 
ATOM   1432 O O   . GLU A 1 190 ? 7.441   1.218   13.092  1.00 16.17 ? 190 GLU A O   1 
ATOM   1433 C CB  . GLU A 1 190 ? 9.683   -0.150  14.986  1.00 17.14 ? 190 GLU A CB  1 
ATOM   1434 C CG  . GLU A 1 190 ? 9.167   0.995   15.851  1.00 19.49 ? 190 GLU A CG  1 
ATOM   1435 C CD  . GLU A 1 190 ? 7.863   0.664   16.562  1.00 23.65 ? 190 GLU A CD  1 
ATOM   1436 O OE1 . GLU A 1 190 ? 7.649   -0.516  16.919  1.00 24.17 ? 190 GLU A OE1 1 
ATOM   1437 O OE2 . GLU A 1 190 ? 7.054   1.591   16.774  1.00 24.94 ? 190 GLU A OE2 1 
ATOM   1438 N N   . GLU A 1 191 ? 9.259   0.634   11.902  1.00 15.46 ? 191 GLU A N   1 
ATOM   1439 C CA  . GLU A 1 191 ? 9.084   1.681   10.895  1.00 15.06 ? 191 GLU A CA  1 
ATOM   1440 C C   . GLU A 1 191 ? 7.697   1.619   10.232  1.00 13.81 ? 191 GLU A C   1 
ATOM   1441 O O   . GLU A 1 191 ? 7.094   2.654   9.933   1.00 15.42 ? 191 GLU A O   1 
ATOM   1442 C CB  . GLU A 1 191 ? 10.163  1.559   9.806   1.00 17.24 ? 191 GLU A CB  1 
ATOM   1443 C CG  . GLU A 1 191 ? 11.619  1.859   10.223  1.00 19.77 ? 191 GLU A CG  1 
ATOM   1444 C CD  . GLU A 1 191 ? 12.199  0.867   11.224  1.00 23.04 ? 191 GLU A CD  1 
ATOM   1445 O OE1 . GLU A 1 191 ? 11.794  -0.316  11.214  1.00 20.92 ? 191 GLU A OE1 1 
ATOM   1446 O OE2 . GLU A 1 191 ? 13.080  1.273   12.013  1.00 26.71 ? 191 GLU A OE2 1 
ATOM   1447 N N   . LEU A 1 192 ? 7.192   0.411   9.996   1.00 11.16 ? 192 LEU A N   1 
ATOM   1448 C CA  . LEU A 1 192 ? 5.884   0.261   9.362   1.00 11.32 ? 192 LEU A CA  1 
ATOM   1449 C C   . LEU A 1 192 ? 4.715   0.459   10.322  1.00 12.08 ? 192 LEU A C   1 
ATOM   1450 O O   . LEU A 1 192 ? 3.793   1.225   10.033  1.00 10.86 ? 192 LEU A O   1 
ATOM   1451 C CB  . LEU A 1 192 ? 5.773   -1.108  8.678   1.00 10.38 ? 192 LEU A CB  1 
ATOM   1452 C CG  . LEU A 1 192 ? 6.748   -1.343  7.515   1.00 12.23 ? 192 LEU A CG  1 
ATOM   1453 C CD1 . LEU A 1 192 ? 6.611   -2.765  7.003   1.00 12.77 ? 192 LEU A CD1 1 
ATOM   1454 C CD2 . LEU A 1 192 ? 6.460   -0.349  6.389   1.00 11.68 ? 192 LEU A CD2 1 
ATOM   1455 N N   . VAL A 1 193 ? 4.737   -0.213  11.470  1.00 11.98 ? 193 VAL A N   1 
ATOM   1456 C CA  . VAL A 1 193 ? 3.630   -0.063  12.407  1.00 11.92 ? 193 VAL A CA  1 
ATOM   1457 C C   . VAL A 1 193 ? 3.512   1.345   12.967  1.00 12.60 ? 193 VAL A C   1 
ATOM   1458 O O   . VAL A 1 193 ? 2.420   1.782   13.321  1.00 11.84 ? 193 VAL A O   1 
ATOM   1459 C CB  . VAL A 1 193 ? 3.733   -1.064  13.577  1.00 13.03 ? 193 VAL A CB  1 
ATOM   1460 C CG1 . VAL A 1 193 ? 3.402   -2.463  13.082  1.00 14.53 ? 193 VAL A CG1 1 
ATOM   1461 C CG2 . VAL A 1 193 ? 5.128   -1.035  14.175  1.00 14.41 ? 193 VAL A CG2 1 
ATOM   1462 N N   . ALA A 1 194 ? 4.636   2.055   13.036  1.00 12.83 ? 194 ALA A N   1 
ATOM   1463 C CA  . ALA A 1 194 ? 4.642   3.420   13.549  1.00 12.27 ? 194 ALA A CA  1 
ATOM   1464 C C   . ALA A 1 194 ? 4.022   4.374   12.531  1.00 11.87 ? 194 ALA A C   1 
ATOM   1465 O O   . ALA A 1 194 ? 3.445   5.403   12.894  1.00 12.74 ? 194 ALA A O   1 
ATOM   1466 C CB  . ALA A 1 194 ? 6.071   3.849   13.874  1.00 12.61 ? 194 ALA A CB  1 
ATOM   1467 N N   . ARG A 1 195 ? 4.149   4.035   11.253  1.00 8.78  ? 195 ARG A N   1 
ATOM   1468 C CA  . ARG A 1 195 ? 3.588   4.862   10.192  1.00 10.61 ? 195 ARG A CA  1 
ATOM   1469 C C   . ARG A 1 195 ? 2.072   4.715   10.073  1.00 10.21 ? 195 ARG A C   1 
ATOM   1470 O O   . ARG A 1 195 ? 1.367   5.694   9.841   1.00 13.16 ? 195 ARG A O   1 
ATOM   1471 C CB  . ARG A 1 195 ? 4.233   4.515   8.848   1.00 10.89 ? 195 ARG A CB  1 
ATOM   1472 C CG  . ARG A 1 195 ? 5.611   5.128   8.627   1.00 13.65 ? 195 ARG A CG  1 
ATOM   1473 C CD  . ARG A 1 195 ? 6.130   4.737   7.250   1.00 15.37 ? 195 ARG A CD  1 
ATOM   1474 N NE  . ARG A 1 195 ? 7.285   5.524   6.817   1.00 17.71 ? 195 ARG A NE  1 
ATOM   1475 C CZ  . ARG A 1 195 ? 8.445   5.577   7.459   1.00 19.38 ? 195 ARG A CZ  1 
ATOM   1476 N NH1 . ARG A 1 195 ? 8.628   4.890   8.582   1.00 21.92 ? 195 ARG A NH1 1 
ATOM   1477 N NH2 . ARG A 1 195 ? 9.437   6.300   6.960   1.00 21.59 ? 195 ARG A NH2 1 
ATOM   1478 N N   . THR A 1 196 ? 1.573   3.492   10.225  1.00 10.52 ? 196 THR A N   1 
ATOM   1479 C CA  . THR A 1 196 ? 0.136   3.241   10.123  1.00 9.72  ? 196 THR A CA  1 
ATOM   1480 C C   . THR A 1 196 ? -0.541  3.324   11.479  1.00 9.12  ? 196 THR A C   1 
ATOM   1481 O O   . THR A 1 196 ? -1.744  3.593   11.571  1.00 8.46  ? 196 THR A O   1 
ATOM   1482 C CB  . THR A 1 196 ? -0.144  1.846   9.539   1.00 8.44  ? 196 THR A CB  1 
ATOM   1483 O OG1 . THR A 1 196 ? 0.512   0.853   10.337  1.00 7.79  ? 196 THR A OG1 1 
ATOM   1484 C CG2 . THR A 1 196 ? 0.366   1.754   8.110   1.00 7.48  ? 196 THR A CG2 1 
ATOM   1485 N N   . GLY A 1 197 ? 0.257   3.097   12.519  1.00 10.38 ? 197 GLY A N   1 
ATOM   1486 C CA  . GLY A 1 197 ? -0.227  3.113   13.889  1.00 10.61 ? 197 GLY A CA  1 
ATOM   1487 C C   . GLY A 1 197 ? -0.970  1.828   14.205  1.00 11.60 ? 197 GLY A C   1 
ATOM   1488 O O   . GLY A 1 197 ? -1.533  1.679   15.280  1.00 11.10 ? 197 GLY A O   1 
ATOM   1489 N N   . CYS A 1 198 ? -0.966  0.893   13.259  1.00 10.25 ? 198 CYS A N   1 
ATOM   1490 C CA  . CYS A 1 198 ? -1.680  -0.370  13.415  1.00 11.12 ? 198 CYS A CA  1 
ATOM   1491 C C   . CYS A 1 198 ? -0.808  -1.607  13.643  1.00 12.01 ? 198 CYS A C   1 
ATOM   1492 O O   . CYS A 1 198 ? -0.073  -2.034  12.749  1.00 11.25 ? 198 CYS A O   1 
ATOM   1493 C CB  . CYS A 1 198 ? -2.544  -0.587  12.183  1.00 9.90  ? 198 CYS A CB  1 
ATOM   1494 S SG  . CYS A 1 198 ? -3.713  -1.965  12.330  1.00 12.05 ? 198 CYS A SG  1 
ATOM   1495 N N   . ARG A 1 199 ? -0.935  -2.210  14.823  1.00 11.84 ? 199 ARG A N   1 
ATOM   1496 C CA  . ARG A 1 199 ? -0.157  -3.397  15.149  1.00 12.90 ? 199 ARG A CA  1 
ATOM   1497 C C   . ARG A 1 199 ? -1.011  -4.577  15.595  1.00 12.41 ? 199 ARG A C   1 
ATOM   1498 O O   . ARG A 1 199 ? -1.791  -4.460  16.539  1.00 12.31 ? 199 ARG A O   1 
ATOM   1499 C CB  . ARG A 1 199 ? 0.847   -3.088  16.251  1.00 15.16 ? 199 ARG A CB  1 
ATOM   1500 C CG  . ARG A 1 199 ? 1.543   -4.332  16.768  1.00 19.86 ? 199 ARG A CG  1 
ATOM   1501 C CD  . ARG A 1 199 ? 2.480   -3.991  17.885  1.00 24.54 ? 199 ARG A CD  1 
ATOM   1502 N NE  . ARG A 1 199 ? 3.153   -5.178  18.396  1.00 28.13 ? 199 ARG A NE  1 
ATOM   1503 C CZ  . ARG A 1 199 ? 2.579   -6.096  19.170  1.00 28.49 ? 199 ARG A CZ  1 
ATOM   1504 N NH1 . ARG A 1 199 ? 1.311   -5.973  19.534  1.00 28.72 ? 199 ARG A NH1 1 
ATOM   1505 N NH2 . ARG A 1 199 ? 3.281   -7.138  19.586  1.00 29.82 ? 199 ARG A NH2 1 
ATOM   1506 N N   . ARG A 1 200 ? -0.838  -5.721  14.940  1.00 11.26 ? 200 ARG A N   1 
ATOM   1507 C CA  . ARG A 1 200 ? -1.603  -6.914  15.303  1.00 11.17 ? 200 ARG A CA  1 
ATOM   1508 C C   . ARG A 1 200 ? -1.151  -7.457  16.655  1.00 11.90 ? 200 ARG A C   1 
ATOM   1509 O O   . ARG A 1 200 ? 0.047   -7.506  16.943  1.00 9.64  ? 200 ARG A O   1 
ATOM   1510 C CB  . ARG A 1 200 ? -1.438  -8.006  14.239  1.00 11.35 ? 200 ARG A CB  1 
ATOM   1511 C CG  . ARG A 1 200 ? -2.050  -7.684  12.881  1.00 11.54 ? 200 ARG A CG  1 
ATOM   1512 C CD  . ARG A 1 200 ? -1.836  -8.838  11.908  1.00 13.11 ? 200 ARG A CD  1 
ATOM   1513 N NE  . ARG A 1 200 ? -2.470  -10.085 12.341  1.00 12.97 ? 200 ARG A NE  1 
ATOM   1514 C CZ  . ARG A 1 200 ? -3.695  -10.471 11.994  1.00 14.78 ? 200 ARG A CZ  1 
ATOM   1515 N NH1 . ARG A 1 200 ? -4.439  -9.710  11.202  1.00 13.03 ? 200 ARG A NH1 1 
ATOM   1516 N NH2 . ARG A 1 200 ? -4.169  -11.630 12.432  1.00 14.29 ? 200 ARG A NH2 1 
ATOM   1517 N N   . HIS A 1 201 ? -2.109  -7.870  17.482  1.00 12.69 ? 201 HIS A N   1 
ATOM   1518 C CA  . HIS A 1 201 ? -1.781  -8.405  18.798  1.00 12.66 ? 201 HIS A CA  1 
ATOM   1519 C C   . HIS A 1 201 ? -0.972  -9.685  18.716  1.00 12.90 ? 201 HIS A C   1 
ATOM   1520 O O   . HIS A 1 201 ? -0.207  -9.994  19.625  1.00 14.05 ? 201 HIS A O   1 
ATOM   1521 C CB  . HIS A 1 201 ? -3.053  -8.672  19.605  1.00 14.69 ? 201 HIS A CB  1 
ATOM   1522 C CG  . HIS A 1 201 ? -3.746  -7.428  20.059  1.00 17.47 ? 201 HIS A CG  1 
ATOM   1523 N ND1 . HIS A 1 201 ? -3.158  -6.522  20.915  1.00 18.29 ? 201 HIS A ND1 1 
ATOM   1524 C CD2 . HIS A 1 201 ? -4.961  -6.919  19.746  1.00 17.37 ? 201 HIS A CD2 1 
ATOM   1525 C CE1 . HIS A 1 201 ? -3.979  -5.507  21.108  1.00 17.68 ? 201 HIS A CE1 1 
ATOM   1526 N NE2 . HIS A 1 201 ? -5.080  -5.721  20.410  1.00 18.44 ? 201 HIS A NE2 1 
ATOM   1527 N N   . ASP A 1 202 ? -1.135  -10.427 17.624  1.00 13.62 ? 202 ASP A N   1 
ATOM   1528 C CA  . ASP A 1 202 ? -0.422  -11.692 17.450  1.00 13.88 ? 202 ASP A CA  1 
ATOM   1529 C C   . ASP A 1 202 ? 0.904   -11.555 16.711  1.00 14.65 ? 202 ASP A C   1 
ATOM   1530 O O   . ASP A 1 202 ? 1.556   -12.555 16.408  1.00 14.06 ? 202 ASP A O   1 
ATOM   1531 C CB  . ASP A 1 202 ? -1.311  -12.688 16.702  1.00 13.95 ? 202 ASP A CB  1 
ATOM   1532 C CG  . ASP A 1 202 ? -1.553  -12.294 15.249  1.00 16.54 ? 202 ASP A CG  1 
ATOM   1533 O OD1 . ASP A 1 202 ? -1.164  -11.175 14.845  1.00 15.33 ? 202 ASP A OD1 1 
ATOM   1534 O OD2 . ASP A 1 202 ? -2.142  -13.106 14.505  1.00 17.52 ? 202 ASP A OD2 1 
ATOM   1535 N N   . ASP A 1 203 ? 1.314   -10.318 16.449  1.00 14.47 ? 203 ASP A N   1 
ATOM   1536 C CA  . ASP A 1 203 ? 2.542   -10.062 15.707  1.00 13.13 ? 203 ASP A CA  1 
ATOM   1537 C C   . ASP A 1 203 ? 3.804   -10.658 16.311  1.00 13.80 ? 203 ASP A C   1 
ATOM   1538 O O   . ASP A 1 203 ? 4.743   -11.003 15.590  1.00 13.41 ? 203 ASP A O   1 
ATOM   1539 C CB  . ASP A 1 203 ? 2.731   -8.558  15.513  1.00 14.58 ? 203 ASP A CB  1 
ATOM   1540 C CG  . ASP A 1 203 ? 3.236   -8.223  14.128  1.00 15.42 ? 203 ASP A CG  1 
ATOM   1541 O OD1 . ASP A 1 203 ? 2.683   -8.787  13.161  1.00 17.02 ? 203 ASP A OD1 1 
ATOM   1542 O OD2 . ASP A 1 203 ? 4.168   -7.405  14.005  1.00 16.52 ? 203 ASP A OD2 1 
ATOM   1543 N N   . GLY A 1 204 ? 3.824   -10.785 17.632  1.00 13.27 ? 204 GLY A N   1 
ATOM   1544 C CA  . GLY A 1 204 ? 4.990   -11.332 18.298  1.00 13.19 ? 204 GLY A CA  1 
ATOM   1545 C C   . GLY A 1 204 ? 5.214   -12.812 18.041  1.00 15.11 ? 204 GLY A C   1 
ATOM   1546 O O   . GLY A 1 204 ? 6.290   -13.337 18.329  1.00 13.62 ? 204 GLY A O   1 
ATOM   1547 N N   . GLY A 1 205 ? 4.212   -13.488 17.489  1.00 13.31 ? 205 GLY A N   1 
ATOM   1548 C CA  . GLY A 1 205 ? 4.348   -14.912 17.237  1.00 15.28 ? 205 GLY A CA  1 
ATOM   1549 C C   . GLY A 1 205 ? 4.862   -15.288 15.861  1.00 17.17 ? 205 GLY A C   1 
ATOM   1550 O O   . GLY A 1 205 ? 4.752   -16.445 15.450  1.00 16.53 ? 205 GLY A O   1 
ATOM   1551 N N   . PHE A 1 206 ? 5.428   -14.325 15.145  1.00 16.43 ? 206 PHE A N   1 
ATOM   1552 C CA  . PHE A 1 206 ? 5.934   -14.596 13.810  1.00 18.98 ? 206 PHE A CA  1 
ATOM   1553 C C   . PHE A 1 206 ? 7.358   -14.119 13.596  1.00 20.28 ? 206 PHE A C   1 
ATOM   1554 O O   . PHE A 1 206 ? 7.898   -13.349 14.391  1.00 19.64 ? 206 PHE A O   1 
ATOM   1555 C CB  . PHE A 1 206 ? 5.020   -13.952 12.762  1.00 18.89 ? 206 PHE A CB  1 
ATOM   1556 C CG  . PHE A 1 206 ? 3.631   -14.519 12.747  1.00 18.80 ? 206 PHE A CG  1 
ATOM   1557 C CD1 . PHE A 1 206 ? 2.711   -14.177 13.737  1.00 19.40 ? 206 PHE A CD1 1 
ATOM   1558 C CD2 . PHE A 1 206 ? 3.256   -15.438 11.774  1.00 18.79 ? 206 PHE A CD2 1 
ATOM   1559 C CE1 . PHE A 1 206 ? 1.438   -14.748 13.759  1.00 19.60 ? 206 PHE A CE1 1 
ATOM   1560 C CE2 . PHE A 1 206 ? 1.988   -16.016 11.784  1.00 18.47 ? 206 PHE A CE2 1 
ATOM   1561 C CZ  . PHE A 1 206 ? 1.078   -15.671 12.779  1.00 19.80 ? 206 PHE A CZ  1 
ATOM   1562 N N   . ALA A 1 207 ? 7.966   -14.601 12.519  1.00 23.83 ? 207 ALA A N   1 
ATOM   1563 C CA  . ALA A 1 207 ? 9.321   -14.203 12.172  1.00 26.40 ? 207 ALA A CA  1 
ATOM   1564 C C   . ALA A 1 207 ? 9.266   -12.732 11.777  1.00 27.53 ? 207 ALA A C   1 
ATOM   1565 O O   . ALA A 1 207 ? 10.278  -12.037 11.790  1.00 32.81 ? 207 ALA A O   1 
ATOM   1566 C CB  . ALA A 1 207 ? 9.829   -15.039 11.011  1.00 28.19 ? 207 ALA A CB  1 
HETATM 1567 O O   . HOH B 2 .   ? -3.624  -12.265 -9.570  1.00 22.90 ? 500 HOH A O   1 
HETATM 1568 O O   . HOH B 2 .   ? 3.742   -4.374  -8.491  1.00 9.54  ? 501 HOH A O   1 
HETATM 1569 O O   . HOH B 2 .   ? -0.573  -3.164  -11.727 1.00 18.08 ? 502 HOH A O   1 
HETATM 1570 O O   . HOH B 2 .   ? -2.042  6.589   -8.749  1.00 7.10  ? 503 HOH A O   1 
HETATM 1571 O O   . HOH B 2 .   ? -4.274  4.985   -2.163  1.00 11.64 ? 504 HOH A O   1 
HETATM 1572 O O   . HOH B 2 .   ? -6.192  3.403   -0.689  1.00 16.44 ? 505 HOH A O   1 
HETATM 1573 O O   . HOH B 2 .   ? -12.462 3.800   0.803   1.00 19.13 ? 506 HOH A O   1 
HETATM 1574 O O   . HOH B 2 .   ? -12.068 -7.850  8.572   1.00 20.39 ? 507 HOH A O   1 
HETATM 1575 O O   . HOH B 2 .   ? -7.076  -3.103  11.072  1.00 16.07 ? 508 HOH A O   1 
HETATM 1576 O O   . HOH B 2 .   ? -2.321  2.630   3.402   1.00 27.16 ? 509 HOH A O   1 
HETATM 1577 O O   . HOH B 2 .   ? -8.442  5.146   9.327   1.00 10.21 ? 510 HOH A O   1 
HETATM 1578 O O   . HOH B 2 .   ? -5.227  19.666  7.194   1.00 30.07 ? 511 HOH A O   1 
HETATM 1579 O O   . HOH B 2 .   ? -3.964  18.460  -1.020  1.00 19.32 ? 512 HOH A O   1 
HETATM 1580 O O   . HOH B 2 .   ? -3.951  12.256  2.514   1.00 12.82 ? 513 HOH A O   1 
HETATM 1581 O O   . HOH B 2 .   ? 0.756   5.491   16.411  1.00 31.54 ? 514 HOH A O   1 
HETATM 1582 O O   . HOH B 2 .   ? -0.231  10.913  15.243  1.00 27.00 ? 515 HOH A O   1 
HETATM 1583 O O   . HOH B 2 .   ? 2.736   6.965   14.846  1.00 18.57 ? 516 HOH A O   1 
HETATM 1584 O O   . HOH B 2 .   ? -7.744  7.640   10.801  1.00 11.30 ? 517 HOH A O   1 
HETATM 1585 O O   . HOH B 2 .   ? -10.463 7.669   9.563   1.00 10.63 ? 518 HOH A O   1 
HETATM 1586 O O   . HOH B 2 .   ? -14.397 2.475   12.047  1.00 18.12 ? 519 HOH A O   1 
HETATM 1587 O O   . HOH B 2 .   ? -15.275 6.364   -5.754  1.00 37.67 ? 520 HOH A O   1 
HETATM 1588 O O   . HOH B 2 .   ? -10.232 15.945  4.239   1.00 13.01 ? 521 HOH A O   1 
HETATM 1589 O O   . HOH B 2 .   ? -3.748  10.160  -1.004  1.00 11.23 ? 522 HOH A O   1 
HETATM 1590 O O   . HOH B 2 .   ? -3.906  5.971   4.944   1.00 11.61 ? 523 HOH A O   1 
HETATM 1591 O O   . HOH B 2 .   ? 5.272   9.642   -1.369  1.00 13.86 ? 524 HOH A O   1 
HETATM 1592 O O   . HOH B 2 .   ? 8.917   7.093   -0.548  1.00 16.62 ? 525 HOH A O   1 
HETATM 1593 O O   . HOH B 2 .   ? 13.283  5.295   -1.450  1.00 14.82 ? 526 HOH A O   1 
HETATM 1594 O O   . HOH B 2 .   ? 3.991   0.129   -0.936  1.00 27.06 ? 527 HOH A O   1 
HETATM 1595 O O   . HOH B 2 .   ? -0.799  -9.238  -11.389 1.00 15.89 ? 528 HOH A O   1 
HETATM 1596 O O   . HOH B 2 .   ? -3.178  -0.517  0.752   1.00 21.23 ? 529 HOH A O   1 
HETATM 1597 O O   . HOH B 2 .   ? -9.276  -2.676  12.691  1.00 11.73 ? 530 HOH A O   1 
HETATM 1598 O O   . HOH B 2 .   ? -16.169 -1.068  10.972  1.00 20.25 ? 531 HOH A O   1 
HETATM 1599 O O   . HOH B 2 .   ? -5.427  8.328   17.464  1.00 33.52 ? 532 HOH A O   1 
HETATM 1600 O O   . HOH B 2 .   ? -16.941 11.475  8.200   1.00 13.55 ? 533 HOH A O   1 
HETATM 1601 O O   . HOH B 2 .   ? -16.878 2.599   2.953   1.00 42.89 ? 534 HOH A O   1 
HETATM 1602 O O   . HOH B 2 .   ? -17.114 5.273   3.795   1.00 17.25 ? 535 HOH A O   1 
HETATM 1603 O O   . HOH B 2 .   ? 0.099   8.410   8.950   1.00 18.13 ? 536 HOH A O   1 
HETATM 1604 O O   . HOH B 2 .   ? 15.133  5.577   0.644   1.00 32.26 ? 537 HOH A O   1 
HETATM 1605 O O   . HOH B 2 .   ? -12.363 -11.111 3.682   1.00 33.48 ? 538 HOH A O   1 
HETATM 1606 O O   . HOH B 2 .   ? 17.699  -4.434  -13.198 1.00 22.05 ? 539 HOH A O   1 
HETATM 1607 O O   . HOH B 2 .   ? -9.009  -0.764  -6.543  1.00 32.88 ? 540 HOH A O   1 
HETATM 1608 O O   . HOH B 2 .   ? -10.691 -10.814 -1.160  1.00 27.33 ? 541 HOH A O   1 
HETATM 1609 O O   . HOH B 2 .   ? -7.681  -13.675 -3.720  1.00 22.85 ? 542 HOH A O   1 
HETATM 1610 O O   . HOH B 2 .   ? -7.013  -2.748  -4.894  1.00 40.11 ? 543 HOH A O   1 
HETATM 1611 O O   . HOH B 2 .   ? 4.576   5.952   -9.922  1.00 15.33 ? 544 HOH A O   1 
HETATM 1612 O O   . HOH B 2 .   ? -4.621  6.813   -12.519 1.00 11.69 ? 545 HOH A O   1 
HETATM 1613 O O   . HOH B 2 .   ? -9.405  1.876   -6.946  1.00 10.80 ? 546 HOH A O   1 
HETATM 1614 O O   . HOH B 2 .   ? -7.148  10.957  -10.322 1.00 16.23 ? 547 HOH A O   1 
HETATM 1615 O O   . HOH B 2 .   ? -2.257  7.770   -11.334 1.00 11.98 ? 548 HOH A O   1 
HETATM 1616 O O   . HOH B 2 .   ? -3.315  0.315   -11.485 1.00 14.58 ? 549 HOH A O   1 
HETATM 1617 O O   . HOH B 2 .   ? 0.634   6.399   -18.331 1.00 18.94 ? 550 HOH A O   1 
HETATM 1618 O O   . HOH B 2 .   ? 1.691   14.389  -16.725 1.00 27.03 ? 551 HOH A O   1 
HETATM 1619 O O   . HOH B 2 .   ? 10.098  13.328  -11.209 1.00 20.57 ? 552 HOH A O   1 
HETATM 1620 O O   . HOH B 2 .   ? -17.662 9.931   13.059  1.00 38.80 ? 553 HOH A O   1 
HETATM 1621 O O   . HOH B 2 .   ? 13.712  7.501   -5.160  1.00 17.01 ? 554 HOH A O   1 
HETATM 1622 O O   . HOH B 2 .   ? 2.739   -10.885 -10.640 1.00 10.78 ? 555 HOH A O   1 
HETATM 1623 O O   . HOH B 2 .   ? 6.797   5.946   4.144   1.00 27.85 ? 556 HOH A O   1 
HETATM 1624 O O   . HOH B 2 .   ? 1.119   -6.206  12.975  1.00 7.82  ? 557 HOH A O   1 
HETATM 1625 O O   . HOH B 2 .   ? 2.378   -10.727 20.081  1.00 17.88 ? 558 HOH A O   1 
HETATM 1626 O O   . HOH B 2 .   ? 10.096  7.156   4.181   1.00 24.64 ? 559 HOH A O   1 
HETATM 1627 O O   . HOH B 2 .   ? 10.361  -12.123 14.498  1.00 27.56 ? 560 HOH A O   1 
HETATM 1628 O O   . HOH B 2 .   ? 3.016   -9.454  10.708  1.00 13.06 ? 561 HOH A O   1 
HETATM 1629 O O   . HOH B 2 .   ? 10.513  -9.086  10.828  1.00 13.27 ? 562 HOH A O   1 
HETATM 1630 O O   . HOH B 2 .   ? 6.712   -16.255 10.025  1.00 19.27 ? 563 HOH A O   1 
HETATM 1631 O O   . HOH B 2 .   ? 8.212   -16.514 -11.446 1.00 38.99 ? 564 HOH A O   1 
HETATM 1632 O O   . HOH B 2 .   ? 3.945   -2.942  -10.898 1.00 11.69 ? 565 HOH A O   1 
HETATM 1633 O O   . HOH B 2 .   ? 13.370  -1.210  -16.123 1.00 29.07 ? 566 HOH A O   1 
HETATM 1634 O O   . HOH B 2 .   ? 13.881  4.813   -4.389  1.00 24.78 ? 567 HOH A O   1 
HETATM 1635 O O   . HOH B 2 .   ? 10.778  19.442  -10.420 1.00 44.69 ? 568 HOH A O   1 
HETATM 1636 O O   . HOH B 2 .   ? 2.593   20.045  -3.524  1.00 22.08 ? 569 HOH A O   1 
HETATM 1637 O O   . HOH B 2 .   ? -1.031  16.732  -12.094 1.00 33.94 ? 570 HOH A O   1 
HETATM 1638 O O   . HOH B 2 .   ? -2.407  -8.286  -7.221  1.00 40.49 ? 571 HOH A O   1 
HETATM 1639 O O   . HOH B 2 .   ? 9.067   4.166   -19.806 1.00 48.19 ? 572 HOH A O   1 
HETATM 1640 O O   . HOH B 2 .   ? 1.852   2.322   -16.505 1.00 16.96 ? 573 HOH A O   1 
HETATM 1641 O O   . HOH B 2 .   ? -7.022  5.926   -18.488 1.00 32.10 ? 574 HOH A O   1 
HETATM 1642 O O   . HOH B 2 .   ? -5.537  9.013   -13.553 1.00 41.44 ? 575 HOH A O   1 
HETATM 1643 O O   . HOH B 2 .   ? 0.552   9.109   -18.054 1.00 13.76 ? 576 HOH A O   1 
HETATM 1644 O O   . HOH B 2 .   ? -6.569  19.581  -1.703  1.00 35.98 ? 577 HOH A O   1 
HETATM 1645 O O   . HOH B 2 .   ? -9.501  14.436  -12.557 1.00 32.48 ? 578 HOH A O   1 
HETATM 1646 O O   . HOH B 2 .   ? -1.883  -18.139 1.630   1.00 24.44 ? 579 HOH A O   1 
HETATM 1647 O O   . HOH B 2 .   ? -7.428  -6.380  -6.687  1.00 31.98 ? 580 HOH A O   1 
HETATM 1648 O O   . HOH B 2 .   ? 18.291  0.819   -6.102  1.00 35.00 ? 581 HOH A O   1 
HETATM 1649 O O   . HOH B 2 .   ? 10.926  -6.912  -10.585 1.00 14.14 ? 582 HOH A O   1 
HETATM 1650 O O   . HOH B 2 .   ? 7.799   -7.471  -13.921 1.00 26.78 ? 583 HOH A O   1 
HETATM 1651 O O   . HOH B 2 .   ? 13.967  -11.180 -14.373 1.00 21.56 ? 584 HOH A O   1 
HETATM 1652 O O   . HOH B 2 .   ? 7.061   -16.407 -7.400  1.00 18.11 ? 585 HOH A O   1 
HETATM 1653 O O   . HOH B 2 .   ? 15.275  -13.196 -0.075  1.00 40.93 ? 586 HOH A O   1 
HETATM 1654 O O   . HOH B 2 .   ? -1.945  -14.020 9.473   1.00 22.31 ? 587 HOH A O   1 
HETATM 1655 O O   . HOH B 2 .   ? -12.100 -7.806  15.572  1.00 54.29 ? 588 HOH A O   1 
HETATM 1656 O O   . HOH B 2 .   ? -12.688 -11.020 8.061   1.00 33.36 ? 589 HOH A O   1 
HETATM 1657 O O   . HOH B 2 .   ? -8.898  -14.125 -0.630  1.00 42.06 ? 590 HOH A O   1 
HETATM 1658 O O   . HOH B 2 .   ? 22.503  0.225   -0.955  1.00 22.40 ? 591 HOH A O   1 
HETATM 1659 O O   . HOH B 2 .   ? 13.922  3.659   7.319   1.00 24.75 ? 592 HOH A O   1 
HETATM 1660 O O   . HOH B 2 .   ? 8.379   8.189   2.190   1.00 33.00 ? 593 HOH A O   1 
HETATM 1661 O O   . HOH B 2 .   ? 2.861   13.258  4.390   1.00 22.36 ? 594 HOH A O   1 
HETATM 1662 O O   . HOH B 2 .   ? -18.439 0.852   -0.218  1.00 20.88 ? 595 HOH A O   1 
HETATM 1663 O O   . HOH B 2 .   ? 0.275   11.492  7.677   1.00 30.13 ? 596 HOH A O   1 
HETATM 1664 O O   . HOH B 2 .   ? 0.850   11.559  4.919   1.00 17.31 ? 597 HOH A O   1 
HETATM 1665 O O   . HOH B 2 .   ? -2.987  -9.563  -9.825  1.00 22.66 ? 598 HOH A O   1 
HETATM 1666 O O   . HOH B 2 .   ? 0.654   -11.353 -12.605 1.00 25.86 ? 599 HOH A O   1 
HETATM 1667 O O   . HOH B 2 .   ? -14.999 -5.666  5.164   1.00 48.27 ? 600 HOH A O   1 
HETATM 1668 O O   . HOH B 2 .   ? -9.381  4.302   19.182  1.00 53.10 ? 601 HOH A O   1 
HETATM 1669 O O   . HOH B 2 .   ? -8.122  14.268  13.756  1.00 25.40 ? 602 HOH A O   1 
HETATM 1670 O O   . HOH B 2 .   ? -15.962 14.689  -2.083  1.00 32.88 ? 603 HOH A O   1 
HETATM 1671 O O   . HOH B 2 .   ? -16.675 16.016  -0.068  1.00 44.63 ? 604 HOH A O   1 
HETATM 1672 O O   . HOH B 2 .   ? -15.566 15.408  3.688   1.00 22.42 ? 605 HOH A O   1 
HETATM 1673 O O   . HOH B 2 .   ? -11.899 16.821  2.379   1.00 31.95 ? 606 HOH A O   1 
HETATM 1674 O O   . HOH B 2 .   ? 14.646  1.039   8.746   1.00 42.73 ? 607 HOH A O   1 
HETATM 1675 O O   . HOH B 2 .   ? 16.522  4.280   -4.793  1.00 24.29 ? 608 HOH A O   1 
HETATM 1676 O O   . HOH B 2 .   ? 19.023  -9.974  -3.743  1.00 36.22 ? 609 HOH A O   1 
HETATM 1677 O O   . HOH B 2 .   ? -1.268  -14.013 6.884   1.00 20.38 ? 610 HOH A O   1 
HETATM 1678 O O   . HOH B 2 .   ? 17.969  2.356   -3.594  1.00 17.19 ? 611 HOH A O   1 
HETATM 1679 O O   . HOH B 2 .   ? -15.968 3.785   -15.830 1.00 43.19 ? 612 HOH A O   1 
HETATM 1680 O O   . HOH B 2 .   ? 1.134   -8.227  21.678  1.00 33.58 ? 613 HOH A O   1 
HETATM 1681 O O   . HOH B 2 .   ? 1.199   -5.564  -18.111 1.00 17.74 ? 614 HOH A O   1 
HETATM 1682 O O   . HOH B 2 .   ? 7.139   -9.070  20.925  1.00 58.87 ? 615 HOH A O   1 
HETATM 1683 O O   . HOH B 2 .   ? -4.747  -1.517  -10.064 1.00 32.04 ? 616 HOH A O   1 
HETATM 1684 O O   . HOH B 2 .   ? -10.802 17.429  6.389   1.00 33.54 ? 617 HOH A O   1 
HETATM 1685 O O   . HOH B 2 .   ? 11.540  7.574   -1.620  1.00 19.95 ? 618 HOH A O   1 
HETATM 1686 O O   . HOH B 2 .   ? 22.473  -3.206  -1.082  1.00 22.05 ? 619 HOH A O   1 
HETATM 1687 O O   . HOH B 2 .   ? 16.310  -2.607  8.199   1.00 50.37 ? 620 HOH A O   1 
HETATM 1688 O O   . HOH B 2 .   ? -5.960  -22.330 -0.380  1.00 44.67 ? 621 HOH A O   1 
HETATM 1689 O O   . HOH B 2 .   ? -3.491  -16.021 11.314  1.00 45.78 ? 622 HOH A O   1 
HETATM 1690 O O   . HOH B 2 .   ? 11.007  -15.235 -14.698 1.00 54.69 ? 623 HOH A O   1 
HETATM 1691 O O   . HOH B 2 .   ? 11.245  -12.055 -15.599 1.00 27.71 ? 624 HOH A O   1 
HETATM 1692 O O   . HOH B 2 .   ? 18.849  -1.033  -7.999  1.00 23.81 ? 625 HOH A O   1 
HETATM 1693 O O   . HOH B 2 .   ? -7.790  -1.785  -2.307  1.00 45.05 ? 626 HOH A O   1 
HETATM 1694 O O   . HOH B 2 .   ? -9.145  -1.110  -9.243  1.00 23.14 ? 627 HOH A O   1 
HETATM 1695 O O   . HOH B 2 .   ? -2.002  18.636  -7.971  1.00 45.03 ? 628 HOH A O   1 
HETATM 1696 O O   . HOH B 2 .   ? 3.099   14.882  -14.497 1.00 24.01 ? 629 HOH A O   1 
HETATM 1697 O O   . HOH B 2 .   ? 17.413  3.070   -7.385  1.00 25.23 ? 630 HOH A O   1 
HETATM 1698 O O   . HOH B 2 .   ? 1.148   -9.186  -15.391 1.00 39.43 ? 631 HOH A O   1 
HETATM 1699 O O   . HOH B 2 .   ? 8.925   -12.179 -16.730 1.00 55.77 ? 632 HOH A O   1 
HETATM 1700 O O   . HOH B 2 .   ? -15.812 11.330  -2.837  1.00 31.95 ? 633 HOH A O   1 
HETATM 1701 O O   . HOH B 2 .   ? -18.787 10.271  10.635  1.00 50.19 ? 634 HOH A O   1 
HETATM 1702 O O   . HOH B 2 .   ? 20.744  -0.700  4.953   1.00 28.77 ? 635 HOH A O   1 
HETATM 1703 O O   . HOH B 2 .   ? 18.250  5.323   -0.187  1.00 33.10 ? 636 HOH A O   1 
HETATM 1704 O O   . HOH B 2 .   ? -14.048 10.750  -8.782  1.00 32.17 ? 637 HOH A O   1 
HETATM 1705 O O   . HOH B 2 .   ? -3.162  10.957  -17.872 1.00 28.99 ? 638 HOH A O   1 
HETATM 1706 O O   . HOH B 2 .   ? 23.063  -4.445  1.773   1.00 51.89 ? 639 HOH A O   1 
HETATM 1707 O O   . HOH B 2 .   ? 4.397   1.788   -16.964 1.00 32.43 ? 640 HOH A O   1 
HETATM 1708 O O   . HOH B 2 .   ? 13.732  16.427  -12.342 1.00 43.22 ? 641 HOH A O   1 
HETATM 1709 O O   . HOH B 2 .   ? 8.583   -11.811 19.107  1.00 31.10 ? 642 HOH A O   1 
HETATM 1710 O O   . HOH B 2 .   ? -4.279  -11.029 17.062  1.00 37.22 ? 643 HOH A O   1 
HETATM 1711 O O   . HOH B 2 .   ? 5.421   -5.274  15.672  1.00 23.03 ? 644 HOH A O   1 
HETATM 1712 O O   . HOH B 2 .   ? 7.715   4.248   17.482  1.00 42.68 ? 645 HOH A O   1 
HETATM 1713 O O   . HOH B 2 .   ? 4.372   -16.152 -8.102  1.00 24.51 ? 646 HOH A O   1 
HETATM 1714 O O   . HOH B 2 .   ? 12.729  10.614  -4.316  1.00 35.83 ? 647 HOH A O   1 
HETATM 1715 O O   . HOH B 2 .   ? -3.889  17.707  -9.603  1.00 42.11 ? 648 HOH A O   1 
HETATM 1716 O O   . HOH B 2 .   ? -1.652  16.347  -9.112  1.00 30.01 ? 649 HOH A O   1 
HETATM 1717 O O   . HOH B 2 .   ? -5.618  20.326  -9.837  1.00 38.54 ? 650 HOH A O   1 
HETATM 1718 O O   . HOH B 2 .   ? -12.403 13.875  10.771  1.00 30.90 ? 651 HOH A O   1 
HETATM 1719 O O   . HOH B 2 .   ? -8.565  18.908  -11.567 1.00 45.87 ? 652 HOH A O   1 
HETATM 1720 O O   . HOH B 2 .   ? -8.170  -6.104  18.654  1.00 50.51 ? 653 HOH A O   1 
HETATM 1721 O O   . HOH B 2 .   ? 14.097  -1.819  10.406  1.00 43.32 ? 654 HOH A O   1 
HETATM 1722 O O   . HOH B 2 .   ? -16.807 1.419   10.258  1.00 35.84 ? 655 HOH A O   1 
HETATM 1723 O O   . HOH B 2 .   ? 3.203   -17.112 5.696   1.00 26.91 ? 656 HOH A O   1 
HETATM 1724 O O   . HOH B 2 .   ? -9.603  1.349   -2.411  1.00 26.19 ? 657 HOH A O   1 
HETATM 1725 O O   . HOH B 2 .   ? -14.735 1.731   -2.058  1.00 49.77 ? 658 HOH A O   1 
HETATM 1726 O O   . HOH B 2 .   ? -14.771 2.592   1.179   1.00 44.13 ? 659 HOH A O   1 
HETATM 1727 O O   . HOH B 2 .   ? 0.748   13.043  13.688  1.00 36.21 ? 660 HOH A O   1 
HETATM 1728 O O   . HOH B 2 .   ? -2.836  15.112  13.071  1.00 35.94 ? 661 HOH A O   1 
HETATM 1729 O O   . HOH B 2 .   ? -12.096 -13.486 14.492  1.00 48.41 ? 662 HOH A O   1 
HETATM 1730 O O   . HOH B 2 .   ? -11.051 15.684  9.015   1.00 40.72 ? 663 HOH A O   1 
HETATM 1731 O O   . HOH B 2 .   ? 16.704  4.703   3.912   1.00 30.85 ? 664 HOH A O   1 
HETATM 1732 O O   . HOH B 2 .   ? 23.608  1.452   1.615   1.00 47.44 ? 665 HOH A O   1 
HETATM 1733 O O   . HOH B 2 .   ? 11.838  5.303   8.526   1.00 22.96 ? 666 HOH A O   1 
HETATM 1734 O O   . HOH B 2 .   ? 11.486  -2.803  14.431  1.00 23.13 ? 667 HOH A O   1 
HETATM 1735 O O   . HOH B 2 .   ? 8.604   -5.061  -15.615 1.00 18.45 ? 668 HOH A O   1 
HETATM 1736 O O   . HOH B 2 .   ? 13.201  13.387  -13.595 1.00 27.63 ? 669 HOH A O   1 
HETATM 1737 O O   . HOH B 2 .   ? 7.394   -9.929  -14.351 1.00 45.52 ? 670 HOH A O   1 
HETATM 1738 O O   . HOH B 2 .   ? 0.478   -16.277 5.965   1.00 36.23 ? 671 HOH A O   1 
HETATM 1739 O O   . HOH B 2 .   ? -6.318  -13.576 12.928  1.00 32.33 ? 672 HOH A O   1 
HETATM 1740 O O   . HOH B 2 .   ? 5.095   12.026  2.423   1.00 30.10 ? 673 HOH A O   1 
HETATM 1741 O O   . HOH B 2 .   ? 2.376   17.472  5.081   1.00 43.46 ? 674 HOH A O   1 
HETATM 1742 O O   . HOH B 2 .   ? -9.616  -0.895  17.325  1.00 34.87 ? 675 HOH A O   1 
HETATM 1743 O O   . HOH B 2 .   ? -10.217 -2.863  15.699  1.00 30.88 ? 676 HOH A O   1 
HETATM 1744 O O   . HOH B 2 .   ? -1.091  -17.164 -6.075  1.00 40.28 ? 677 HOH A O   1 
HETATM 1745 O O   . HOH B 2 .   ? 8.512   23.306  -3.759  1.00 50.73 ? 678 HOH A O   1 
HETATM 1746 O O   . HOH B 2 .   ? -19.454 6.521   9.577   1.00 49.73 ? 679 HOH A O   1 
HETATM 1747 O O   . HOH B 2 .   ? -16.170 3.326   -9.773  1.00 40.24 ? 680 HOH A O   1 
HETATM 1748 O O   . HOH B 2 .   ? -8.184  -5.759  21.350  1.00 48.21 ? 681 HOH A O   1 
HETATM 1749 O O   . HOH B 2 .   ? -3.518  4.153   14.196  1.00 29.32 ? 682 HOH A O   1 
HETATM 1750 O O   . HOH B 2 .   ? 5.689   -7.312  18.503  1.00 45.65 ? 683 HOH A O   1 
HETATM 1751 O O   . HOH B 2 .   ? 4.905   -10.102 -14.669 1.00 45.39 ? 684 HOH A O   1 
HETATM 1752 O O   . HOH B 2 .   ? -1.089  17.194  11.822  1.00 41.20 ? 685 HOH A O   1 
HETATM 1753 O O   . HOH B 2 .   ? 3.730   15.606  4.154   1.00 42.67 ? 686 HOH A O   1 
HETATM 1754 O O   . HOH B 2 .   ? 14.137  14.956  -9.858  1.00 43.60 ? 687 HOH A O   1 
HETATM 1755 O O   . HOH B 2 .   ? -11.838 1.130   3.144   1.00 55.60 ? 688 HOH A O   1 
HETATM 1756 O O   . HOH B 2 .   ? -14.132 -8.042  10.091  1.00 48.19 ? 689 HOH A O   1 
HETATM 1757 O O   . HOH B 2 .   ? 0.349   9.768   18.353  1.00 53.25 ? 690 HOH A O   1 
HETATM 1758 O O   . HOH B 2 .   ? -17.176 3.515   17.472  1.00 50.79 ? 691 HOH A O   1 
HETATM 1759 O O   . HOH B 2 .   ? 7.173   -21.302 -3.196  1.00 34.19 ? 692 HOH A O   1 
HETATM 1760 O O   . HOH B 2 .   ? 3.000   -15.416 -10.153 1.00 43.61 ? 693 HOH A O   1 
HETATM 1761 O O   . HOH B 2 .   ? -1.045  -4.910  19.134  1.00 27.38 ? 694 HOH A O   1 
HETATM 1762 O O   . HOH B 2 .   ? -7.032  20.385  0.831   1.00 42.29 ? 695 HOH A O   1 
HETATM 1763 O O   . HOH B 2 .   ? -8.175  8.265   18.163  1.00 52.52 ? 696 HOH A O   1 
HETATM 1764 O O   . HOH B 2 .   ? -11.904 7.244   16.329  1.00 22.99 ? 697 HOH A O   1 
HETATM 1765 O O   . HOH B 2 .   ? 6.579   -14.993 -13.062 1.00 37.77 ? 698 HOH A O   1 
HETATM 1766 O O   . HOH B 2 .   ? -8.616  -20.671 -4.039  1.00 44.93 ? 699 HOH A O   1 
HETATM 1767 O O   . HOH B 2 .   ? -0.506  -20.086 -0.066  1.00 44.96 ? 700 HOH A O   1 
HETATM 1768 O O   . HOH B 2 .   ? -13.589 6.745   -10.000 1.00 37.09 ? 701 HOH A O   1 
HETATM 1769 O O   . HOH B 2 .   ? -13.488 17.606  -3.329  1.00 47.06 ? 702 HOH A O   1 
HETATM 1770 O O   . HOH B 2 .   ? -6.773  13.051  -13.004 1.00 24.67 ? 703 HOH A O   1 
HETATM 1771 O O   . HOH B 2 .   ? -8.323  9.597   -13.566 1.00 54.45 ? 704 HOH A O   1 
HETATM 1772 O O   . HOH B 2 .   ? 7.145   21.009  -4.164  1.00 56.36 ? 705 HOH A O   1 
HETATM 1773 O O   . HOH B 2 .   ? 4.874   19.132  -6.456  1.00 41.12 ? 706 HOH A O   1 
HETATM 1774 O O   . HOH B 2 .   ? 10.413  0.842   -17.890 1.00 47.34 ? 707 HOH A O   1 
# 
